data_4PAC
# 
_entry.id   4PAC 
# 
_audit_conform.dict_name       mmcif_pdbx.dic 
_audit_conform.dict_version    5.391 
_audit_conform.dict_location   http://mmcif.pdb.org/dictionaries/ascii/mmcif_pdbx.dic 
# 
loop_
_database_2.database_id 
_database_2.database_code 
_database_2.pdbx_database_accession 
_database_2.pdbx_DOI 
PDB   4PAC         pdb_00004pac 10.2210/pdb4pac/pdb 
WWPDB D_1000201020 ?            ?                   
# 
loop_
_pdbx_audit_revision_history.ordinal 
_pdbx_audit_revision_history.data_content_type 
_pdbx_audit_revision_history.major_revision 
_pdbx_audit_revision_history.minor_revision 
_pdbx_audit_revision_history.revision_date 
1 'Structure model' 1 0 2015-05-20 
2 'Structure model' 2 0 2017-09-06 
3 'Structure model' 2 1 2024-05-08 
# 
_pdbx_audit_revision_details.ordinal             1 
_pdbx_audit_revision_details.revision_ordinal    1 
_pdbx_audit_revision_details.data_content_type   'Structure model' 
_pdbx_audit_revision_details.provider            repository 
_pdbx_audit_revision_details.type                'Initial release' 
_pdbx_audit_revision_details.description         ? 
_pdbx_audit_revision_details.details             ? 
# 
loop_
_pdbx_audit_revision_group.ordinal 
_pdbx_audit_revision_group.revision_ordinal 
_pdbx_audit_revision_group.data_content_type 
_pdbx_audit_revision_group.group 
1 2 'Structure model' 'Atomic model'               
2 2 'Structure model' 'Author supporting evidence' 
3 3 'Structure model' 'Data collection'            
4 3 'Structure model' 'Database references'        
# 
loop_
_pdbx_audit_revision_category.ordinal 
_pdbx_audit_revision_category.revision_ordinal 
_pdbx_audit_revision_category.data_content_type 
_pdbx_audit_revision_category.category 
1 2 'Structure model' atom_site          
2 2 'Structure model' pdbx_audit_support 
3 3 'Structure model' chem_comp_atom     
4 3 'Structure model' chem_comp_bond     
5 3 'Structure model' database_2         
# 
loop_
_pdbx_audit_revision_item.ordinal 
_pdbx_audit_revision_item.revision_ordinal 
_pdbx_audit_revision_item.data_content_type 
_pdbx_audit_revision_item.item 
1 2 'Structure model' '_atom_site.B_iso_or_equiv'                
2 2 'Structure model' '_atom_site.Cartn_x'                       
3 2 'Structure model' '_atom_site.Cartn_y'                       
4 2 'Structure model' '_atom_site.Cartn_z'                       
5 2 'Structure model' '_pdbx_audit_support.funding_organization' 
6 3 'Structure model' '_database_2.pdbx_DOI'                     
7 3 'Structure model' '_database_2.pdbx_database_accession'      
# 
_pdbx_database_status.status_code                     REL 
_pdbx_database_status.status_code_sf                  REL 
_pdbx_database_status.status_code_mr                  . 
_pdbx_database_status.entry_id                        4PAC 
_pdbx_database_status.recvd_initial_deposition_date   2014-04-08 
_pdbx_database_status.SG_entry                        N 
_pdbx_database_status.deposit_site                    RCSB 
_pdbx_database_status.process_site                    PDBE 
_pdbx_database_status.status_code_cs                  . 
_pdbx_database_status.methods_development_category    . 
_pdbx_database_status.pdb_format_compatible           Y 
_pdbx_database_status.status_code_nmr_data            ? 
# 
loop_
_pdbx_database_related.db_name 
_pdbx_database_related.details 
_pdbx_database_related.db_id 
_pdbx_database_related.content_type 
PDB 
;Crystal structure of histidine-containing phosphotransfer protein AHP1 in complex with  histidine kinase AHK5 from Arabidopsis thaliana
;
4EUK unspecified 
PDB 'Crystal Structure of Histidine-containing Phosphotransfer Protein MtHPt1 from Medicago truncatula' 3US6 unspecified 
PDB 'Subatomic Resolution Crystal Structure of Histidine-containing Phosphotransfer Protein MtHPt2 from Medicago truncatula' 4G78 
unspecified 
PDB 'Crystal Structure of Histidine-containing Phosphotransfer Protein, ZmHP2, from maize' 1WN0 unspecified 
PDB 'X-RAY STRUCTURE OF PUTATIVE HISTIDINE-CONTAINING PHOSPHOTRANSFER PROTEIN FROM RICE, AK104879' 1YVI unspecified 
PDB 'ENSEMBLE REFINEMENT OF THE CRYSTAL STRUCTURE OF PUTATIVE HISTIDINE-CONTAINING PHOSPHOTRANSFER PROTEIN FROM RICE, AK104879' 
2Q4F unspecified 
# 
loop_
_audit_author.name 
_audit_author.pdbx_ordinal 
'Degtjarik, O.'      1 
'Dopitova, R.'       2 
'Puehringer, S.'     3 
'Weiss, M.S.'        4 
'Janda, L.'          5 
'Hejatko, J.'        6 
'Kuta-Smatanova, I.' 7 
# 
_citation.abstract                  . 
_citation.abstract_id_CAS           . 
_citation.book_id_ISBN              . 
_citation.book_publisher            . 
_citation.book_publisher_city       . 
_citation.book_title                . 
_citation.coordinate_linkage        . 
_citation.country                   ? 
_citation.database_id_Medline       . 
_citation.details                   . 
_citation.id                        primary 
_citation.journal_abbrev            'To Be Published' 
_citation.journal_id_ASTM           ? 
_citation.journal_id_CSD            0353 
_citation.journal_id_ISSN           ? 
_citation.journal_full              . 
_citation.journal_issue             . 
_citation.journal_volume            . 
_citation.language                  . 
_citation.page_first                . 
_citation.page_last                 . 
_citation.title                     'Crystal structure of AHP2 from Arabidopsis thaliana' 
_citation.year                      . 
_citation.database_id_CSD           . 
_citation.pdbx_database_id_DOI      . 
_citation.pdbx_database_id_PubMed   . 
_citation.unpublished_flag          . 
# 
loop_
_citation_author.citation_id 
_citation_author.name 
_citation_author.ordinal 
_citation_author.identifier_ORCID 
primary 'Degtjarik, O.'      1  ? 
primary 'Dopitova, R.'       2  ? 
primary 'Puehringer, S.'     3  ? 
primary 'Reha, D.'           4  ? 
primary 'Otrusinova, O.'     5  ? 
primary 'Pekarova, B.'       6  ? 
primary 'Kuty, M.'           7  ? 
primary 'Zidek, L.'          8  ? 
primary 'Janda, L.'          9  ? 
primary 'Weiss, M.S.'        10 ? 
primary 'Kuta-Smatanova, I.' 11 ? 
primary 'Hejatko, H.'        12 ? 
# 
loop_
_entity.id 
_entity.type 
_entity.src_method 
_entity.pdbx_description 
_entity.formula_weight 
_entity.pdbx_number_of_molecules 
_entity.pdbx_ec 
_entity.pdbx_mutation 
_entity.pdbx_fragment 
_entity.details 
1 polymer     man 'Histidine-containing phosphotransfer protein 2' 22369.232 1  ? ? ? ? 
2 non-polymer syn '2-(N-MORPHOLINO)-ETHANESULFONIC ACID'           195.237   1  ? ? ? ? 
3 non-polymer syn IMIDAZOLE                                        69.085    1  ? ? ? ? 
4 water       nat water                                            18.015    18 ? ? ? ? 
# 
_entity_poly.entity_id                      1 
_entity_poly.type                           'polypeptide(L)' 
_entity_poly.nstd_linkage                   no 
_entity_poly.nstd_monomer                   no 
_entity_poly.pdbx_seq_one_letter_code       
;MRGSHHHHHHGMASMTGGQQMGRDLYDDDDKDPSSRSAAGTMEFMDALIAQLQRQFRDYTISLYQQGFLDDQFTELKKLQ
DDGSPDFVSEVLSLFFEDCVKLISNMARALDTTGTVDFSQVGASVHQLKGSSSSVGAKRVKTLCVSFKECCEAKNYEGCV
RCLQQVDIEYKALKTKLQDMFNLEKQIIQAGGIVPQVDIN
;
_entity_poly.pdbx_seq_one_letter_code_can   
;MRGSHHHHHHGMASMTGGQQMGRDLYDDDDKDPSSRSAAGTMEFMDALIAQLQRQFRDYTISLYQQGFLDDQFTELKKLQ
DDGSPDFVSEVLSLFFEDCVKLISNMARALDTTGTVDFSQVGASVHQLKGSSSSVGAKRVKTLCVSFKECCEAKNYEGCV
RCLQQVDIEYKALKTKLQDMFNLEKQIIQAGGIVPQVDIN
;
_entity_poly.pdbx_strand_id                 A 
_entity_poly.pdbx_target_identifier         ? 
# 
loop_
_pdbx_entity_nonpoly.entity_id 
_pdbx_entity_nonpoly.name 
_pdbx_entity_nonpoly.comp_id 
2 '2-(N-MORPHOLINO)-ETHANESULFONIC ACID' MES 
3 IMIDAZOLE                              IMD 
4 water                                  HOH 
# 
loop_
_entity_poly_seq.entity_id 
_entity_poly_seq.num 
_entity_poly_seq.mon_id 
_entity_poly_seq.hetero 
1 1   MET n 
1 2   ARG n 
1 3   GLY n 
1 4   SER n 
1 5   HIS n 
1 6   HIS n 
1 7   HIS n 
1 8   HIS n 
1 9   HIS n 
1 10  HIS n 
1 11  GLY n 
1 12  MET n 
1 13  ALA n 
1 14  SER n 
1 15  MET n 
1 16  THR n 
1 17  GLY n 
1 18  GLY n 
1 19  GLN n 
1 20  GLN n 
1 21  MET n 
1 22  GLY n 
1 23  ARG n 
1 24  ASP n 
1 25  LEU n 
1 26  TYR n 
1 27  ASP n 
1 28  ASP n 
1 29  ASP n 
1 30  ASP n 
1 31  LYS n 
1 32  ASP n 
1 33  PRO n 
1 34  SER n 
1 35  SER n 
1 36  ARG n 
1 37  SER n 
1 38  ALA n 
1 39  ALA n 
1 40  GLY n 
1 41  THR n 
1 42  MET n 
1 43  GLU n 
1 44  PHE n 
1 45  MET n 
1 46  ASP n 
1 47  ALA n 
1 48  LEU n 
1 49  ILE n 
1 50  ALA n 
1 51  GLN n 
1 52  LEU n 
1 53  GLN n 
1 54  ARG n 
1 55  GLN n 
1 56  PHE n 
1 57  ARG n 
1 58  ASP n 
1 59  TYR n 
1 60  THR n 
1 61  ILE n 
1 62  SER n 
1 63  LEU n 
1 64  TYR n 
1 65  GLN n 
1 66  GLN n 
1 67  GLY n 
1 68  PHE n 
1 69  LEU n 
1 70  ASP n 
1 71  ASP n 
1 72  GLN n 
1 73  PHE n 
1 74  THR n 
1 75  GLU n 
1 76  LEU n 
1 77  LYS n 
1 78  LYS n 
1 79  LEU n 
1 80  GLN n 
1 81  ASP n 
1 82  ASP n 
1 83  GLY n 
1 84  SER n 
1 85  PRO n 
1 86  ASP n 
1 87  PHE n 
1 88  VAL n 
1 89  SER n 
1 90  GLU n 
1 91  VAL n 
1 92  LEU n 
1 93  SER n 
1 94  LEU n 
1 95  PHE n 
1 96  PHE n 
1 97  GLU n 
1 98  ASP n 
1 99  CYS n 
1 100 VAL n 
1 101 LYS n 
1 102 LEU n 
1 103 ILE n 
1 104 SER n 
1 105 ASN n 
1 106 MET n 
1 107 ALA n 
1 108 ARG n 
1 109 ALA n 
1 110 LEU n 
1 111 ASP n 
1 112 THR n 
1 113 THR n 
1 114 GLY n 
1 115 THR n 
1 116 VAL n 
1 117 ASP n 
1 118 PHE n 
1 119 SER n 
1 120 GLN n 
1 121 VAL n 
1 122 GLY n 
1 123 ALA n 
1 124 SER n 
1 125 VAL n 
1 126 HIS n 
1 127 GLN n 
1 128 LEU n 
1 129 LYS n 
1 130 GLY n 
1 131 SER n 
1 132 SER n 
1 133 SER n 
1 134 SER n 
1 135 VAL n 
1 136 GLY n 
1 137 ALA n 
1 138 LYS n 
1 139 ARG n 
1 140 VAL n 
1 141 LYS n 
1 142 THR n 
1 143 LEU n 
1 144 CYS n 
1 145 VAL n 
1 146 SER n 
1 147 PHE n 
1 148 LYS n 
1 149 GLU n 
1 150 CYS n 
1 151 CYS n 
1 152 GLU n 
1 153 ALA n 
1 154 LYS n 
1 155 ASN n 
1 156 TYR n 
1 157 GLU n 
1 158 GLY n 
1 159 CYS n 
1 160 VAL n 
1 161 ARG n 
1 162 CYS n 
1 163 LEU n 
1 164 GLN n 
1 165 GLN n 
1 166 VAL n 
1 167 ASP n 
1 168 ILE n 
1 169 GLU n 
1 170 TYR n 
1 171 LYS n 
1 172 ALA n 
1 173 LEU n 
1 174 LYS n 
1 175 THR n 
1 176 LYS n 
1 177 LEU n 
1 178 GLN n 
1 179 ASP n 
1 180 MET n 
1 181 PHE n 
1 182 ASN n 
1 183 LEU n 
1 184 GLU n 
1 185 LYS n 
1 186 GLN n 
1 187 ILE n 
1 188 ILE n 
1 189 GLN n 
1 190 ALA n 
1 191 GLY n 
1 192 GLY n 
1 193 ILE n 
1 194 VAL n 
1 195 PRO n 
1 196 GLN n 
1 197 VAL n 
1 198 ASP n 
1 199 ILE n 
1 200 ASN n 
# 
_entity_src_gen.entity_id                          1 
_entity_src_gen.pdbx_src_id                        1 
_entity_src_gen.pdbx_alt_source_flag               sample 
_entity_src_gen.pdbx_seq_type                      'Biological sequence' 
_entity_src_gen.pdbx_beg_seq_num                   1 
_entity_src_gen.pdbx_end_seq_num                   200 
_entity_src_gen.gene_src_common_name               'Mouse-ear cress' 
_entity_src_gen.gene_src_genus                     ? 
_entity_src_gen.pdbx_gene_src_gene                 'AHP2, ATHP1, At3g29350, MUO10.6' 
_entity_src_gen.gene_src_species                   ? 
_entity_src_gen.gene_src_strain                    ? 
_entity_src_gen.gene_src_tissue                    ? 
_entity_src_gen.gene_src_tissue_fraction           ? 
_entity_src_gen.gene_src_details                   ? 
_entity_src_gen.pdbx_gene_src_fragment             ? 
_entity_src_gen.pdbx_gene_src_scientific_name      'Arabidopsis thaliana' 
_entity_src_gen.pdbx_gene_src_ncbi_taxonomy_id     3702 
_entity_src_gen.pdbx_gene_src_variant              ? 
_entity_src_gen.pdbx_gene_src_cell_line            ? 
_entity_src_gen.pdbx_gene_src_atcc                 ? 
_entity_src_gen.pdbx_gene_src_organ                ? 
_entity_src_gen.pdbx_gene_src_organelle            ? 
_entity_src_gen.pdbx_gene_src_cell                 ? 
_entity_src_gen.pdbx_gene_src_cellular_location    ? 
_entity_src_gen.host_org_common_name               ? 
_entity_src_gen.pdbx_host_org_scientific_name      'Escherichia coli' 
_entity_src_gen.pdbx_host_org_ncbi_taxonomy_id     469008 
_entity_src_gen.host_org_genus                     ? 
_entity_src_gen.pdbx_host_org_gene                 ? 
_entity_src_gen.pdbx_host_org_organ                ? 
_entity_src_gen.host_org_species                   ? 
_entity_src_gen.pdbx_host_org_tissue               ? 
_entity_src_gen.pdbx_host_org_tissue_fraction      ? 
_entity_src_gen.pdbx_host_org_strain               'BL21(DE3)' 
_entity_src_gen.pdbx_host_org_variant              pLysS 
_entity_src_gen.pdbx_host_org_cell_line            ? 
_entity_src_gen.pdbx_host_org_atcc                 ? 
_entity_src_gen.pdbx_host_org_culture_collection   ? 
_entity_src_gen.pdbx_host_org_cell                 ? 
_entity_src_gen.pdbx_host_org_organelle            ? 
_entity_src_gen.pdbx_host_org_cellular_location    ? 
_entity_src_gen.pdbx_host_org_vector_type          plasmid 
_entity_src_gen.pdbx_host_org_vector               ? 
_entity_src_gen.host_org_details                   ? 
_entity_src_gen.expression_system_id               ? 
_entity_src_gen.plasmid_name                       'pRSET B' 
_entity_src_gen.plasmid_details                    ? 
_entity_src_gen.pdbx_description                   ? 
# 
loop_
_chem_comp.id 
_chem_comp.type 
_chem_comp.mon_nstd_flag 
_chem_comp.name 
_chem_comp.pdbx_synonyms 
_chem_comp.formula 
_chem_comp.formula_weight 
ALA 'L-peptide linking' y ALANINE                                ? 'C3 H7 N O2'     89.093  
ARG 'L-peptide linking' y ARGININE                               ? 'C6 H15 N4 O2 1' 175.209 
ASN 'L-peptide linking' y ASPARAGINE                             ? 'C4 H8 N2 O3'    132.118 
ASP 'L-peptide linking' y 'ASPARTIC ACID'                        ? 'C4 H7 N O4'     133.103 
CYS 'L-peptide linking' y CYSTEINE                               ? 'C3 H7 N O2 S'   121.158 
GLN 'L-peptide linking' y GLUTAMINE                              ? 'C5 H10 N2 O3'   146.144 
GLU 'L-peptide linking' y 'GLUTAMIC ACID'                        ? 'C5 H9 N O4'     147.129 
GLY 'peptide linking'   y GLYCINE                                ? 'C2 H5 N O2'     75.067  
HIS 'L-peptide linking' y HISTIDINE                              ? 'C6 H10 N3 O2 1' 156.162 
HOH non-polymer         . WATER                                  ? 'H2 O'           18.015  
ILE 'L-peptide linking' y ISOLEUCINE                             ? 'C6 H13 N O2'    131.173 
IMD non-polymer         . IMIDAZOLE                              ? 'C3 H5 N2 1'     69.085  
LEU 'L-peptide linking' y LEUCINE                                ? 'C6 H13 N O2'    131.173 
LYS 'L-peptide linking' y LYSINE                                 ? 'C6 H15 N2 O2 1' 147.195 
MES non-polymer         . '2-(N-MORPHOLINO)-ETHANESULFONIC ACID' ? 'C6 H13 N O4 S'  195.237 
MET 'L-peptide linking' y METHIONINE                             ? 'C5 H11 N O2 S'  149.211 
PHE 'L-peptide linking' y PHENYLALANINE                          ? 'C9 H11 N O2'    165.189 
PRO 'L-peptide linking' y PROLINE                                ? 'C5 H9 N O2'     115.130 
SER 'L-peptide linking' y SERINE                                 ? 'C3 H7 N O3'     105.093 
THR 'L-peptide linking' y THREONINE                              ? 'C4 H9 N O3'     119.119 
TYR 'L-peptide linking' y TYROSINE                               ? 'C9 H11 N O3'    181.189 
VAL 'L-peptide linking' y VALINE                                 ? 'C5 H11 N O2'    117.146 
# 
loop_
_pdbx_poly_seq_scheme.asym_id 
_pdbx_poly_seq_scheme.entity_id 
_pdbx_poly_seq_scheme.seq_id 
_pdbx_poly_seq_scheme.mon_id 
_pdbx_poly_seq_scheme.ndb_seq_num 
_pdbx_poly_seq_scheme.pdb_seq_num 
_pdbx_poly_seq_scheme.auth_seq_num 
_pdbx_poly_seq_scheme.pdb_mon_id 
_pdbx_poly_seq_scheme.auth_mon_id 
_pdbx_poly_seq_scheme.pdb_strand_id 
_pdbx_poly_seq_scheme.pdb_ins_code 
_pdbx_poly_seq_scheme.hetero 
A 1 1   MET 1   1   ?   ?   ?   A . n 
A 1 2   ARG 2   2   ?   ?   ?   A . n 
A 1 3   GLY 3   3   ?   ?   ?   A . n 
A 1 4   SER 4   4   ?   ?   ?   A . n 
A 1 5   HIS 5   5   ?   ?   ?   A . n 
A 1 6   HIS 6   6   ?   ?   ?   A . n 
A 1 7   HIS 7   7   ?   ?   ?   A . n 
A 1 8   HIS 8   8   ?   ?   ?   A . n 
A 1 9   HIS 9   9   ?   ?   ?   A . n 
A 1 10  HIS 10  10  ?   ?   ?   A . n 
A 1 11  GLY 11  11  ?   ?   ?   A . n 
A 1 12  MET 12  12  ?   ?   ?   A . n 
A 1 13  ALA 13  13  ?   ?   ?   A . n 
A 1 14  SER 14  14  ?   ?   ?   A . n 
A 1 15  MET 15  15  ?   ?   ?   A . n 
A 1 16  THR 16  16  ?   ?   ?   A . n 
A 1 17  GLY 17  17  ?   ?   ?   A . n 
A 1 18  GLY 18  18  ?   ?   ?   A . n 
A 1 19  GLN 19  19  ?   ?   ?   A . n 
A 1 20  GLN 20  20  ?   ?   ?   A . n 
A 1 21  MET 21  21  ?   ?   ?   A . n 
A 1 22  GLY 22  22  ?   ?   ?   A . n 
A 1 23  ARG 23  23  ?   ?   ?   A . n 
A 1 24  ASP 24  24  ?   ?   ?   A . n 
A 1 25  LEU 25  25  ?   ?   ?   A . n 
A 1 26  TYR 26  26  ?   ?   ?   A . n 
A 1 27  ASP 27  27  ?   ?   ?   A . n 
A 1 28  ASP 28  28  ?   ?   ?   A . n 
A 1 29  ASP 29  29  ?   ?   ?   A . n 
A 1 30  ASP 30  30  ?   ?   ?   A . n 
A 1 31  LYS 31  31  ?   ?   ?   A . n 
A 1 32  ASP 32  32  ?   ?   ?   A . n 
A 1 33  PRO 33  33  ?   ?   ?   A . n 
A 1 34  SER 34  34  ?   ?   ?   A . n 
A 1 35  SER 35  35  ?   ?   ?   A . n 
A 1 36  ARG 36  36  ?   ?   ?   A . n 
A 1 37  SER 37  37  ?   ?   ?   A . n 
A 1 38  ALA 38  38  ?   ?   ?   A . n 
A 1 39  ALA 39  39  ?   ?   ?   A . n 
A 1 40  GLY 40  40  ?   ?   ?   A . n 
A 1 41  THR 41  41  ?   ?   ?   A . n 
A 1 42  MET 42  42  42  MET MET A . n 
A 1 43  GLU 43  43  43  GLU GLU A . n 
A 1 44  PHE 44  44  44  PHE PHE A . n 
A 1 45  MET 45  45  45  MET MET A . n 
A 1 46  ASP 46  46  46  ASP ASP A . n 
A 1 47  ALA 47  47  47  ALA ALA A . n 
A 1 48  LEU 48  48  48  LEU LEU A . n 
A 1 49  ILE 49  49  49  ILE ILE A . n 
A 1 50  ALA 50  50  50  ALA ALA A . n 
A 1 51  GLN 51  51  51  GLN GLN A . n 
A 1 52  LEU 52  52  52  LEU LEU A . n 
A 1 53  GLN 53  53  53  GLN GLN A . n 
A 1 54  ARG 54  54  54  ARG ARG A . n 
A 1 55  GLN 55  55  55  GLN GLN A . n 
A 1 56  PHE 56  56  56  PHE PHE A . n 
A 1 57  ARG 57  57  57  ARG ARG A . n 
A 1 58  ASP 58  58  58  ASP ASP A . n 
A 1 59  TYR 59  59  59  TYR TYR A . n 
A 1 60  THR 60  60  60  THR THR A . n 
A 1 61  ILE 61  61  61  ILE ILE A . n 
A 1 62  SER 62  62  62  SER SER A . n 
A 1 63  LEU 63  63  63  LEU LEU A . n 
A 1 64  TYR 64  64  64  TYR TYR A . n 
A 1 65  GLN 65  65  65  GLN GLN A . n 
A 1 66  GLN 66  66  66  GLN GLN A . n 
A 1 67  GLY 67  67  67  GLY GLY A . n 
A 1 68  PHE 68  68  68  PHE PHE A . n 
A 1 69  LEU 69  69  69  LEU LEU A . n 
A 1 70  ASP 70  70  70  ASP ASP A . n 
A 1 71  ASP 71  71  71  ASP ASP A . n 
A 1 72  GLN 72  72  72  GLN GLN A . n 
A 1 73  PHE 73  73  73  PHE PHE A . n 
A 1 74  THR 74  74  74  THR THR A . n 
A 1 75  GLU 75  75  75  GLU GLU A . n 
A 1 76  LEU 76  76  76  LEU LEU A . n 
A 1 77  LYS 77  77  77  LYS LYS A . n 
A 1 78  LYS 78  78  78  LYS LYS A . n 
A 1 79  LEU 79  79  79  LEU LEU A . n 
A 1 80  GLN 80  80  80  GLN GLN A . n 
A 1 81  ASP 81  81  81  ASP ASP A . n 
A 1 82  ASP 82  82  ?   ?   ?   A . n 
A 1 83  GLY 83  83  ?   ?   ?   A . n 
A 1 84  SER 84  84  ?   ?   ?   A . n 
A 1 85  PRO 85  85  85  PRO PRO A . n 
A 1 86  ASP 86  86  86  ASP ASP A . n 
A 1 87  PHE 87  87  87  PHE PHE A . n 
A 1 88  VAL 88  88  88  VAL VAL A . n 
A 1 89  SER 89  89  89  SER SER A . n 
A 1 90  GLU 90  90  90  GLU GLU A . n 
A 1 91  VAL 91  91  91  VAL VAL A . n 
A 1 92  LEU 92  92  92  LEU LEU A . n 
A 1 93  SER 93  93  93  SER SER A . n 
A 1 94  LEU 94  94  94  LEU LEU A . n 
A 1 95  PHE 95  95  95  PHE PHE A . n 
A 1 96  PHE 96  96  96  PHE PHE A . n 
A 1 97  GLU 97  97  97  GLU GLU A . n 
A 1 98  ASP 98  98  98  ASP ASP A . n 
A 1 99  CYS 99  99  99  CYS CYS A . n 
A 1 100 VAL 100 100 100 VAL VAL A . n 
A 1 101 LYS 101 101 101 LYS LYS A . n 
A 1 102 LEU 102 102 102 LEU LEU A . n 
A 1 103 ILE 103 103 103 ILE ILE A . n 
A 1 104 SER 104 104 104 SER SER A . n 
A 1 105 ASN 105 105 105 ASN ASN A . n 
A 1 106 MET 106 106 106 MET MET A . n 
A 1 107 ALA 107 107 107 ALA ALA A . n 
A 1 108 ARG 108 108 108 ARG ARG A . n 
A 1 109 ALA 109 109 109 ALA ALA A . n 
A 1 110 LEU 110 110 110 LEU LEU A . n 
A 1 111 ASP 111 111 111 ASP ASP A . n 
A 1 112 THR 112 112 112 THR THR A . n 
A 1 113 THR 113 113 113 THR THR A . n 
A 1 114 GLY 114 114 114 GLY GLY A . n 
A 1 115 THR 115 115 115 THR THR A . n 
A 1 116 VAL 116 116 116 VAL VAL A . n 
A 1 117 ASP 117 117 117 ASP ASP A . n 
A 1 118 PHE 118 118 118 PHE PHE A . n 
A 1 119 SER 119 119 119 SER SER A . n 
A 1 120 GLN 120 120 120 GLN GLN A . n 
A 1 121 VAL 121 121 121 VAL VAL A . n 
A 1 122 GLY 122 122 122 GLY GLY A . n 
A 1 123 ALA 123 123 123 ALA ALA A . n 
A 1 124 SER 124 124 124 SER SER A . n 
A 1 125 VAL 125 125 125 VAL VAL A . n 
A 1 126 HIS 126 126 126 HIS HIS A . n 
A 1 127 GLN 127 127 127 GLN GLN A . n 
A 1 128 LEU 128 128 128 LEU LEU A . n 
A 1 129 LYS 129 129 129 LYS LYS A . n 
A 1 130 GLY 130 130 130 GLY GLY A . n 
A 1 131 SER 131 131 131 SER SER A . n 
A 1 132 SER 132 132 132 SER SER A . n 
A 1 133 SER 133 133 133 SER SER A . n 
A 1 134 SER 134 134 134 SER SER A . n 
A 1 135 VAL 135 135 135 VAL VAL A . n 
A 1 136 GLY 136 136 136 GLY GLY A . n 
A 1 137 ALA 137 137 137 ALA ALA A . n 
A 1 138 LYS 138 138 138 LYS LYS A . n 
A 1 139 ARG 139 139 139 ARG ARG A . n 
A 1 140 VAL 140 140 140 VAL VAL A . n 
A 1 141 LYS 141 141 141 LYS LYS A . n 
A 1 142 THR 142 142 142 THR THR A . n 
A 1 143 LEU 143 143 143 LEU LEU A . n 
A 1 144 CYS 144 144 144 CYS CYS A . n 
A 1 145 VAL 145 145 145 VAL VAL A . n 
A 1 146 SER 146 146 146 SER SER A . n 
A 1 147 PHE 147 147 147 PHE PHE A . n 
A 1 148 LYS 148 148 148 LYS LYS A . n 
A 1 149 GLU 149 149 149 GLU GLU A . n 
A 1 150 CYS 150 150 150 CYS CYS A . n 
A 1 151 CYS 151 151 151 CYS CYS A . n 
A 1 152 GLU 152 152 152 GLU GLU A . n 
A 1 153 ALA 153 153 153 ALA ALA A . n 
A 1 154 LYS 154 154 154 LYS LYS A . n 
A 1 155 ASN 155 155 155 ASN ASN A . n 
A 1 156 TYR 156 156 156 TYR TYR A . n 
A 1 157 GLU 157 157 157 GLU GLU A . n 
A 1 158 GLY 158 158 158 GLY GLY A . n 
A 1 159 CYS 159 159 159 CYS CYS A . n 
A 1 160 VAL 160 160 160 VAL VAL A . n 
A 1 161 ARG 161 161 161 ARG ARG A . n 
A 1 162 CYS 162 162 162 CYS CYS A . n 
A 1 163 LEU 163 163 163 LEU LEU A . n 
A 1 164 GLN 164 164 164 GLN GLN A . n 
A 1 165 GLN 165 165 165 GLN GLN A . n 
A 1 166 VAL 166 166 166 VAL VAL A . n 
A 1 167 ASP 167 167 167 ASP ASP A . n 
A 1 168 ILE 168 168 168 ILE ILE A . n 
A 1 169 GLU 169 169 169 GLU GLU A . n 
A 1 170 TYR 170 170 170 TYR TYR A . n 
A 1 171 LYS 171 171 171 LYS LYS A . n 
A 1 172 ALA 172 172 172 ALA ALA A . n 
A 1 173 LEU 173 173 173 LEU LEU A . n 
A 1 174 LYS 174 174 174 LYS LYS A . n 
A 1 175 THR 175 175 175 THR THR A . n 
A 1 176 LYS 176 176 176 LYS LYS A . n 
A 1 177 LEU 177 177 177 LEU LEU A . n 
A 1 178 GLN 178 178 178 GLN GLN A . n 
A 1 179 ASP 179 179 179 ASP ASP A . n 
A 1 180 MET 180 180 180 MET MET A . n 
A 1 181 PHE 181 181 181 PHE PHE A . n 
A 1 182 ASN 182 182 182 ASN ASN A . n 
A 1 183 LEU 183 183 183 LEU LEU A . n 
A 1 184 GLU 184 184 184 GLU GLU A . n 
A 1 185 LYS 185 185 185 LYS LYS A . n 
A 1 186 GLN 186 186 186 GLN GLN A . n 
A 1 187 ILE 187 187 187 ILE ILE A . n 
A 1 188 ILE 188 188 188 ILE ILE A . n 
A 1 189 GLN 189 189 189 GLN GLN A . n 
A 1 190 ALA 190 190 190 ALA ALA A . n 
A 1 191 GLY 191 191 191 GLY GLY A . n 
A 1 192 GLY 192 192 192 GLY GLY A . n 
A 1 193 ILE 193 193 193 ILE ILE A . n 
A 1 194 VAL 194 194 194 VAL VAL A . n 
A 1 195 PRO 195 195 195 PRO PRO A . n 
A 1 196 GLN 196 196 196 GLN GLN A . n 
A 1 197 VAL 197 197 197 VAL VAL A . n 
A 1 198 ASP 198 198 ?   ?   ?   A . n 
A 1 199 ILE 199 199 ?   ?   ?   A . n 
A 1 200 ASN 200 200 ?   ?   ?   A . n 
# 
loop_
_pdbx_nonpoly_scheme.asym_id 
_pdbx_nonpoly_scheme.entity_id 
_pdbx_nonpoly_scheme.mon_id 
_pdbx_nonpoly_scheme.ndb_seq_num 
_pdbx_nonpoly_scheme.pdb_seq_num 
_pdbx_nonpoly_scheme.auth_seq_num 
_pdbx_nonpoly_scheme.pdb_mon_id 
_pdbx_nonpoly_scheme.auth_mon_id 
_pdbx_nonpoly_scheme.pdb_strand_id 
_pdbx_nonpoly_scheme.pdb_ins_code 
B 2 MES 1  301 1  MES MES A . 
C 3 IMD 1  302 1  IMD IMD A . 
D 4 HOH 1  401 11 HOH HOH A . 
D 4 HOH 2  402 21 HOH HOH A . 
D 4 HOH 3  403 2  HOH HOH A . 
D 4 HOH 4  404 15 HOH HOH A . 
D 4 HOH 5  405 25 HOH HOH A . 
D 4 HOH 6  406 7  HOH HOH A . 
D 4 HOH 7  407 24 HOH HOH A . 
D 4 HOH 8  408 18 HOH HOH A . 
D 4 HOH 9  409 1  HOH HOH A . 
D 4 HOH 10 410 19 HOH HOH A . 
D 4 HOH 11 411 28 HOH HOH A . 
D 4 HOH 12 412 12 HOH HOH A . 
D 4 HOH 13 413 27 HOH HOH A . 
D 4 HOH 14 414 29 HOH HOH A . 
D 4 HOH 15 415 30 HOH HOH A . 
D 4 HOH 16 416 26 HOH HOH A . 
D 4 HOH 17 417 9  HOH HOH A . 
D 4 HOH 18 418 3  HOH HOH A . 
# 
loop_
_software.citation_id 
_software.classification 
_software.compiler_name 
_software.compiler_version 
_software.contact_author 
_software.contact_author_email 
_software.date 
_software.description 
_software.dependencies 
_software.hardware 
_software.language 
_software.location 
_software.mods 
_software.name 
_software.os 
_software.os_version 
_software.type 
_software.version 
_software.pdbx_ordinal 
? refinement        . . . . . . . . . . . REFMAC    . . . 5.7.0032 1 
? 'data reduction'  . . . . . . . . . . . XDS       . . . .        2 
? 'data collection' . . . . . . . . . . . MAR345dtb . . . .        3 
? phasing           . . . . . . . . . . . SHELXDE   . . . .        4 
? 'data scaling'    ? ? ? ? ? ? ? ? ? ? ? XSCALE    ? ? ? .        5 
# 
_cell.entry_id           4PAC 
_cell.length_a           59.900 
_cell.length_b           59.900 
_cell.length_c           169.700 
_cell.angle_alpha        90.00 
_cell.angle_beta         90.00 
_cell.angle_gamma        90.00 
_cell.Z_PDB              8 
_cell.pdbx_unique_axis   ? 
# 
_symmetry.entry_id                         4PAC 
_symmetry.cell_setting                     . 
_symmetry.Int_Tables_number                92 
_symmetry.space_group_name_Hall            . 
_symmetry.space_group_name_H-M             'P 41 21 2' 
_symmetry.pdbx_full_space_group_name_H-M   . 
# 
_exptl.absorpt_coefficient_mu     . 
_exptl.absorpt_correction_T_max   . 
_exptl.absorpt_correction_T_min   . 
_exptl.absorpt_correction_type    . 
_exptl.absorpt_process_details    . 
_exptl.entry_id                   4PAC 
_exptl.crystals_number            1 
_exptl.details                    . 
_exptl.method                     'X-RAY DIFFRACTION' 
_exptl.method_details             . 
# 
_exptl_crystal.colour                      . 
_exptl_crystal.density_diffrn              . 
_exptl_crystal.density_Matthews            3.40 
_exptl_crystal.density_method              . 
_exptl_crystal.density_percent_sol         63.84 
_exptl_crystal.description                 . 
_exptl_crystal.F_000                       . 
_exptl_crystal.id                          1 
_exptl_crystal.preparation                 . 
_exptl_crystal.size_max                    . 
_exptl_crystal.size_mid                    . 
_exptl_crystal.size_min                    . 
_exptl_crystal.size_rad                    . 
_exptl_crystal.colour_lustre               . 
_exptl_crystal.colour_modifier             . 
_exptl_crystal.colour_primary              . 
_exptl_crystal.density_meas                . 
_exptl_crystal.density_meas_esd            . 
_exptl_crystal.density_meas_gt             . 
_exptl_crystal.density_meas_lt             . 
_exptl_crystal.density_meas_temp           . 
_exptl_crystal.density_meas_temp_esd       . 
_exptl_crystal.density_meas_temp_gt        . 
_exptl_crystal.density_meas_temp_lt        . 
_exptl_crystal.pdbx_crystal_image_url      . 
_exptl_crystal.pdbx_crystal_image_format   . 
_exptl_crystal.pdbx_mosaicity              . 
_exptl_crystal.pdbx_mosaicity_esd          . 
# 
_exptl_crystal_grow.apparatus       . 
_exptl_crystal_grow.atmosphere      . 
_exptl_crystal_grow.crystal_id      1 
_exptl_crystal_grow.details         . 
_exptl_crystal_grow.method          'VAPOR DIFFUSION' 
_exptl_crystal_grow.method_ref      . 
_exptl_crystal_grow.pH              6.5 
_exptl_crystal_grow.pressure        . 
_exptl_crystal_grow.pressure_esd    . 
_exptl_crystal_grow.seeding         . 
_exptl_crystal_grow.seeding_ref     . 
_exptl_crystal_grow.temp            277 
_exptl_crystal_grow.temp_details    . 
_exptl_crystal_grow.temp_esd        . 
_exptl_crystal_grow.time            . 
_exptl_crystal_grow.pdbx_details    '0.1M MES, 1.6M magnesium sulfate' 
_exptl_crystal_grow.pdbx_pH_range   '5.8 - 6.5' 
# 
_diffrn.ambient_environment    . 
_diffrn.ambient_temp           100 
_diffrn.ambient_temp_details   . 
_diffrn.ambient_temp_esd       . 
_diffrn.crystal_id             1 
_diffrn.crystal_support        . 
_diffrn.crystal_treatment      . 
_diffrn.details                . 
_diffrn.id                     1 
_diffrn.ambient_pressure       . 
_diffrn.ambient_pressure_esd   . 
_diffrn.ambient_pressure_gt    . 
_diffrn.ambient_pressure_lt    . 
_diffrn.ambient_temp_gt        . 
_diffrn.ambient_temp_lt        . 
# 
_diffrn_detector.details                      . 
_diffrn_detector.detector                     CCD 
_diffrn_detector.diffrn_id                    1 
_diffrn_detector.type                         'RAYONIX MX-225' 
_diffrn_detector.area_resol_mean              . 
_diffrn_detector.dtime                        . 
_diffrn_detector.pdbx_frames_total            . 
_diffrn_detector.pdbx_collection_time_total   . 
_diffrn_detector.pdbx_collection_date         2012-02-28 
# 
_diffrn_radiation.collimation                      . 
_diffrn_radiation.diffrn_id                        1 
_diffrn_radiation.filter_edge                      . 
_diffrn_radiation.inhomogeneity                    . 
_diffrn_radiation.monochromator                    . 
_diffrn_radiation.polarisn_norm                    . 
_diffrn_radiation.polarisn_ratio                   . 
_diffrn_radiation.probe                            . 
_diffrn_radiation.type                             . 
_diffrn_radiation.xray_symbol                      . 
_diffrn_radiation.wavelength_id                    1 
_diffrn_radiation.pdbx_monochromatic_or_laue_m_l   M 
_diffrn_radiation.pdbx_wavelength_list             . 
_diffrn_radiation.pdbx_wavelength                  . 
_diffrn_radiation.pdbx_diffrn_protocol             'SINGLE WAVELENGTH' 
_diffrn_radiation.pdbx_analyzer                    . 
_diffrn_radiation.pdbx_scattering_type             x-ray 
# 
_diffrn_radiation_wavelength.id           1 
_diffrn_radiation_wavelength.wavelength   0.91841 
_diffrn_radiation_wavelength.wt           1.0 
# 
_diffrn_source.current                     . 
_diffrn_source.details                     . 
_diffrn_source.diffrn_id                   1 
_diffrn_source.power                       . 
_diffrn_source.size                        . 
_diffrn_source.source                      SYNCHROTRON 
_diffrn_source.target                      . 
_diffrn_source.type                        'BESSY BEAMLINE 14.2' 
_diffrn_source.voltage                     . 
_diffrn_source.take-off_angle              . 
_diffrn_source.pdbx_wavelength_list        0.91841 
_diffrn_source.pdbx_wavelength             . 
_diffrn_source.pdbx_synchrotron_beamline   14.2 
_diffrn_source.pdbx_synchrotron_site       BESSY 
# 
_reflns.B_iso_Wilson_estimate            . 
_reflns.entry_id                         4PAC 
_reflns.data_reduction_details           . 
_reflns.data_reduction_method            . 
_reflns.d_resolution_high                2.530 
_reflns.d_resolution_low                 50.0 
_reflns.details                          . 
_reflns.limit_h_max                      . 
_reflns.limit_h_min                      . 
_reflns.limit_k_max                      . 
_reflns.limit_k_min                      . 
_reflns.limit_l_max                      . 
_reflns.limit_l_min                      . 
_reflns.number_all                       . 
_reflns.number_obs                       10808 
_reflns.observed_criterion               . 
_reflns.observed_criterion_F_max         . 
_reflns.observed_criterion_F_min         . 
_reflns.observed_criterion_I_max         . 
_reflns.observed_criterion_I_min         . 
_reflns.observed_criterion_sigma_F       . 
_reflns.observed_criterion_sigma_I       . 
_reflns.percent_possible_obs             99.600 
_reflns.R_free_details                   . 
_reflns.Rmerge_F_all                     . 
_reflns.Rmerge_F_obs                     . 
_reflns.Friedel_coverage                 . 
_reflns.number_gt                        . 
_reflns.threshold_expression             . 
_reflns.pdbx_redundancy                  7.0 
_reflns.pdbx_Rmerge_I_obs                . 
_reflns.pdbx_Rmerge_I_all                . 
_reflns.pdbx_Rsym_value                  . 
_reflns.pdbx_netI_over_av_sigmaI         . 
_reflns.pdbx_netI_over_sigmaI            15.7 
_reflns.pdbx_res_netI_over_av_sigmaI_2   . 
_reflns.pdbx_res_netI_over_sigmaI_2      . 
_reflns.pdbx_chi_squared                 . 
_reflns.pdbx_scaling_rejects             . 
_reflns.pdbx_d_res_high_opt              . 
_reflns.pdbx_d_res_low_opt               . 
_reflns.pdbx_d_res_opt_method            . 
_reflns.phase_calculation_details        . 
_reflns.pdbx_Rrim_I_all                  . 
_reflns.pdbx_Rpim_I_all                  . 
_reflns.pdbx_d_opt                       . 
_reflns.pdbx_number_measured_all         . 
_reflns.pdbx_diffrn_id                   1 
_reflns.pdbx_ordinal                     1 
# 
_reflns_shell.Rmerge_F_all                ? 
_reflns_shell.Rmerge_F_gt                 ? 
_reflns_shell.Rmerge_F_obs                ? 
_reflns_shell.Rmerge_I_all                ? 
_reflns_shell.Rmerge_I_gt                 ? 
_reflns_shell.Rmerge_I_obs                1.014 
_reflns_shell.d_res_high                  2.53 
_reflns_shell.d_res_low                   2.68 
_reflns_shell.meanI_over_sigI_all         ? 
_reflns_shell.meanI_over_sigI_gt          ? 
_reflns_shell.meanI_over_sigI_obs         1.76 
_reflns_shell.meanI_over_uI_all           ? 
_reflns_shell.meanI_over_uI_gt            ? 
_reflns_shell.number_measured_all         ? 
_reflns_shell.number_measured_gt          ? 
_reflns_shell.number_measured_obs         ? 
_reflns_shell.number_possible             ? 
_reflns_shell.number_unique_all           ? 
_reflns_shell.number_unique_gt            ? 
_reflns_shell.number_unique_obs           ? 
_reflns_shell.pdbx_CC_half                ? 
_reflns_shell.pdbx_R_split                ? 
_reflns_shell.pdbx_Rpim_I_all             ? 
_reflns_shell.pdbx_Rrim_I_all             ? 
_reflns_shell.pdbx_Rsym_value             ? 
_reflns_shell.pdbx_chi_squared            ? 
_reflns_shell.pdbx_diffrn_id              1 
_reflns_shell.pdbx_netI_over_sigmaI_all   ? 
_reflns_shell.pdbx_netI_over_sigmaI_obs   ? 
_reflns_shell.pdbx_ordinal                1 
_reflns_shell.pdbx_redundancy             7.02 
_reflns_shell.pdbx_rejects                ? 
_reflns_shell.percent_possible_all        ? 
_reflns_shell.percent_possible_gt         ? 
_reflns_shell.percent_possible_obs        98.7 
# 
_refine.aniso_B[1][1]                            0.97 
_refine.aniso_B[1][2]                            0.00 
_refine.aniso_B[1][3]                            0.00 
_refine.aniso_B[2][2]                            0.97 
_refine.aniso_B[2][3]                            -0.00 
_refine.aniso_B[3][3]                            -1.94 
_refine.B_iso_max                                . 
_refine.B_iso_mean                               59.628 
_refine.B_iso_min                                . 
_refine.correlation_coeff_Fo_to_Fc               0.941 
_refine.correlation_coeff_Fo_to_Fc_free          0.914 
_refine.details                                  'HYDROGENS HAVE BEEN USED IF PRESENT IN THE INPUT' 
_refine.diff_density_max                         . 
_refine.diff_density_max_esd                     . 
_refine.diff_density_min                         . 
_refine.diff_density_min_esd                     . 
_refine.diff_density_rms                         . 
_refine.diff_density_rms_esd                     . 
_refine.entry_id                                 4PAC 
_refine.pdbx_refine_id                           'X-RAY DIFFRACTION' 
_refine.ls_abs_structure_details                 . 
_refine.ls_abs_structure_Flack                   . 
_refine.ls_abs_structure_Flack_esd               . 
_refine.ls_abs_structure_Rogers                  . 
_refine.ls_abs_structure_Rogers_esd              . 
_refine.ls_d_res_high                            2.53 
_refine.ls_d_res_low                             50.0 
_refine.ls_extinction_coef                       . 
_refine.ls_extinction_coef_esd                   . 
_refine.ls_extinction_expression                 . 
_refine.ls_extinction_method                     . 
_refine.ls_goodness_of_fit_all                   . 
_refine.ls_goodness_of_fit_all_esd               . 
_refine.ls_goodness_of_fit_obs                   . 
_refine.ls_goodness_of_fit_obs_esd               . 
_refine.ls_hydrogen_treatment                    . 
_refine.ls_matrix_type                           . 
_refine.ls_number_constraints                    . 
_refine.ls_number_parameters                     . 
_refine.ls_number_reflns_all                     . 
_refine.ls_number_reflns_obs                     8855 
_refine.ls_number_reflns_R_free                  443 
_refine.ls_number_reflns_R_work                  . 
_refine.ls_number_restraints                     . 
_refine.ls_percent_reflns_obs                    84.46 
_refine.ls_percent_reflns_R_free                 4.8 
_refine.ls_R_factor_all                          . 
_refine.ls_R_factor_obs                          0.23219 
_refine.ls_R_factor_R_free                       0.30392 
_refine.ls_R_factor_R_free_error                 . 
_refine.ls_R_factor_R_free_error_details         . 
_refine.ls_R_factor_R_work                       0.22869 
_refine.ls_R_Fsqd_factor_obs                     . 
_refine.ls_R_I_factor_obs                        . 
_refine.ls_redundancy_reflns_all                 . 
_refine.ls_redundancy_reflns_obs                 . 
_refine.ls_restrained_S_all                      . 
_refine.ls_restrained_S_obs                      . 
_refine.ls_shift_over_esd_max                    . 
_refine.ls_shift_over_esd_mean                   . 
_refine.ls_structure_factor_coef                 . 
_refine.ls_weighting_details                     . 
_refine.ls_weighting_scheme                      . 
_refine.ls_wR_factor_all                         . 
_refine.ls_wR_factor_obs                         . 
_refine.ls_wR_factor_R_free                      . 
_refine.ls_wR_factor_R_work                      . 
_refine.occupancy_max                            . 
_refine.occupancy_min                            . 
_refine.overall_SU_B                             11.856 
_refine.overall_SU_ML                            0.242 
_refine.overall_SU_R_Cruickshank_DPI             . 
_refine.overall_SU_R_free                        . 
_refine.overall_FOM_free_R_set                   . 
_refine.overall_FOM_work_R_set                   . 
_refine.solvent_model_details                    MASK 
_refine.solvent_model_param_bsol                 . 
_refine.solvent_model_param_ksol                 . 
_refine.ls_R_factor_gt                           . 
_refine.ls_goodness_of_fit_gt                    . 
_refine.ls_goodness_of_fit_ref                   . 
_refine.ls_shift_over_su_max                     . 
_refine.ls_shift_over_su_max_lt                  . 
_refine.ls_shift_over_su_mean                    . 
_refine.ls_shift_over_su_mean_lt                 . 
_refine.pdbx_ls_sigma_I                          . 
_refine.pdbx_ls_sigma_F                          . 
_refine.pdbx_ls_sigma_Fsqd                       . 
_refine.pdbx_data_cutoff_high_absF               . 
_refine.pdbx_data_cutoff_high_rms_absF           . 
_refine.pdbx_data_cutoff_low_absF                . 
_refine.pdbx_isotropic_thermal_model             . 
_refine.pdbx_ls_cross_valid_method               THROUGHOUT 
_refine.pdbx_method_to_determine_struct          SIRAS 
_refine.pdbx_starting_model                      . 
_refine.pdbx_stereochemistry_target_values       'MAXIMUM LIKELIHOOD' 
_refine.pdbx_R_Free_selection_details            RANDOM 
_refine.pdbx_stereochem_target_val_spec_case     . 
_refine.pdbx_overall_ESU_R                       0.353 
_refine.pdbx_overall_ESU_R_Free                  0.310 
_refine.pdbx_solvent_vdw_probe_radii             1.20 
_refine.pdbx_solvent_ion_probe_radii             0.80 
_refine.pdbx_solvent_shrinkage_radii             0.80 
_refine.pdbx_real_space_R                        . 
_refine.pdbx_density_correlation                 . 
_refine.pdbx_pd_number_of_powder_patterns        . 
_refine.pdbx_pd_number_of_points                 . 
_refine.pdbx_pd_meas_number_of_points            . 
_refine.pdbx_pd_proc_ls_prof_R_factor            . 
_refine.pdbx_pd_proc_ls_prof_wR_factor           . 
_refine.pdbx_pd_Marquardt_correlation_coeff      . 
_refine.pdbx_pd_Fsqrd_R_factor                   . 
_refine.pdbx_pd_ls_matrix_band_width             . 
_refine.pdbx_overall_phase_error                 . 
_refine.pdbx_overall_SU_R_free_Cruickshank_DPI   . 
_refine.pdbx_overall_SU_R_free_Blow_DPI          . 
_refine.pdbx_overall_SU_R_Blow_DPI               . 
_refine.pdbx_TLS_residual_ADP_flag               . 
_refine.pdbx_diffrn_id                           1 
# 
_refine_hist.pdbx_refine_id                   'X-RAY DIFFRACTION' 
_refine_hist.cycle_id                         1 
_refine_hist.pdbx_number_atoms_protein        1208 
_refine_hist.pdbx_number_atoms_nucleic_acid   0 
_refine_hist.pdbx_number_atoms_ligand         17 
_refine_hist.number_atoms_solvent             18 
_refine_hist.number_atoms_total               1243 
_refine_hist.d_res_high                       2.53 
_refine_hist.d_res_low                        50.0 
# 
loop_
_refine_ls_restr.pdbx_refine_id 
_refine_ls_restr.criterion 
_refine_ls_restr.dev_ideal 
_refine_ls_restr.dev_ideal_target 
_refine_ls_restr.number 
_refine_ls_restr.rejects 
_refine_ls_restr.type 
_refine_ls_restr.weight 
_refine_ls_restr.pdbx_restraint_function 
'X-RAY DIFFRACTION' . 0.014  0.019  1245 . r_bond_refined_d             . . 
'X-RAY DIFFRACTION' . .      .      .    . r_bond_other_d               . . 
'X-RAY DIFFRACTION' . 1.861  1.982  1669 . r_angle_refined_deg          . . 
'X-RAY DIFFRACTION' . .      .      .    . r_angle_other_deg            . . 
'X-RAY DIFFRACTION' . 7.113  5.000  151  . r_dihedral_angle_1_deg       . . 
'X-RAY DIFFRACTION' . 35.428 25.690 58   . r_dihedral_angle_2_deg       . . 
'X-RAY DIFFRACTION' . 19.970 15.000 235  . r_dihedral_angle_3_deg       . . 
'X-RAY DIFFRACTION' . 6.790  15.000 5    . r_dihedral_angle_4_deg       . . 
'X-RAY DIFFRACTION' . 0.121  0.200  191  . r_chiral_restr               . . 
'X-RAY DIFFRACTION' . 0.006  0.020  898  . r_gen_planes_refined         . . 
'X-RAY DIFFRACTION' . .      .      .    . r_gen_planes_other           . . 
'X-RAY DIFFRACTION' . .      .      .    . r_nbd_refined                . . 
'X-RAY DIFFRACTION' . .      .      .    . r_nbd_other                  . . 
'X-RAY DIFFRACTION' . .      .      .    . r_nbtor_refined              . . 
'X-RAY DIFFRACTION' . .      .      .    . r_nbtor_other                . . 
'X-RAY DIFFRACTION' . .      .      .    . r_xyhbond_nbd_refined        . . 
'X-RAY DIFFRACTION' . .      .      .    . r_xyhbond_nbd_other          . . 
'X-RAY DIFFRACTION' . .      .      .    . r_metal_ion_refined          . . 
'X-RAY DIFFRACTION' . .      .      .    . r_metal_ion_other            . . 
'X-RAY DIFFRACTION' . .      .      .    . r_symmetry_vdw_refined       . . 
'X-RAY DIFFRACTION' . .      .      .    . r_symmetry_vdw_other         . . 
'X-RAY DIFFRACTION' . .      .      .    . r_symmetry_hbond_refined     . . 
'X-RAY DIFFRACTION' . .      .      .    . r_symmetry_hbond_other       . . 
'X-RAY DIFFRACTION' . .      .      .    . r_symmetry_metal_ion_refined . . 
'X-RAY DIFFRACTION' . .      .      .    . r_symmetry_metal_ion_other   . . 
'X-RAY DIFFRACTION' . 5.273  5.737  610  . r_mcbond_it                  . . 
'X-RAY DIFFRACTION' . .      .      .    . r_mcbond_other               . . 
'X-RAY DIFFRACTION' . 8.040  8.567  759  . r_mcangle_it                 . . 
'X-RAY DIFFRACTION' . .      .      .    . r_mcangle_other              . . 
'X-RAY DIFFRACTION' . 6.515  6.073  635  . r_scbond_it                  . . 
'X-RAY DIFFRACTION' . .      .      .    . r_scbond_other               . . 
'X-RAY DIFFRACTION' . .      .      .    . r_scangle_it                 . . 
'X-RAY DIFFRACTION' . .      .      .    . r_scangle_other              . . 
'X-RAY DIFFRACTION' . 11.874 47.258 1902 . r_long_range_B_refined       . . 
'X-RAY DIFFRACTION' . .      .      .    . r_long_range_B_other         . . 
'X-RAY DIFFRACTION' . .      .      .    . r_rigid_bond_restr           . . 
'X-RAY DIFFRACTION' . .      .      .    . r_sphericity_free            . . 
'X-RAY DIFFRACTION' . .      .      .    . r_sphericity_bonded          . . 
# 
_refine_ls_shell.pdbx_refine_id                   'X-RAY DIFFRACTION' 
_refine_ls_shell.d_res_high                       2.528 
_refine_ls_shell.d_res_low                        2.594 
_refine_ls_shell.number_reflns_all                . 
_refine_ls_shell.number_reflns_obs                . 
_refine_ls_shell.number_reflns_R_free             17 
_refine_ls_shell.number_reflns_R_work             374 
_refine_ls_shell.percent_reflns_obs               49.94 
_refine_ls_shell.percent_reflns_R_free            . 
_refine_ls_shell.R_factor_all                     . 
_refine_ls_shell.R_factor_obs                     . 
_refine_ls_shell.R_factor_R_free                  0.550 
_refine_ls_shell.R_factor_R_free_error            . 
_refine_ls_shell.R_factor_R_work                  0.479 
_refine_ls_shell.redundancy_reflns_all            . 
_refine_ls_shell.redundancy_reflns_obs            . 
_refine_ls_shell.wR_factor_all                    . 
_refine_ls_shell.wR_factor_obs                    . 
_refine_ls_shell.wR_factor_R_free                 . 
_refine_ls_shell.wR_factor_R_work                 . 
_refine_ls_shell.pdbx_total_number_of_bins_used   20 
_refine_ls_shell.pdbx_phase_error                 . 
# 
_struct.entry_id                     4PAC 
_struct.title                        
'Crystal Structure of Histidine-containing Phosphotransfer Protein AHP2 from Arabidopsis thaliana' 
_struct.pdbx_model_details           . 
_struct.pdbx_formula_weight          . 
_struct.pdbx_formula_weight_method   . 
_struct.pdbx_model_type_details      . 
_struct.pdbx_CASP_flag               . 
# 
_struct_keywords.entry_id        4PAC 
_struct_keywords.text            'cytokinin signaling, helical fold, signaling protein' 
_struct_keywords.pdbx_keywords   'SIGNALING PROTEIN' 
# 
loop_
_struct_asym.id 
_struct_asym.pdbx_blank_PDB_chainid_flag 
_struct_asym.pdbx_modified 
_struct_asym.entity_id 
_struct_asym.details 
A N N 1 ? 
B N N 2 ? 
C N N 3 ? 
D N N 4 ? 
# 
_struct_ref.id                         1 
_struct_ref.db_name                    UNP 
_struct_ref.db_code                    AHP2_ARATH 
_struct_ref.pdbx_db_accession          Q9ZNV8 
_struct_ref.entity_id                  1 
_struct_ref.pdbx_seq_one_letter_code   
;MDALIAQLQRQFRDYTISLYQQGFLDDQFTELKKLQDDGSPDFVSEVLSLFFEDCVKLISNMARALDTTGTVDFSQVGAS
VHQLKGSSSSVGAKRVKTLCVSFKECCEAKNYEGCVRCLQQVDIEYKALKTKLQDMFNLEKQIIQAGGIVPQVDIN
;
_struct_ref.pdbx_align_begin           1 
_struct_ref.pdbx_db_isoform            ? 
# 
_struct_ref_seq.align_id                      1 
_struct_ref_seq.ref_id                        1 
_struct_ref_seq.pdbx_PDB_id_code              4PAC 
_struct_ref_seq.pdbx_strand_id                A 
_struct_ref_seq.seq_align_beg                 45 
_struct_ref_seq.pdbx_seq_align_beg_ins_code   ? 
_struct_ref_seq.seq_align_end                 200 
_struct_ref_seq.pdbx_seq_align_end_ins_code   ? 
_struct_ref_seq.pdbx_db_accession             Q9ZNV8 
_struct_ref_seq.db_align_beg                  1 
_struct_ref_seq.pdbx_db_align_beg_ins_code    ? 
_struct_ref_seq.db_align_end                  156 
_struct_ref_seq.pdbx_db_align_end_ins_code    ? 
_struct_ref_seq.pdbx_auth_seq_align_beg       45 
_struct_ref_seq.pdbx_auth_seq_align_end       200 
# 
loop_
_struct_ref_seq_dif.align_id 
_struct_ref_seq_dif.pdbx_pdb_id_code 
_struct_ref_seq_dif.mon_id 
_struct_ref_seq_dif.pdbx_pdb_strand_id 
_struct_ref_seq_dif.seq_num 
_struct_ref_seq_dif.pdbx_pdb_ins_code 
_struct_ref_seq_dif.pdbx_seq_db_name 
_struct_ref_seq_dif.pdbx_seq_db_accession_code 
_struct_ref_seq_dif.db_mon_id 
_struct_ref_seq_dif.pdbx_seq_db_seq_num 
_struct_ref_seq_dif.details 
_struct_ref_seq_dif.pdbx_auth_seq_num 
_struct_ref_seq_dif.pdbx_ordinal 
1 4PAC MET A 1  ? UNP Q9ZNV8 ? ? 'initiating methionine' 1  1  
1 4PAC ARG A 2  ? UNP Q9ZNV8 ? ? 'expression tag'        2  2  
1 4PAC GLY A 3  ? UNP Q9ZNV8 ? ? 'expression tag'        3  3  
1 4PAC SER A 4  ? UNP Q9ZNV8 ? ? 'expression tag'        4  4  
1 4PAC HIS A 5  ? UNP Q9ZNV8 ? ? 'expression tag'        5  5  
1 4PAC HIS A 6  ? UNP Q9ZNV8 ? ? 'expression tag'        6  6  
1 4PAC HIS A 7  ? UNP Q9ZNV8 ? ? 'expression tag'        7  7  
1 4PAC HIS A 8  ? UNP Q9ZNV8 ? ? 'expression tag'        8  8  
1 4PAC HIS A 9  ? UNP Q9ZNV8 ? ? 'expression tag'        9  9  
1 4PAC HIS A 10 ? UNP Q9ZNV8 ? ? 'expression tag'        10 10 
1 4PAC GLY A 11 ? UNP Q9ZNV8 ? ? 'expression tag'        11 11 
1 4PAC MET A 12 ? UNP Q9ZNV8 ? ? 'expression tag'        12 12 
1 4PAC ALA A 13 ? UNP Q9ZNV8 ? ? 'expression tag'        13 13 
1 4PAC SER A 14 ? UNP Q9ZNV8 ? ? 'expression tag'        14 14 
1 4PAC MET A 15 ? UNP Q9ZNV8 ? ? 'expression tag'        15 15 
1 4PAC THR A 16 ? UNP Q9ZNV8 ? ? 'expression tag'        16 16 
1 4PAC GLY A 17 ? UNP Q9ZNV8 ? ? 'expression tag'        17 17 
1 4PAC GLY A 18 ? UNP Q9ZNV8 ? ? 'expression tag'        18 18 
1 4PAC GLN A 19 ? UNP Q9ZNV8 ? ? 'expression tag'        19 19 
1 4PAC GLN A 20 ? UNP Q9ZNV8 ? ? 'expression tag'        20 20 
1 4PAC MET A 21 ? UNP Q9ZNV8 ? ? 'expression tag'        21 21 
1 4PAC GLY A 22 ? UNP Q9ZNV8 ? ? 'expression tag'        22 22 
1 4PAC ARG A 23 ? UNP Q9ZNV8 ? ? 'expression tag'        23 23 
1 4PAC ASP A 24 ? UNP Q9ZNV8 ? ? 'expression tag'        24 24 
1 4PAC LEU A 25 ? UNP Q9ZNV8 ? ? 'expression tag'        25 25 
1 4PAC TYR A 26 ? UNP Q9ZNV8 ? ? 'expression tag'        26 26 
1 4PAC ASP A 27 ? UNP Q9ZNV8 ? ? 'expression tag'        27 27 
1 4PAC ASP A 28 ? UNP Q9ZNV8 ? ? 'expression tag'        28 28 
1 4PAC ASP A 29 ? UNP Q9ZNV8 ? ? 'expression tag'        29 29 
1 4PAC ASP A 30 ? UNP Q9ZNV8 ? ? 'expression tag'        30 30 
1 4PAC LYS A 31 ? UNP Q9ZNV8 ? ? 'expression tag'        31 31 
1 4PAC ASP A 32 ? UNP Q9ZNV8 ? ? 'expression tag'        32 32 
1 4PAC PRO A 33 ? UNP Q9ZNV8 ? ? 'expression tag'        33 33 
1 4PAC SER A 34 ? UNP Q9ZNV8 ? ? 'expression tag'        34 34 
1 4PAC SER A 35 ? UNP Q9ZNV8 ? ? 'expression tag'        35 35 
1 4PAC ARG A 36 ? UNP Q9ZNV8 ? ? 'expression tag'        36 36 
1 4PAC SER A 37 ? UNP Q9ZNV8 ? ? 'expression tag'        37 37 
1 4PAC ALA A 38 ? UNP Q9ZNV8 ? ? 'expression tag'        38 38 
1 4PAC ALA A 39 ? UNP Q9ZNV8 ? ? 'expression tag'        39 39 
1 4PAC GLY A 40 ? UNP Q9ZNV8 ? ? 'expression tag'        40 40 
1 4PAC THR A 41 ? UNP Q9ZNV8 ? ? 'expression tag'        41 41 
1 4PAC MET A 42 ? UNP Q9ZNV8 ? ? 'expression tag'        42 42 
1 4PAC GLU A 43 ? UNP Q9ZNV8 ? ? 'expression tag'        43 43 
1 4PAC PHE A 44 ? UNP Q9ZNV8 ? ? 'expression tag'        44 44 
# 
_pdbx_struct_assembly.id                   1 
_pdbx_struct_assembly.details              author_and_software_defined_assembly 
_pdbx_struct_assembly.method_details       PISA 
_pdbx_struct_assembly.oligomeric_details   Monomeric 
_pdbx_struct_assembly.oligomeric_count     1 
# 
loop_
_pdbx_struct_assembly_prop.biol_id 
_pdbx_struct_assembly_prop.type 
_pdbx_struct_assembly_prop.value 
_pdbx_struct_assembly_prop.details 
1 'ABSA (A^2)' 530  ? 
1 MORE         8    ? 
1 'SSA (A^2)'  9160 ? 
# 
_pdbx_struct_assembly_gen.assembly_id       1 
_pdbx_struct_assembly_gen.oper_expression   1 
_pdbx_struct_assembly_gen.asym_id_list      A,B,C,D 
# 
_pdbx_struct_oper_list.id                   1 
_pdbx_struct_oper_list.type                 'identity operation' 
_pdbx_struct_oper_list.name                 1_555 
_pdbx_struct_oper_list.symmetry_operation   x,y,z 
_pdbx_struct_oper_list.matrix[1][1]         1.0000000000 
_pdbx_struct_oper_list.matrix[1][2]         0.0000000000 
_pdbx_struct_oper_list.matrix[1][3]         0.0000000000 
_pdbx_struct_oper_list.vector[1]            0.0000000000 
_pdbx_struct_oper_list.matrix[2][1]         0.0000000000 
_pdbx_struct_oper_list.matrix[2][2]         1.0000000000 
_pdbx_struct_oper_list.matrix[2][3]         0.0000000000 
_pdbx_struct_oper_list.vector[2]            0.0000000000 
_pdbx_struct_oper_list.matrix[3][1]         0.0000000000 
_pdbx_struct_oper_list.matrix[3][2]         0.0000000000 
_pdbx_struct_oper_list.matrix[3][3]         1.0000000000 
_pdbx_struct_oper_list.vector[3]            0.0000000000 
# 
loop_
_struct_conf.conf_type_id 
_struct_conf.id 
_struct_conf.pdbx_PDB_helix_id 
_struct_conf.beg_label_comp_id 
_struct_conf.beg_label_asym_id 
_struct_conf.beg_label_seq_id 
_struct_conf.pdbx_beg_PDB_ins_code 
_struct_conf.end_label_comp_id 
_struct_conf.end_label_asym_id 
_struct_conf.end_label_seq_id 
_struct_conf.pdbx_end_PDB_ins_code 
_struct_conf.beg_auth_comp_id 
_struct_conf.beg_auth_asym_id 
_struct_conf.beg_auth_seq_id 
_struct_conf.end_auth_comp_id 
_struct_conf.end_auth_asym_id 
_struct_conf.end_auth_seq_id 
_struct_conf.pdbx_PDB_helix_class 
_struct_conf.details 
_struct_conf.pdbx_PDB_helix_length 
HELX_P HELX_P1 AA1 MET A 45  ? GLN A 66  ? MET A 45  GLN A 66  1 ? 22 
HELX_P HELX_P2 AA2 ASP A 70  ? LYS A 78  ? ASP A 70  LYS A 78  1 ? 9  
HELX_P HELX_P3 AA3 ASP A 86  ? ASP A 111 ? ASP A 86  ASP A 111 1 ? 26 
HELX_P HELX_P4 AA4 ASP A 117 ? GLY A 136 ? ASP A 117 GLY A 136 1 ? 20 
HELX_P HELX_P5 AA5 ALA A 137 ? ALA A 153 ? ALA A 137 ALA A 153 1 ? 17 
HELX_P HELX_P6 AA6 ASN A 155 ? GLN A 189 ? ASN A 155 GLN A 189 1 ? 35 
# 
_struct_conf_type.id          HELX_P 
_struct_conf_type.criteria    ? 
_struct_conf_type.reference   ? 
# 
_struct_site.id                   AC1 
_struct_site.pdbx_evidence_code   Software 
_struct_site.pdbx_auth_asym_id    A 
_struct_site.pdbx_auth_comp_id    MES 
_struct_site.pdbx_auth_seq_id     301 
_struct_site.pdbx_auth_ins_code   ? 
_struct_site.pdbx_num_residues    4 
_struct_site.details              'binding site for residue MES A 301' 
# 
loop_
_struct_site_gen.id 
_struct_site_gen.site_id 
_struct_site_gen.pdbx_num_res 
_struct_site_gen.label_comp_id 
_struct_site_gen.label_asym_id 
_struct_site_gen.label_seq_id 
_struct_site_gen.pdbx_auth_ins_code 
_struct_site_gen.auth_comp_id 
_struct_site_gen.auth_asym_id 
_struct_site_gen.auth_seq_id 
_struct_site_gen.label_atom_id 
_struct_site_gen.label_alt_id 
_struct_site_gen.symmetry 
_struct_site_gen.details 
1 AC1 4 SER A 89  ? SER A 89  . ? 1_555 ? 
2 AC1 4 LYS A 174 ? LYS A 174 . ? 1_555 ? 
3 AC1 4 GLN A 178 ? GLN A 178 . ? 1_555 ? 
4 AC1 4 PHE A 181 ? PHE A 181 . ? 1_555 ? 
# 
loop_
_pdbx_validate_torsion.id 
_pdbx_validate_torsion.PDB_model_num 
_pdbx_validate_torsion.auth_comp_id 
_pdbx_validate_torsion.auth_asym_id 
_pdbx_validate_torsion.auth_seq_id 
_pdbx_validate_torsion.PDB_ins_code 
_pdbx_validate_torsion.label_alt_id 
_pdbx_validate_torsion.phi 
_pdbx_validate_torsion.psi 
1 1 LYS A 78  ? ? -52.92  -7.40  
2 1 ASP A 86  ? ? -165.81 19.23  
3 1 THR A 115 ? ? 79.11   128.54 
4 1 LYS A 154 ? ? 31.96   41.59  
5 1 ALA A 190 ? ? 98.31   -1.63  
# 
loop_
_pdbx_unobs_or_zero_occ_residues.id 
_pdbx_unobs_or_zero_occ_residues.PDB_model_num 
_pdbx_unobs_or_zero_occ_residues.polymer_flag 
_pdbx_unobs_or_zero_occ_residues.occupancy_flag 
_pdbx_unobs_or_zero_occ_residues.auth_asym_id 
_pdbx_unobs_or_zero_occ_residues.auth_comp_id 
_pdbx_unobs_or_zero_occ_residues.auth_seq_id 
_pdbx_unobs_or_zero_occ_residues.PDB_ins_code 
_pdbx_unobs_or_zero_occ_residues.label_asym_id 
_pdbx_unobs_or_zero_occ_residues.label_comp_id 
_pdbx_unobs_or_zero_occ_residues.label_seq_id 
1  1 Y 1 A MET 1   ? A MET 1   
2  1 Y 1 A ARG 2   ? A ARG 2   
3  1 Y 1 A GLY 3   ? A GLY 3   
4  1 Y 1 A SER 4   ? A SER 4   
5  1 Y 1 A HIS 5   ? A HIS 5   
6  1 Y 1 A HIS 6   ? A HIS 6   
7  1 Y 1 A HIS 7   ? A HIS 7   
8  1 Y 1 A HIS 8   ? A HIS 8   
9  1 Y 1 A HIS 9   ? A HIS 9   
10 1 Y 1 A HIS 10  ? A HIS 10  
11 1 Y 1 A GLY 11  ? A GLY 11  
12 1 Y 1 A MET 12  ? A MET 12  
13 1 Y 1 A ALA 13  ? A ALA 13  
14 1 Y 1 A SER 14  ? A SER 14  
15 1 Y 1 A MET 15  ? A MET 15  
16 1 Y 1 A THR 16  ? A THR 16  
17 1 Y 1 A GLY 17  ? A GLY 17  
18 1 Y 1 A GLY 18  ? A GLY 18  
19 1 Y 1 A GLN 19  ? A GLN 19  
20 1 Y 1 A GLN 20  ? A GLN 20  
21 1 Y 1 A MET 21  ? A MET 21  
22 1 Y 1 A GLY 22  ? A GLY 22  
23 1 Y 1 A ARG 23  ? A ARG 23  
24 1 Y 1 A ASP 24  ? A ASP 24  
25 1 Y 1 A LEU 25  ? A LEU 25  
26 1 Y 1 A TYR 26  ? A TYR 26  
27 1 Y 1 A ASP 27  ? A ASP 27  
28 1 Y 1 A ASP 28  ? A ASP 28  
29 1 Y 1 A ASP 29  ? A ASP 29  
30 1 Y 1 A ASP 30  ? A ASP 30  
31 1 Y 1 A LYS 31  ? A LYS 31  
32 1 Y 1 A ASP 32  ? A ASP 32  
33 1 Y 1 A PRO 33  ? A PRO 33  
34 1 Y 1 A SER 34  ? A SER 34  
35 1 Y 1 A SER 35  ? A SER 35  
36 1 Y 1 A ARG 36  ? A ARG 36  
37 1 Y 1 A SER 37  ? A SER 37  
38 1 Y 1 A ALA 38  ? A ALA 38  
39 1 Y 1 A ALA 39  ? A ALA 39  
40 1 Y 1 A GLY 40  ? A GLY 40  
41 1 Y 1 A THR 41  ? A THR 41  
42 1 Y 1 A ASP 82  ? A ASP 82  
43 1 Y 1 A GLY 83  ? A GLY 83  
44 1 Y 1 A SER 84  ? A SER 84  
45 1 Y 1 A ASP 198 ? A ASP 198 
46 1 Y 1 A ILE 199 ? A ILE 199 
47 1 Y 1 A ASN 200 ? A ASN 200 
# 
loop_
_chem_comp_atom.comp_id 
_chem_comp_atom.atom_id 
_chem_comp_atom.type_symbol 
_chem_comp_atom.pdbx_aromatic_flag 
_chem_comp_atom.pdbx_stereo_config 
_chem_comp_atom.pdbx_ordinal 
ALA N    N N N 1   
ALA CA   C N S 2   
ALA C    C N N 3   
ALA O    O N N 4   
ALA CB   C N N 5   
ALA OXT  O N N 6   
ALA H    H N N 7   
ALA H2   H N N 8   
ALA HA   H N N 9   
ALA HB1  H N N 10  
ALA HB2  H N N 11  
ALA HB3  H N N 12  
ALA HXT  H N N 13  
ARG N    N N N 14  
ARG CA   C N S 15  
ARG C    C N N 16  
ARG O    O N N 17  
ARG CB   C N N 18  
ARG CG   C N N 19  
ARG CD   C N N 20  
ARG NE   N N N 21  
ARG CZ   C N N 22  
ARG NH1  N N N 23  
ARG NH2  N N N 24  
ARG OXT  O N N 25  
ARG H    H N N 26  
ARG H2   H N N 27  
ARG HA   H N N 28  
ARG HB2  H N N 29  
ARG HB3  H N N 30  
ARG HG2  H N N 31  
ARG HG3  H N N 32  
ARG HD2  H N N 33  
ARG HD3  H N N 34  
ARG HE   H N N 35  
ARG HH11 H N N 36  
ARG HH12 H N N 37  
ARG HH21 H N N 38  
ARG HH22 H N N 39  
ARG HXT  H N N 40  
ASN N    N N N 41  
ASN CA   C N S 42  
ASN C    C N N 43  
ASN O    O N N 44  
ASN CB   C N N 45  
ASN CG   C N N 46  
ASN OD1  O N N 47  
ASN ND2  N N N 48  
ASN OXT  O N N 49  
ASN H    H N N 50  
ASN H2   H N N 51  
ASN HA   H N N 52  
ASN HB2  H N N 53  
ASN HB3  H N N 54  
ASN HD21 H N N 55  
ASN HD22 H N N 56  
ASN HXT  H N N 57  
ASP N    N N N 58  
ASP CA   C N S 59  
ASP C    C N N 60  
ASP O    O N N 61  
ASP CB   C N N 62  
ASP CG   C N N 63  
ASP OD1  O N N 64  
ASP OD2  O N N 65  
ASP OXT  O N N 66  
ASP H    H N N 67  
ASP H2   H N N 68  
ASP HA   H N N 69  
ASP HB2  H N N 70  
ASP HB3  H N N 71  
ASP HD2  H N N 72  
ASP HXT  H N N 73  
CYS N    N N N 74  
CYS CA   C N R 75  
CYS C    C N N 76  
CYS O    O N N 77  
CYS CB   C N N 78  
CYS SG   S N N 79  
CYS OXT  O N N 80  
CYS H    H N N 81  
CYS H2   H N N 82  
CYS HA   H N N 83  
CYS HB2  H N N 84  
CYS HB3  H N N 85  
CYS HG   H N N 86  
CYS HXT  H N N 87  
GLN N    N N N 88  
GLN CA   C N S 89  
GLN C    C N N 90  
GLN O    O N N 91  
GLN CB   C N N 92  
GLN CG   C N N 93  
GLN CD   C N N 94  
GLN OE1  O N N 95  
GLN NE2  N N N 96  
GLN OXT  O N N 97  
GLN H    H N N 98  
GLN H2   H N N 99  
GLN HA   H N N 100 
GLN HB2  H N N 101 
GLN HB3  H N N 102 
GLN HG2  H N N 103 
GLN HG3  H N N 104 
GLN HE21 H N N 105 
GLN HE22 H N N 106 
GLN HXT  H N N 107 
GLU N    N N N 108 
GLU CA   C N S 109 
GLU C    C N N 110 
GLU O    O N N 111 
GLU CB   C N N 112 
GLU CG   C N N 113 
GLU CD   C N N 114 
GLU OE1  O N N 115 
GLU OE2  O N N 116 
GLU OXT  O N N 117 
GLU H    H N N 118 
GLU H2   H N N 119 
GLU HA   H N N 120 
GLU HB2  H N N 121 
GLU HB3  H N N 122 
GLU HG2  H N N 123 
GLU HG3  H N N 124 
GLU HE2  H N N 125 
GLU HXT  H N N 126 
GLY N    N N N 127 
GLY CA   C N N 128 
GLY C    C N N 129 
GLY O    O N N 130 
GLY OXT  O N N 131 
GLY H    H N N 132 
GLY H2   H N N 133 
GLY HA2  H N N 134 
GLY HA3  H N N 135 
GLY HXT  H N N 136 
HIS N    N N N 137 
HIS CA   C N S 138 
HIS C    C N N 139 
HIS O    O N N 140 
HIS CB   C N N 141 
HIS CG   C Y N 142 
HIS ND1  N Y N 143 
HIS CD2  C Y N 144 
HIS CE1  C Y N 145 
HIS NE2  N Y N 146 
HIS OXT  O N N 147 
HIS H    H N N 148 
HIS H2   H N N 149 
HIS HA   H N N 150 
HIS HB2  H N N 151 
HIS HB3  H N N 152 
HIS HD1  H N N 153 
HIS HD2  H N N 154 
HIS HE1  H N N 155 
HIS HE2  H N N 156 
HIS HXT  H N N 157 
HOH O    O N N 158 
HOH H1   H N N 159 
HOH H2   H N N 160 
ILE N    N N N 161 
ILE CA   C N S 162 
ILE C    C N N 163 
ILE O    O N N 164 
ILE CB   C N S 165 
ILE CG1  C N N 166 
ILE CG2  C N N 167 
ILE CD1  C N N 168 
ILE OXT  O N N 169 
ILE H    H N N 170 
ILE H2   H N N 171 
ILE HA   H N N 172 
ILE HB   H N N 173 
ILE HG12 H N N 174 
ILE HG13 H N N 175 
ILE HG21 H N N 176 
ILE HG22 H N N 177 
ILE HG23 H N N 178 
ILE HD11 H N N 179 
ILE HD12 H N N 180 
ILE HD13 H N N 181 
ILE HXT  H N N 182 
IMD N1   N Y N 183 
IMD C2   C Y N 184 
IMD N3   N Y N 185 
IMD C4   C Y N 186 
IMD C5   C Y N 187 
IMD HN1  H N N 188 
IMD H2   H N N 189 
IMD HN3  H N N 190 
IMD H4   H N N 191 
IMD H5   H N N 192 
LEU N    N N N 193 
LEU CA   C N S 194 
LEU C    C N N 195 
LEU O    O N N 196 
LEU CB   C N N 197 
LEU CG   C N N 198 
LEU CD1  C N N 199 
LEU CD2  C N N 200 
LEU OXT  O N N 201 
LEU H    H N N 202 
LEU H2   H N N 203 
LEU HA   H N N 204 
LEU HB2  H N N 205 
LEU HB3  H N N 206 
LEU HG   H N N 207 
LEU HD11 H N N 208 
LEU HD12 H N N 209 
LEU HD13 H N N 210 
LEU HD21 H N N 211 
LEU HD22 H N N 212 
LEU HD23 H N N 213 
LEU HXT  H N N 214 
LYS N    N N N 215 
LYS CA   C N S 216 
LYS C    C N N 217 
LYS O    O N N 218 
LYS CB   C N N 219 
LYS CG   C N N 220 
LYS CD   C N N 221 
LYS CE   C N N 222 
LYS NZ   N N N 223 
LYS OXT  O N N 224 
LYS H    H N N 225 
LYS H2   H N N 226 
LYS HA   H N N 227 
LYS HB2  H N N 228 
LYS HB3  H N N 229 
LYS HG2  H N N 230 
LYS HG3  H N N 231 
LYS HD2  H N N 232 
LYS HD3  H N N 233 
LYS HE2  H N N 234 
LYS HE3  H N N 235 
LYS HZ1  H N N 236 
LYS HZ2  H N N 237 
LYS HZ3  H N N 238 
LYS HXT  H N N 239 
MES O1   O N N 240 
MES C2   C N N 241 
MES C3   C N N 242 
MES N4   N N N 243 
MES C5   C N N 244 
MES C6   C N N 245 
MES C7   C N N 246 
MES C8   C N N 247 
MES S    S N N 248 
MES O1S  O N N 249 
MES O2S  O N N 250 
MES O3S  O N N 251 
MES H21  H N N 252 
MES H22  H N N 253 
MES H31  H N N 254 
MES H32  H N N 255 
MES HN4  H N N 256 
MES H51  H N N 257 
MES H52  H N N 258 
MES H61  H N N 259 
MES H62  H N N 260 
MES H71  H N N 261 
MES H72  H N N 262 
MES H81  H N N 263 
MES H82  H N N 264 
MET N    N N N 265 
MET CA   C N S 266 
MET C    C N N 267 
MET O    O N N 268 
MET CB   C N N 269 
MET CG   C N N 270 
MET SD   S N N 271 
MET CE   C N N 272 
MET OXT  O N N 273 
MET H    H N N 274 
MET H2   H N N 275 
MET HA   H N N 276 
MET HB2  H N N 277 
MET HB3  H N N 278 
MET HG2  H N N 279 
MET HG3  H N N 280 
MET HE1  H N N 281 
MET HE2  H N N 282 
MET HE3  H N N 283 
MET HXT  H N N 284 
PHE N    N N N 285 
PHE CA   C N S 286 
PHE C    C N N 287 
PHE O    O N N 288 
PHE CB   C N N 289 
PHE CG   C Y N 290 
PHE CD1  C Y N 291 
PHE CD2  C Y N 292 
PHE CE1  C Y N 293 
PHE CE2  C Y N 294 
PHE CZ   C Y N 295 
PHE OXT  O N N 296 
PHE H    H N N 297 
PHE H2   H N N 298 
PHE HA   H N N 299 
PHE HB2  H N N 300 
PHE HB3  H N N 301 
PHE HD1  H N N 302 
PHE HD2  H N N 303 
PHE HE1  H N N 304 
PHE HE2  H N N 305 
PHE HZ   H N N 306 
PHE HXT  H N N 307 
PRO N    N N N 308 
PRO CA   C N S 309 
PRO C    C N N 310 
PRO O    O N N 311 
PRO CB   C N N 312 
PRO CG   C N N 313 
PRO CD   C N N 314 
PRO OXT  O N N 315 
PRO H    H N N 316 
PRO HA   H N N 317 
PRO HB2  H N N 318 
PRO HB3  H N N 319 
PRO HG2  H N N 320 
PRO HG3  H N N 321 
PRO HD2  H N N 322 
PRO HD3  H N N 323 
PRO HXT  H N N 324 
SER N    N N N 325 
SER CA   C N S 326 
SER C    C N N 327 
SER O    O N N 328 
SER CB   C N N 329 
SER OG   O N N 330 
SER OXT  O N N 331 
SER H    H N N 332 
SER H2   H N N 333 
SER HA   H N N 334 
SER HB2  H N N 335 
SER HB3  H N N 336 
SER HG   H N N 337 
SER HXT  H N N 338 
THR N    N N N 339 
THR CA   C N S 340 
THR C    C N N 341 
THR O    O N N 342 
THR CB   C N R 343 
THR OG1  O N N 344 
THR CG2  C N N 345 
THR OXT  O N N 346 
THR H    H N N 347 
THR H2   H N N 348 
THR HA   H N N 349 
THR HB   H N N 350 
THR HG1  H N N 351 
THR HG21 H N N 352 
THR HG22 H N N 353 
THR HG23 H N N 354 
THR HXT  H N N 355 
TYR N    N N N 356 
TYR CA   C N S 357 
TYR C    C N N 358 
TYR O    O N N 359 
TYR CB   C N N 360 
TYR CG   C Y N 361 
TYR CD1  C Y N 362 
TYR CD2  C Y N 363 
TYR CE1  C Y N 364 
TYR CE2  C Y N 365 
TYR CZ   C Y N 366 
TYR OH   O N N 367 
TYR OXT  O N N 368 
TYR H    H N N 369 
TYR H2   H N N 370 
TYR HA   H N N 371 
TYR HB2  H N N 372 
TYR HB3  H N N 373 
TYR HD1  H N N 374 
TYR HD2  H N N 375 
TYR HE1  H N N 376 
TYR HE2  H N N 377 
TYR HH   H N N 378 
TYR HXT  H N N 379 
VAL N    N N N 380 
VAL CA   C N S 381 
VAL C    C N N 382 
VAL O    O N N 383 
VAL CB   C N N 384 
VAL CG1  C N N 385 
VAL CG2  C N N 386 
VAL OXT  O N N 387 
VAL H    H N N 388 
VAL H2   H N N 389 
VAL HA   H N N 390 
VAL HB   H N N 391 
VAL HG11 H N N 392 
VAL HG12 H N N 393 
VAL HG13 H N N 394 
VAL HG21 H N N 395 
VAL HG22 H N N 396 
VAL HG23 H N N 397 
VAL HXT  H N N 398 
# 
loop_
_chem_comp_bond.comp_id 
_chem_comp_bond.atom_id_1 
_chem_comp_bond.atom_id_2 
_chem_comp_bond.value_order 
_chem_comp_bond.pdbx_aromatic_flag 
_chem_comp_bond.pdbx_stereo_config 
_chem_comp_bond.pdbx_ordinal 
ALA N   CA   sing N N 1   
ALA N   H    sing N N 2   
ALA N   H2   sing N N 3   
ALA CA  C    sing N N 4   
ALA CA  CB   sing N N 5   
ALA CA  HA   sing N N 6   
ALA C   O    doub N N 7   
ALA C   OXT  sing N N 8   
ALA CB  HB1  sing N N 9   
ALA CB  HB2  sing N N 10  
ALA CB  HB3  sing N N 11  
ALA OXT HXT  sing N N 12  
ARG N   CA   sing N N 13  
ARG N   H    sing N N 14  
ARG N   H2   sing N N 15  
ARG CA  C    sing N N 16  
ARG CA  CB   sing N N 17  
ARG CA  HA   sing N N 18  
ARG C   O    doub N N 19  
ARG C   OXT  sing N N 20  
ARG CB  CG   sing N N 21  
ARG CB  HB2  sing N N 22  
ARG CB  HB3  sing N N 23  
ARG CG  CD   sing N N 24  
ARG CG  HG2  sing N N 25  
ARG CG  HG3  sing N N 26  
ARG CD  NE   sing N N 27  
ARG CD  HD2  sing N N 28  
ARG CD  HD3  sing N N 29  
ARG NE  CZ   sing N N 30  
ARG NE  HE   sing N N 31  
ARG CZ  NH1  sing N N 32  
ARG CZ  NH2  doub N N 33  
ARG NH1 HH11 sing N N 34  
ARG NH1 HH12 sing N N 35  
ARG NH2 HH21 sing N N 36  
ARG NH2 HH22 sing N N 37  
ARG OXT HXT  sing N N 38  
ASN N   CA   sing N N 39  
ASN N   H    sing N N 40  
ASN N   H2   sing N N 41  
ASN CA  C    sing N N 42  
ASN CA  CB   sing N N 43  
ASN CA  HA   sing N N 44  
ASN C   O    doub N N 45  
ASN C   OXT  sing N N 46  
ASN CB  CG   sing N N 47  
ASN CB  HB2  sing N N 48  
ASN CB  HB3  sing N N 49  
ASN CG  OD1  doub N N 50  
ASN CG  ND2  sing N N 51  
ASN ND2 HD21 sing N N 52  
ASN ND2 HD22 sing N N 53  
ASN OXT HXT  sing N N 54  
ASP N   CA   sing N N 55  
ASP N   H    sing N N 56  
ASP N   H2   sing N N 57  
ASP CA  C    sing N N 58  
ASP CA  CB   sing N N 59  
ASP CA  HA   sing N N 60  
ASP C   O    doub N N 61  
ASP C   OXT  sing N N 62  
ASP CB  CG   sing N N 63  
ASP CB  HB2  sing N N 64  
ASP CB  HB3  sing N N 65  
ASP CG  OD1  doub N N 66  
ASP CG  OD2  sing N N 67  
ASP OD2 HD2  sing N N 68  
ASP OXT HXT  sing N N 69  
CYS N   CA   sing N N 70  
CYS N   H    sing N N 71  
CYS N   H2   sing N N 72  
CYS CA  C    sing N N 73  
CYS CA  CB   sing N N 74  
CYS CA  HA   sing N N 75  
CYS C   O    doub N N 76  
CYS C   OXT  sing N N 77  
CYS CB  SG   sing N N 78  
CYS CB  HB2  sing N N 79  
CYS CB  HB3  sing N N 80  
CYS SG  HG   sing N N 81  
CYS OXT HXT  sing N N 82  
GLN N   CA   sing N N 83  
GLN N   H    sing N N 84  
GLN N   H2   sing N N 85  
GLN CA  C    sing N N 86  
GLN CA  CB   sing N N 87  
GLN CA  HA   sing N N 88  
GLN C   O    doub N N 89  
GLN C   OXT  sing N N 90  
GLN CB  CG   sing N N 91  
GLN CB  HB2  sing N N 92  
GLN CB  HB3  sing N N 93  
GLN CG  CD   sing N N 94  
GLN CG  HG2  sing N N 95  
GLN CG  HG3  sing N N 96  
GLN CD  OE1  doub N N 97  
GLN CD  NE2  sing N N 98  
GLN NE2 HE21 sing N N 99  
GLN NE2 HE22 sing N N 100 
GLN OXT HXT  sing N N 101 
GLU N   CA   sing N N 102 
GLU N   H    sing N N 103 
GLU N   H2   sing N N 104 
GLU CA  C    sing N N 105 
GLU CA  CB   sing N N 106 
GLU CA  HA   sing N N 107 
GLU C   O    doub N N 108 
GLU C   OXT  sing N N 109 
GLU CB  CG   sing N N 110 
GLU CB  HB2  sing N N 111 
GLU CB  HB3  sing N N 112 
GLU CG  CD   sing N N 113 
GLU CG  HG2  sing N N 114 
GLU CG  HG3  sing N N 115 
GLU CD  OE1  doub N N 116 
GLU CD  OE2  sing N N 117 
GLU OE2 HE2  sing N N 118 
GLU OXT HXT  sing N N 119 
GLY N   CA   sing N N 120 
GLY N   H    sing N N 121 
GLY N   H2   sing N N 122 
GLY CA  C    sing N N 123 
GLY CA  HA2  sing N N 124 
GLY CA  HA3  sing N N 125 
GLY C   O    doub N N 126 
GLY C   OXT  sing N N 127 
GLY OXT HXT  sing N N 128 
HIS N   CA   sing N N 129 
HIS N   H    sing N N 130 
HIS N   H2   sing N N 131 
HIS CA  C    sing N N 132 
HIS CA  CB   sing N N 133 
HIS CA  HA   sing N N 134 
HIS C   O    doub N N 135 
HIS C   OXT  sing N N 136 
HIS CB  CG   sing N N 137 
HIS CB  HB2  sing N N 138 
HIS CB  HB3  sing N N 139 
HIS CG  ND1  sing Y N 140 
HIS CG  CD2  doub Y N 141 
HIS ND1 CE1  doub Y N 142 
HIS ND1 HD1  sing N N 143 
HIS CD2 NE2  sing Y N 144 
HIS CD2 HD2  sing N N 145 
HIS CE1 NE2  sing Y N 146 
HIS CE1 HE1  sing N N 147 
HIS NE2 HE2  sing N N 148 
HIS OXT HXT  sing N N 149 
HOH O   H1   sing N N 150 
HOH O   H2   sing N N 151 
ILE N   CA   sing N N 152 
ILE N   H    sing N N 153 
ILE N   H2   sing N N 154 
ILE CA  C    sing N N 155 
ILE CA  CB   sing N N 156 
ILE CA  HA   sing N N 157 
ILE C   O    doub N N 158 
ILE C   OXT  sing N N 159 
ILE CB  CG1  sing N N 160 
ILE CB  CG2  sing N N 161 
ILE CB  HB   sing N N 162 
ILE CG1 CD1  sing N N 163 
ILE CG1 HG12 sing N N 164 
ILE CG1 HG13 sing N N 165 
ILE CG2 HG21 sing N N 166 
ILE CG2 HG22 sing N N 167 
ILE CG2 HG23 sing N N 168 
ILE CD1 HD11 sing N N 169 
ILE CD1 HD12 sing N N 170 
ILE CD1 HD13 sing N N 171 
ILE OXT HXT  sing N N 172 
IMD N1  C2   sing Y N 173 
IMD N1  C5   sing Y N 174 
IMD N1  HN1  sing N N 175 
IMD C2  N3   doub Y N 176 
IMD C2  H2   sing N N 177 
IMD N3  C4   sing Y N 178 
IMD N3  HN3  sing N N 179 
IMD C4  C5   doub Y N 180 
IMD C4  H4   sing N N 181 
IMD C5  H5   sing N N 182 
LEU N   CA   sing N N 183 
LEU N   H    sing N N 184 
LEU N   H2   sing N N 185 
LEU CA  C    sing N N 186 
LEU CA  CB   sing N N 187 
LEU CA  HA   sing N N 188 
LEU C   O    doub N N 189 
LEU C   OXT  sing N N 190 
LEU CB  CG   sing N N 191 
LEU CB  HB2  sing N N 192 
LEU CB  HB3  sing N N 193 
LEU CG  CD1  sing N N 194 
LEU CG  CD2  sing N N 195 
LEU CG  HG   sing N N 196 
LEU CD1 HD11 sing N N 197 
LEU CD1 HD12 sing N N 198 
LEU CD1 HD13 sing N N 199 
LEU CD2 HD21 sing N N 200 
LEU CD2 HD22 sing N N 201 
LEU CD2 HD23 sing N N 202 
LEU OXT HXT  sing N N 203 
LYS N   CA   sing N N 204 
LYS N   H    sing N N 205 
LYS N   H2   sing N N 206 
LYS CA  C    sing N N 207 
LYS CA  CB   sing N N 208 
LYS CA  HA   sing N N 209 
LYS C   O    doub N N 210 
LYS C   OXT  sing N N 211 
LYS CB  CG   sing N N 212 
LYS CB  HB2  sing N N 213 
LYS CB  HB3  sing N N 214 
LYS CG  CD   sing N N 215 
LYS CG  HG2  sing N N 216 
LYS CG  HG3  sing N N 217 
LYS CD  CE   sing N N 218 
LYS CD  HD2  sing N N 219 
LYS CD  HD3  sing N N 220 
LYS CE  NZ   sing N N 221 
LYS CE  HE2  sing N N 222 
LYS CE  HE3  sing N N 223 
LYS NZ  HZ1  sing N N 224 
LYS NZ  HZ2  sing N N 225 
LYS NZ  HZ3  sing N N 226 
LYS OXT HXT  sing N N 227 
MES O1  C2   sing N N 228 
MES O1  C6   sing N N 229 
MES C2  C3   sing N N 230 
MES C2  H21  sing N N 231 
MES C2  H22  sing N N 232 
MES C3  N4   sing N N 233 
MES C3  H31  sing N N 234 
MES C3  H32  sing N N 235 
MES N4  C5   sing N N 236 
MES N4  C7   sing N N 237 
MES N4  HN4  sing N N 238 
MES C5  C6   sing N N 239 
MES C5  H51  sing N N 240 
MES C5  H52  sing N N 241 
MES C6  H61  sing N N 242 
MES C6  H62  sing N N 243 
MES C7  C8   sing N N 244 
MES C7  H71  sing N N 245 
MES C7  H72  sing N N 246 
MES C8  S    sing N N 247 
MES C8  H81  sing N N 248 
MES C8  H82  sing N N 249 
MES S   O1S  doub N N 250 
MES S   O2S  doub N N 251 
MES S   O3S  sing N N 252 
MET N   CA   sing N N 253 
MET N   H    sing N N 254 
MET N   H2   sing N N 255 
MET CA  C    sing N N 256 
MET CA  CB   sing N N 257 
MET CA  HA   sing N N 258 
MET C   O    doub N N 259 
MET C   OXT  sing N N 260 
MET CB  CG   sing N N 261 
MET CB  HB2  sing N N 262 
MET CB  HB3  sing N N 263 
MET CG  SD   sing N N 264 
MET CG  HG2  sing N N 265 
MET CG  HG3  sing N N 266 
MET SD  CE   sing N N 267 
MET CE  HE1  sing N N 268 
MET CE  HE2  sing N N 269 
MET CE  HE3  sing N N 270 
MET OXT HXT  sing N N 271 
PHE N   CA   sing N N 272 
PHE N   H    sing N N 273 
PHE N   H2   sing N N 274 
PHE CA  C    sing N N 275 
PHE CA  CB   sing N N 276 
PHE CA  HA   sing N N 277 
PHE C   O    doub N N 278 
PHE C   OXT  sing N N 279 
PHE CB  CG   sing N N 280 
PHE CB  HB2  sing N N 281 
PHE CB  HB3  sing N N 282 
PHE CG  CD1  doub Y N 283 
PHE CG  CD2  sing Y N 284 
PHE CD1 CE1  sing Y N 285 
PHE CD1 HD1  sing N N 286 
PHE CD2 CE2  doub Y N 287 
PHE CD2 HD2  sing N N 288 
PHE CE1 CZ   doub Y N 289 
PHE CE1 HE1  sing N N 290 
PHE CE2 CZ   sing Y N 291 
PHE CE2 HE2  sing N N 292 
PHE CZ  HZ   sing N N 293 
PHE OXT HXT  sing N N 294 
PRO N   CA   sing N N 295 
PRO N   CD   sing N N 296 
PRO N   H    sing N N 297 
PRO CA  C    sing N N 298 
PRO CA  CB   sing N N 299 
PRO CA  HA   sing N N 300 
PRO C   O    doub N N 301 
PRO C   OXT  sing N N 302 
PRO CB  CG   sing N N 303 
PRO CB  HB2  sing N N 304 
PRO CB  HB3  sing N N 305 
PRO CG  CD   sing N N 306 
PRO CG  HG2  sing N N 307 
PRO CG  HG3  sing N N 308 
PRO CD  HD2  sing N N 309 
PRO CD  HD3  sing N N 310 
PRO OXT HXT  sing N N 311 
SER N   CA   sing N N 312 
SER N   H    sing N N 313 
SER N   H2   sing N N 314 
SER CA  C    sing N N 315 
SER CA  CB   sing N N 316 
SER CA  HA   sing N N 317 
SER C   O    doub N N 318 
SER C   OXT  sing N N 319 
SER CB  OG   sing N N 320 
SER CB  HB2  sing N N 321 
SER CB  HB3  sing N N 322 
SER OG  HG   sing N N 323 
SER OXT HXT  sing N N 324 
THR N   CA   sing N N 325 
THR N   H    sing N N 326 
THR N   H2   sing N N 327 
THR CA  C    sing N N 328 
THR CA  CB   sing N N 329 
THR CA  HA   sing N N 330 
THR C   O    doub N N 331 
THR C   OXT  sing N N 332 
THR CB  OG1  sing N N 333 
THR CB  CG2  sing N N 334 
THR CB  HB   sing N N 335 
THR OG1 HG1  sing N N 336 
THR CG2 HG21 sing N N 337 
THR CG2 HG22 sing N N 338 
THR CG2 HG23 sing N N 339 
THR OXT HXT  sing N N 340 
TYR N   CA   sing N N 341 
TYR N   H    sing N N 342 
TYR N   H2   sing N N 343 
TYR CA  C    sing N N 344 
TYR CA  CB   sing N N 345 
TYR CA  HA   sing N N 346 
TYR C   O    doub N N 347 
TYR C   OXT  sing N N 348 
TYR CB  CG   sing N N 349 
TYR CB  HB2  sing N N 350 
TYR CB  HB3  sing N N 351 
TYR CG  CD1  doub Y N 352 
TYR CG  CD2  sing Y N 353 
TYR CD1 CE1  sing Y N 354 
TYR CD1 HD1  sing N N 355 
TYR CD2 CE2  doub Y N 356 
TYR CD2 HD2  sing N N 357 
TYR CE1 CZ   doub Y N 358 
TYR CE1 HE1  sing N N 359 
TYR CE2 CZ   sing Y N 360 
TYR CE2 HE2  sing N N 361 
TYR CZ  OH   sing N N 362 
TYR OH  HH   sing N N 363 
TYR OXT HXT  sing N N 364 
VAL N   CA   sing N N 365 
VAL N   H    sing N N 366 
VAL N   H2   sing N N 367 
VAL CA  C    sing N N 368 
VAL CA  CB   sing N N 369 
VAL CA  HA   sing N N 370 
VAL C   O    doub N N 371 
VAL C   OXT  sing N N 372 
VAL CB  CG1  sing N N 373 
VAL CB  CG2  sing N N 374 
VAL CB  HB   sing N N 375 
VAL CG1 HG11 sing N N 376 
VAL CG1 HG12 sing N N 377 
VAL CG1 HG13 sing N N 378 
VAL CG2 HG21 sing N N 379 
VAL CG2 HG22 sing N N 380 
VAL CG2 HG23 sing N N 381 
VAL OXT HXT  sing N N 382 
# 
loop_
_pdbx_audit_support.funding_organization 
_pdbx_audit_support.country 
_pdbx_audit_support.grant_number 
_pdbx_audit_support.ordinal 
'Czech Science Foundation'                 'Czech Republic' 521/09/1699            1 
'Czech Science Foundation'                 'Czech Republic' P305/11/0756,          2 
'Central European Institute of Technology' 'Czech Republic' CZ.1.05/1.1.00/02.0068 3 
'Czech Academy of Sciences'                'Czech Republic' AV0Z60870520           4 
.                                          'Czech Republic' ME09016                5 
.                                          'Czech Republic' CZ.1.05/2.1.00/01.0024 6 
# 
_atom_sites.entry_id                    4PAC 
_atom_sites.fract_transf_matrix[1][1]   0.01121985 
_atom_sites.fract_transf_matrix[1][2]   -0.00192297 
_atom_sites.fract_transf_matrix[1][3]   0.01221093 
_atom_sites.fract_transf_matrix[2][1]   0.00433994 
_atom_sites.fract_transf_matrix[2][2]   -0.01482822 
_atom_sites.fract_transf_matrix[2][3]   -0.00632284 
_atom_sites.fract_transf_matrix[3][1]   0.00408582 
_atom_sites.fract_transf_matrix[3][2]   0.00262068 
_atom_sites.fract_transf_matrix[3][3]   -0.00334150 
_atom_sites.fract_transf_vector[1]      0.391592 
_atom_sites.fract_transf_vector[2]      0.122911 
_atom_sites.fract_transf_vector[3]      0.034723 
# 
loop_
_atom_type.symbol 
C 
N 
O 
S 
# 
loop_
_atom_site.group_PDB 
_atom_site.id 
_atom_site.type_symbol 
_atom_site.label_atom_id 
_atom_site.label_alt_id 
_atom_site.label_comp_id 
_atom_site.label_asym_id 
_atom_site.label_entity_id 
_atom_site.label_seq_id 
_atom_site.pdbx_PDB_ins_code 
_atom_site.Cartn_x 
_atom_site.Cartn_y 
_atom_site.Cartn_z 
_atom_site.occupancy 
_atom_site.B_iso_or_equiv 
_atom_site.pdbx_formal_charge 
_atom_site.auth_seq_id 
_atom_site.auth_comp_id 
_atom_site.auth_asym_id 
_atom_site.auth_atom_id 
_atom_site.pdbx_PDB_model_num 
ATOM   1    N N   . MET A 1 42  ? 24.848  13.712  -20.280 1.00 77.50  ? 42  MET A N   1 
ATOM   2    C CA  . MET A 1 42  ? 26.170  14.373  -20.260 1.00 90.45  ? 42  MET A CA  1 
ATOM   3    C C   . MET A 1 42  ? 26.690  14.548  -18.830 1.00 85.56  ? 42  MET A C   1 
ATOM   4    O O   . MET A 1 42  ? 25.922  14.619  -17.878 1.00 86.86  ? 42  MET A O   1 
ATOM   5    C CB  . MET A 1 42  ? 26.167  15.662  -21.104 1.00 102.44 ? 42  MET A CB  1 
ATOM   6    C CG  . MET A 1 42  ? 26.526  15.423  -22.581 1.00 120.59 ? 42  MET A CG  1 
ATOM   7    S SD  . MET A 1 42  ? 28.151  14.655  -22.939 1.00 154.55 ? 42  MET A SD  1 
ATOM   8    C CE  . MET A 1 42  ? 27.805  12.900  -23.164 1.00 128.16 ? 42  MET A CE  1 
ATOM   9    N N   . GLU A 1 43  ? 28.006  14.598  -18.684 1.00 86.13  ? 43  GLU A N   1 
ATOM   10   C CA  . GLU A 1 43  ? 28.625  14.184  -17.425 1.00 84.77  ? 43  GLU A CA  1 
ATOM   11   C C   . GLU A 1 43  ? 28.607  15.187  -16.243 1.00 83.81  ? 43  GLU A C   1 
ATOM   12   O O   . GLU A 1 43  ? 29.235  14.945  -15.211 1.00 81.57  ? 43  GLU A O   1 
ATOM   13   C CB  . GLU A 1 43  ? 30.007  13.552  -17.708 1.00 84.51  ? 43  GLU A CB  1 
ATOM   14   C CG  . GLU A 1 43  ? 29.906  12.178  -18.392 0.50 77.80  ? 43  GLU A CG  1 
ATOM   15   C CD  . GLU A 1 43  ? 30.927  11.944  -19.506 0.50 77.25  ? 43  GLU A CD  1 
ATOM   16   O OE1 . GLU A 1 43  ? 30.532  11.434  -20.584 0.50 77.68  ? 43  GLU A OE1 1 
ATOM   17   O OE2 . GLU A 1 43  ? 32.121  12.258  -19.314 0.50 71.48  ? 43  GLU A OE2 1 
ATOM   18   N N   . PHE A 1 44  ? 27.847  16.276  -16.377 1.00 83.25  ? 44  PHE A N   1 
ATOM   19   C CA  . PHE A 1 44  ? 27.657  17.250  -15.276 1.00 74.00  ? 44  PHE A CA  1 
ATOM   20   C C   . PHE A 1 44  ? 26.400  16.980  -14.444 1.00 71.19  ? 44  PHE A C   1 
ATOM   21   O O   . PHE A 1 44  ? 26.289  17.440  -13.297 1.00 78.08  ? 44  PHE A O   1 
ATOM   22   C CB  . PHE A 1 44  ? 27.608  18.677  -15.820 1.00 64.43  ? 44  PHE A CB  1 
ATOM   23   C CG  . PHE A 1 44  ? 26.436  18.953  -16.741 1.00 63.33  ? 44  PHE A CG  1 
ATOM   24   C CD1 . PHE A 1 44  ? 25.429  19.858  -16.364 1.00 60.14  ? 44  PHE A CD1 1 
ATOM   25   C CD2 . PHE A 1 44  ? 26.347  18.341  -18.003 1.00 57.44  ? 44  PHE A CD2 1 
ATOM   26   C CE1 . PHE A 1 44  ? 24.363  20.136  -17.223 1.00 59.35  ? 44  PHE A CE1 1 
ATOM   27   C CE2 . PHE A 1 44  ? 25.279  18.617  -18.863 1.00 55.76  ? 44  PHE A CE2 1 
ATOM   28   C CZ  . PHE A 1 44  ? 24.285  19.515  -18.475 1.00 55.55  ? 44  PHE A CZ  1 
ATOM   29   N N   . MET A 1 45  ? 25.453  16.257  -15.044 1.00 61.84  ? 45  MET A N   1 
ATOM   30   C CA  . MET A 1 45  ? 24.270  15.787  -14.351 1.00 58.08  ? 45  MET A CA  1 
ATOM   31   C C   . MET A 1 45  ? 24.598  14.603  -13.467 1.00 63.69  ? 45  MET A C   1 
ATOM   32   O O   . MET A 1 45  ? 23.774  14.208  -12.648 1.00 72.96  ? 45  MET A O   1 
ATOM   33   C CB  . MET A 1 45  ? 23.224  15.363  -15.348 1.00 56.19  ? 45  MET A CB  1 
ATOM   34   C CG  . MET A 1 45  ? 22.797  16.477  -16.268 1.00 57.48  ? 45  MET A CG  1 
ATOM   35   S SD  . MET A 1 45  ? 21.747  17.684  -15.422 1.00 61.07  ? 45  MET A SD  1 
ATOM   36   C CE  . MET A 1 45  ? 20.145  17.055  -15.924 1.00 68.10  ? 45  MET A CE  1 
ATOM   37   N N   . ASP A 1 46  ? 25.794  14.036  -13.630 1.00 67.01  ? 46  ASP A N   1 
ATOM   38   C CA  . ASP A 1 46  ? 26.254  12.892  -12.822 1.00 68.69  ? 46  ASP A CA  1 
ATOM   39   C C   . ASP A 1 46  ? 26.308  13.250  -11.332 1.00 73.72  ? 46  ASP A C   1 
ATOM   40   O O   . ASP A 1 46  ? 26.158  12.389  -10.454 1.00 69.54  ? 46  ASP A O   1 
ATOM   41   C CB  . ASP A 1 46  ? 27.634  12.404  -13.280 1.00 69.67  ? 46  ASP A CB  1 
ATOM   42   C CG  . ASP A 1 46  ? 27.608  11.717  -14.623 1.00 78.77  ? 46  ASP A CG  1 
ATOM   43   O OD1 . ASP A 1 46  ? 26.655  11.930  -15.395 1.00 95.56  ? 46  ASP A OD1 1 
ATOM   44   O OD2 . ASP A 1 46  ? 28.565  10.969  -14.930 1.00 87.28  ? 46  ASP A OD2 1 
ATOM   45   N N   . ALA A 1 47  ? 26.529  14.526  -11.050 1.00 82.42  ? 47  ALA A N   1 
ATOM   46   C CA  . ALA A 1 47  ? 26.473  15.014  -9.682  1.00 89.18  ? 47  ALA A CA  1 
ATOM   47   C C   . ALA A 1 47  ? 25.061  14.751  -9.104  1.00 87.34  ? 47  ALA A C   1 
ATOM   48   O O   . ALA A 1 47  ? 24.901  14.169  -8.012  1.00 76.96  ? 47  ALA A O   1 
ATOM   49   C CB  . ALA A 1 47  ? 26.822  16.501  -9.658  1.00 88.35  ? 47  ALA A CB  1 
ATOM   50   N N   . LEU A 1 48  ? 24.054  15.162  -9.878  1.00 78.01  ? 48  LEU A N   1 
ATOM   51   C CA  . LEU A 1 48  ? 22.655  15.038  -9.502  1.00 76.22  ? 48  LEU A CA  1 
ATOM   52   C C   . LEU A 1 48  ? 22.139  13.568  -9.608  1.00 72.50  ? 48  LEU A C   1 
ATOM   53   O O   . LEU A 1 48  ? 21.681  12.993  -8.604  1.00 67.80  ? 48  LEU A O   1 
ATOM   54   C CB  . LEU A 1 48  ? 21.835  16.027  -10.343 1.00 73.01  ? 48  LEU A CB  1 
ATOM   55   C CG  . LEU A 1 48  ? 20.347  16.249  -10.105 1.00 67.25  ? 48  LEU A CG  1 
ATOM   56   C CD1 . LEU A 1 48  ? 20.123  17.090  -8.872  1.00 71.77  ? 48  LEU A CD1 1 
ATOM   57   C CD2 . LEU A 1 48  ? 19.760  16.947  -11.312 1.00 69.44  ? 48  LEU A CD2 1 
ATOM   58   N N   . ILE A 1 49  ? 22.242  12.945  -10.790 1.00 61.26  ? 49  ILE A N   1 
ATOM   59   C CA  . ILE A 1 49  ? 21.848  11.535  -10.921 1.00 62.75  ? 49  ILE A CA  1 
ATOM   60   C C   . ILE A 1 49  ? 22.324  10.693  -9.736  1.00 65.74  ? 49  ILE A C   1 
ATOM   61   O O   . ILE A 1 49  ? 21.545  9.951   -9.153  1.00 72.93  ? 49  ILE A O   1 
ATOM   62   C CB  . ILE A 1 49  ? 22.326  10.915  -12.234 1.00 62.13  ? 49  ILE A CB  1 
ATOM   63   C CG1 . ILE A 1 49  ? 21.705  11.656  -13.400 1.00 57.62  ? 49  ILE A CG1 1 
ATOM   64   C CG2 . ILE A 1 49  ? 21.905  9.452   -12.352 1.00 68.79  ? 49  ILE A CG2 1 
ATOM   65   C CD1 . ILE A 1 49  ? 22.094  11.068  -14.735 1.00 49.63  ? 49  ILE A CD1 1 
ATOM   66   N N   . ALA A 1 50  ? 23.588  10.840  -9.359  1.00 73.58  ? 50  ALA A N   1 
ATOM   67   C CA  . ALA A 1 50  ? 24.162  10.097  -8.223  1.00 76.00  ? 50  ALA A CA  1 
ATOM   68   C C   . ALA A 1 50  ? 23.415  10.276  -6.922  1.00 69.23  ? 50  ALA A C   1 
ATOM   69   O O   . ALA A 1 50  ? 23.225  9.317   -6.188  1.00 74.70  ? 50  ALA A O   1 
ATOM   70   C CB  . ALA A 1 50  ? 25.632  10.457  -8.021  1.00 79.93  ? 50  ALA A CB  1 
ATOM   71   N N   . GLN A 1 51  ? 23.004  11.503  -6.628  1.00 68.11  ? 51  GLN A N   1 
ATOM   72   C CA  . GLN A 1 51  ? 22.489  11.799  -5.303  1.00 73.09  ? 51  GLN A CA  1 
ATOM   73   C C   . GLN A 1 51  ? 21.032  11.302  -5.144  1.00 76.61  ? 51  GLN A C   1 
ATOM   74   O O   . GLN A 1 51  ? 20.662  10.778  -4.072  1.00 72.86  ? 51  GLN A O   1 
ATOM   75   C CB  . GLN A 1 51  ? 22.688  13.290  -4.949  1.00 74.46  ? 51  GLN A CB  1 
ATOM   76   C CG  . GLN A 1 51  ? 21.485  14.204  -5.182  1.00 87.35  ? 51  GLN A CG  1 
ATOM   77   C CD  . GLN A 1 51  ? 20.425  14.085  -4.090  1.00 89.39  ? 51  GLN A CD  1 
ATOM   78   O OE1 . GLN A 1 51  ? 20.762  13.989  -2.903  1.00 91.25  ? 51  GLN A OE1 1 
ATOM   79   N NE2 . GLN A 1 51  ? 19.138  14.083  -4.487  1.00 67.69  ? 51  GLN A NE2 1 
ATOM   80   N N   . LEU A 1 52  ? 20.220  11.459  -6.200  1.00 62.87  ? 52  LEU A N   1 
ATOM   81   C CA  . LEU A 1 52  ? 18.840  10.971  -6.180  1.00 56.66  ? 52  LEU A CA  1 
ATOM   82   C C   . LEU A 1 52  ? 18.858  9.464   -6.116  1.00 58.30  ? 52  LEU A C   1 
ATOM   83   O O   . LEU A 1 52  ? 18.088  8.849   -5.373  1.00 63.46  ? 52  LEU A O   1 
ATOM   84   C CB  . LEU A 1 52  ? 18.073  11.399  -7.415  1.00 46.96  ? 52  LEU A CB  1 
ATOM   85   C CG  . LEU A 1 52  ? 18.102  12.896  -7.692  1.00 48.05  ? 52  LEU A CG  1 
ATOM   86   C CD1 . LEU A 1 52  ? 18.059  13.085  -9.194  1.00 41.52  ? 52  LEU A CD1 1 
ATOM   87   C CD2 . LEU A 1 52  ? 17.036  13.727  -6.962  1.00 42.82  ? 52  LEU A CD2 1 
ATOM   88   N N   . GLN A 1 53  ? 19.747  8.861   -6.884  1.00 52.73  ? 53  GLN A N   1 
ATOM   89   C CA  . GLN A 1 53  ? 19.964  7.442   -6.726  1.00 53.76  ? 53  GLN A CA  1 
ATOM   90   C C   . GLN A 1 53  ? 20.249  7.126   -5.234  1.00 54.05  ? 53  GLN A C   1 
ATOM   91   O O   . GLN A 1 53  ? 19.712  6.153   -4.708  1.00 54.44  ? 53  GLN A O   1 
ATOM   92   C CB  . GLN A 1 53  ? 21.040  6.935   -7.708  1.00 56.71  ? 53  GLN A CB  1 
ATOM   93   C CG  . GLN A 1 53  ? 20.572  6.808   -9.174  1.00 59.94  ? 53  GLN A CG  1 
ATOM   94   C CD  . GLN A 1 53  ? 21.716  6.575   -10.160 1.00 70.03  ? 53  GLN A CD  1 
ATOM   95   O OE1 . GLN A 1 53  ? 22.889  6.700   -9.803  1.00 77.00  ? 53  GLN A OE1 1 
ATOM   96   N NE2 . GLN A 1 53  ? 21.379  6.255   -11.412 1.00 72.38  ? 53  GLN A NE2 1 
ATOM   97   N N   . ARG A 1 54  ? 21.027  7.966   -4.528  1.00 57.96  ? 54  ARG A N   1 
ATOM   98   C CA  . ARG A 1 54  ? 21.270  7.736   -3.093  1.00 53.14  ? 54  ARG A CA  1 
ATOM   99   C C   . ARG A 1 54  ? 19.913  7.879   -2.376  1.00 53.05  ? 54  ARG A C   1 
ATOM   100  O O   . ARG A 1 54  ? 19.391  6.897   -1.815  1.00 52.56  ? 54  ARG A O   1 
ATOM   101  C CB  . ARG A 1 54  ? 22.354  8.677   -2.540  0.50 58.44  ? 54  ARG A CB  1 
ATOM   102  C CG  . ARG A 1 54  ? 23.006  8.240   -1.223  0.50 61.99  ? 54  ARG A CG  1 
ATOM   103  C CD  . ARG A 1 54  ? 24.036  9.268   -0.724  0.50 68.28  ? 54  ARG A CD  1 
ATOM   104  N NE  . ARG A 1 54  ? 24.649  8.910   0.563   0.50 73.65  ? 54  ARG A NE  1 
ATOM   105  C CZ  . ARG A 1 54  ? 25.686  9.541   1.121   0.50 78.85  ? 54  ARG A CZ  1 
ATOM   106  N NH1 . ARG A 1 54  ? 26.245  10.574  0.506   0.50 78.40  ? 54  ARG A NH1 1 
ATOM   107  N NH2 . ARG A 1 54  ? 26.174  9.137   2.297   0.50 73.84  ? 54  ARG A NH2 1 
ATOM   108  N N   . GLN A 1 55  ? 19.322  9.077   -2.461  1.00 48.50  ? 55  GLN A N   1 
ATOM   109  C CA  . GLN A 1 55  ? 17.999  9.389   -1.894  1.00 48.68  ? 55  GLN A CA  1 
ATOM   110  C C   . GLN A 1 55  ? 16.993  8.239   -2.026  1.00 50.09  ? 55  GLN A C   1 
ATOM   111  O O   . GLN A 1 55  ? 16.452  7.776   -1.015  1.00 53.94  ? 55  GLN A O   1 
ATOM   112  C CB  . GLN A 1 55  ? 17.433  10.649  -2.563  1.00 52.63  ? 55  GLN A CB  1 
ATOM   113  C CG  . GLN A 1 55  ? 16.434  11.441  -1.718  1.00 47.89  ? 55  GLN A CG  1 
ATOM   114  C CD  . GLN A 1 55  ? 16.026  12.729  -2.414  1.00 53.22  ? 55  GLN A CD  1 
ATOM   115  O OE1 . GLN A 1 55  ? 16.450  13.008  -3.535  1.00 64.31  ? 55  GLN A OE1 1 
ATOM   116  N NE2 . GLN A 1 55  ? 15.223  13.528  -1.751  1.00 45.57  ? 55  GLN A NE2 1 
ATOM   117  N N   . PHE A 1 56  ? 16.754  7.793   -3.266  1.00 47.12  ? 56  PHE A N   1 
ATOM   118  C CA  . PHE A 1 56  ? 16.018  6.564   -3.580  1.00 47.59  ? 56  PHE A CA  1 
ATOM   119  C C   . PHE A 1 56  ? 16.396  5.318   -2.767  1.00 54.00  ? 56  PHE A C   1 
ATOM   120  O O   . PHE A 1 56  ? 15.565  4.822   -1.986  1.00 60.81  ? 56  PHE A O   1 
ATOM   121  C CB  . PHE A 1 56  ? 16.180  6.257   -5.044  1.00 50.52  ? 56  PHE A CB  1 
ATOM   122  C CG  . PHE A 1 56  ? 15.215  5.256   -5.556  1.00 59.48  ? 56  PHE A CG  1 
ATOM   123  C CD1 . PHE A 1 56  ? 13.863  5.605   -5.761  1.00 64.66  ? 56  PHE A CD1 1 
ATOM   124  C CD2 . PHE A 1 56  ? 15.635  3.950   -5.849  1.00 59.26  ? 56  PHE A CD2 1 
ATOM   125  C CE1 . PHE A 1 56  ? 12.951  4.658   -6.245  1.00 66.53  ? 56  PHE A CE1 1 
ATOM   126  C CE2 . PHE A 1 56  ? 14.732  3.002   -6.340  1.00 63.49  ? 56  PHE A CE2 1 
ATOM   127  C CZ  . PHE A 1 56  ? 13.390  3.354   -6.543  1.00 62.77  ? 56  PHE A CZ  1 
ATOM   128  N N   . ARG A 1 57  ? 17.618  4.801   -2.932  1.00 53.50  ? 57  ARG A N   1 
ATOM   129  C CA  . ARG A 1 57  ? 18.053  3.628   -2.136  1.00 55.97  ? 57  ARG A CA  1 
ATOM   130  C C   . ARG A 1 57  ? 17.709  3.817   -0.670  1.00 60.59  ? 57  ARG A C   1 
ATOM   131  O O   . ARG A 1 57  ? 17.202  2.889   -0.039  1.00 59.22  ? 57  ARG A O   1 
ATOM   132  C CB  . ARG A 1 57  ? 19.555  3.322   -2.260  1.00 55.57  ? 57  ARG A CB  1 
ATOM   133  C CG  . ARG A 1 57  ? 19.896  2.352   -3.389  0.50 60.10  ? 57  ARG A CG  1 
ATOM   134  C CD  . ARG A 1 57  ? 21.390  2.093   -3.531  0.50 58.90  ? 57  ARG A CD  1 
ATOM   135  N NE  . ARG A 1 57  ? 22.062  3.077   -4.385  0.50 63.24  ? 57  ARG A NE  1 
ATOM   136  C CZ  . ARG A 1 57  ? 22.665  4.184   -3.940  0.50 63.50  ? 57  ARG A CZ  1 
ATOM   137  N NH1 . ARG A 1 57  ? 22.682  4.471   -2.642  0.50 63.85  ? 57  ARG A NH1 1 
ATOM   138  N NH2 . ARG A 1 57  ? 23.254  5.015   -4.793  0.50 59.51  ? 57  ARG A NH2 1 
ATOM   139  N N   . ASP A 1 58  ? 17.930  5.026   -0.147  1.00 58.36  ? 58  ASP A N   1 
ATOM   140  C CA  . ASP A 1 58  ? 17.779  5.265   1.286   1.00 60.24  ? 58  ASP A CA  1 
ATOM   141  C C   . ASP A 1 58  ? 16.332  5.173   1.708   1.00 64.45  ? 58  ASP A C   1 
ATOM   142  O O   . ASP A 1 58  ? 15.995  4.364   2.569   1.00 71.07  ? 58  ASP A O   1 
ATOM   143  C CB  . ASP A 1 58  ? 18.350  6.626   1.680   1.00 78.37  ? 58  ASP A CB  1 
ATOM   144  C CG  . ASP A 1 58  ? 19.885  6.640   1.756   1.00 82.92  ? 58  ASP A CG  1 
ATOM   145  O OD1 . ASP A 1 58  ? 20.554  5.949   0.957   1.00 78.35  ? 58  ASP A OD1 1 
ATOM   146  O OD2 . ASP A 1 58  ? 20.417  7.376   2.619   1.00 86.28  ? 58  ASP A OD2 1 
ATOM   147  N N   . TYR A 1 59  ? 15.483  6.012   1.116   1.00 66.52  ? 59  TYR A N   1 
ATOM   148  C CA  . TYR A 1 59  ? 14.032  5.978   1.325   1.00 61.55  ? 59  TYR A CA  1 
ATOM   149  C C   . TYR A 1 59  ? 13.498  4.555   1.159   1.00 54.66  ? 59  TYR A C   1 
ATOM   150  O O   . TYR A 1 59  ? 12.909  3.987   2.095   1.00 47.31  ? 59  TYR A O   1 
ATOM   151  C CB  . TYR A 1 59  ? 13.380  6.827   0.252   1.00 64.33  ? 59  TYR A CB  1 
ATOM   152  C CG  . TYR A 1 59  ? 11.940  7.165   0.472   1.00 61.08  ? 59  TYR A CG  1 
ATOM   153  C CD1 . TYR A 1 59  ? 11.538  7.848   1.608   1.00 60.96  ? 59  TYR A CD1 1 
ATOM   154  C CD2 . TYR A 1 59  ? 10.973  6.856   -0.498  1.00 72.24  ? 59  TYR A CD2 1 
ATOM   155  C CE1 . TYR A 1 59  ? 10.205  8.187   1.805   1.00 65.95  ? 59  TYR A CE1 1 
ATOM   156  C CE2 . TYR A 1 59  ? 9.623   7.203   -0.321  1.00 68.97  ? 59  TYR A CE2 1 
ATOM   157  C CZ  . TYR A 1 59  ? 9.250   7.869   0.838   1.00 65.82  ? 59  TYR A CZ  1 
ATOM   158  O OH  . TYR A 1 59  ? 7.940   8.229   1.041   1.00 63.45  ? 59  TYR A OH  1 
ATOM   159  N N   . THR A 1 60  ? 13.713  3.986   -0.033  1.00 48.06  ? 60  THR A N   1 
ATOM   160  C CA  . THR A 1 60  ? 13.302  2.597   -0.311  1.00 52.73  ? 60  THR A CA  1 
ATOM   161  C C   . THR A 1 60  ? 13.608  1.608   0.819   1.00 55.70  ? 60  THR A C   1 
ATOM   162  O O   . THR A 1 60  ? 12.713  0.905   1.308   1.00 63.26  ? 60  THR A O   1 
ATOM   163  C CB  . THR A 1 60  ? 13.841  2.130   -1.657  1.00 58.31  ? 60  THR A CB  1 
ATOM   164  O OG1 . THR A 1 60  ? 12.943  2.598   -2.655  1.00 64.49  ? 60  THR A OG1 1 
ATOM   165  C CG2 . THR A 1 60  ? 13.942  0.607   -1.768  1.00 58.43  ? 60  THR A CG2 1 
ATOM   166  N N   . ILE A 1 61  ? 14.855  1.595   1.267   1.00 54.14  ? 61  ILE A N   1 
ATOM   167  C CA  . ILE A 1 61  ? 15.249  0.798   2.417   1.00 53.17  ? 61  ILE A CA  1 
ATOM   168  C C   . ILE A 1 61  ? 14.515  1.193   3.716   1.00 53.43  ? 61  ILE A C   1 
ATOM   169  O O   . ILE A 1 61  ? 14.027  0.303   4.419   1.00 57.01  ? 61  ILE A O   1 
ATOM   170  C CB  . ILE A 1 61  ? 16.802  0.720   2.509   1.00 60.24  ? 61  ILE A CB  1 
ATOM   171  C CG1 . ILE A 1 61  ? 17.314  -0.172  1.357   1.00 60.32  ? 61  ILE A CG1 1 
ATOM   172  C CG2 . ILE A 1 61  ? 17.267  0.166   3.846   1.00 58.11  ? 61  ILE A CG2 1 
ATOM   173  C CD1 . ILE A 1 61  ? 18.661  0.192   0.791   1.00 59.92  ? 61  ILE A CD1 1 
ATOM   174  N N   . SER A 1 62  ? 14.373  2.493   4.011   1.00 50.54  ? 62  SER A N   1 
ATOM   175  C CA  . SER A 1 62  ? 13.553  2.916   5.161   1.00 48.86  ? 62  SER A CA  1 
ATOM   176  C C   . SER A 1 62  ? 12.074  2.472   5.087   1.00 54.53  ? 62  SER A C   1 
ATOM   177  O O   . SER A 1 62  ? 11.457  2.189   6.139   1.00 53.77  ? 62  SER A O   1 
ATOM   178  C CB  . SER A 1 62  ? 13.632  4.422   5.392   1.00 56.17  ? 62  SER A CB  1 
ATOM   179  O OG  . SER A 1 62  ? 12.483  5.091   4.883   1.00 60.67  ? 62  SER A OG  1 
ATOM   180  N N   . LEU A 1 63  ? 11.484  2.398   3.885   1.00 49.04  ? 63  LEU A N   1 
ATOM   181  C CA  . LEU A 1 63  ? 10.135  1.799   3.806   1.00 49.67  ? 63  LEU A CA  1 
ATOM   182  C C   . LEU A 1 63  ? 10.078  0.307   4.205   1.00 56.21  ? 63  LEU A C   1 
ATOM   183  O O   . LEU A 1 63  ? 9.074   -0.152  4.758   1.00 65.19  ? 63  LEU A O   1 
ATOM   184  C CB  . LEU A 1 63  ? 9.508   1.963   2.439   1.00 44.18  ? 63  LEU A CB  1 
ATOM   185  C CG  . LEU A 1 63  ? 9.370   3.384   1.921   1.00 44.92  ? 63  LEU A CG  1 
ATOM   186  C CD1 . LEU A 1 63  ? 8.982   3.347   0.455   1.00 41.50  ? 63  LEU A CD1 1 
ATOM   187  C CD2 . LEU A 1 63  ? 8.407   4.258   2.706   1.00 37.97  ? 63  LEU A CD2 1 
ATOM   188  N N   . TYR A 1 64  ? 11.116  -0.472  3.923   1.00 54.36  ? 64  TYR A N   1 
ATOM   189  C CA  . TYR A 1 64  ? 11.062  -1.872  4.354   1.00 56.07  ? 64  TYR A CA  1 
ATOM   190  C C   . TYR A 1 64  ? 11.359  -1.957  5.840   1.00 62.22  ? 64  TYR A C   1 
ATOM   191  O O   . TYR A 1 64  ? 10.755  -2.734  6.573   1.00 68.38  ? 64  TYR A O   1 
ATOM   192  C CB  . TYR A 1 64  ? 12.035  -2.737  3.584   1.00 44.08  ? 64  TYR A CB  1 
ATOM   193  C CG  . TYR A 1 64  ? 11.589  -3.102  2.188   1.00 45.12  ? 64  TYR A CG  1 
ATOM   194  C CD1 . TYR A 1 64  ? 11.238  -4.420  1.863   1.00 45.37  ? 64  TYR A CD1 1 
ATOM   195  C CD2 . TYR A 1 64  ? 11.575  -2.160  1.163   1.00 45.14  ? 64  TYR A CD2 1 
ATOM   196  C CE1 . TYR A 1 64  ? 10.889  -4.789  0.568   1.00 42.85  ? 64  TYR A CE1 1 
ATOM   197  C CE2 . TYR A 1 64  ? 11.193  -2.516  -0.145  1.00 47.08  ? 64  TYR A CE2 1 
ATOM   198  C CZ  . TYR A 1 64  ? 10.858  -3.835  -0.449  1.00 46.68  ? 64  TYR A CZ  1 
ATOM   199  O OH  . TYR A 1 64  ? 10.481  -4.196  -1.762  1.00 48.67  ? 64  TYR A OH  1 
ATOM   200  N N   . GLN A 1 65  ? 12.293  -1.137  6.281   1.00 67.05  ? 65  GLN A N   1 
ATOM   201  C CA  . GLN A 1 65  ? 12.716  -1.183  7.647   1.00 76.03  ? 65  GLN A CA  1 
ATOM   202  C C   . GLN A 1 65  ? 11.563  -0.820  8.561   1.00 73.86  ? 65  GLN A C   1 
ATOM   203  O O   . GLN A 1 65  ? 11.522  -1.275  9.691   1.00 81.92  ? 65  GLN A O   1 
ATOM   204  C CB  . GLN A 1 65  ? 13.890  -0.235  7.857   1.00 95.16  ? 65  GLN A CB  1 
ATOM   205  C CG  . GLN A 1 65  ? 14.720  -0.536  9.097   1.00 108.64 ? 65  GLN A CG  1 
ATOM   206  C CD  . GLN A 1 65  ? 16.171  -0.128  8.931   1.00 117.06 ? 65  GLN A CD  1 
ATOM   207  O OE1 . GLN A 1 65  ? 16.691  -0.084  7.811   1.00 113.41 ? 65  GLN A OE1 1 
ATOM   208  N NE2 . GLN A 1 65  ? 16.840  0.165   10.048  1.00 123.09 ? 65  GLN A NE2 1 
ATOM   209  N N   . GLN A 1 66  ? 10.631  -0.005  8.076   1.00 74.81  ? 66  GLN A N   1 
ATOM   210  C CA  . GLN A 1 66  ? 9.417   0.336   8.838   1.00 70.01  ? 66  GLN A CA  1 
ATOM   211  C C   . GLN A 1 66  ? 8.221   -0.571  8.496   1.00 63.62  ? 66  GLN A C   1 
ATOM   212  O O   . GLN A 1 66  ? 7.082   -0.295  8.921   1.00 61.16  ? 66  GLN A O   1 
ATOM   213  C CB  . GLN A 1 66  ? 9.030   1.791   8.600   1.00 77.04  ? 66  GLN A CB  1 
ATOM   214  C CG  . GLN A 1 66  ? 9.919   2.828   9.265   1.00 80.18  ? 66  GLN A CG  1 
ATOM   215  C CD  . GLN A 1 66  ? 9.765   4.190   8.590   1.00 88.75  ? 66  GLN A CD  1 
ATOM   216  O OE1 . GLN A 1 66  ? 9.009   5.058   9.053   1.00 86.00  ? 66  GLN A OE1 1 
ATOM   217  N NE2 . GLN A 1 66  ? 10.457  4.371   7.466   1.00 90.31  ? 66  GLN A NE2 1 
ATOM   218  N N   . GLY A 1 67  ? 8.492   -1.649  7.740   1.00 59.03  ? 67  GLY A N   1 
ATOM   219  C CA  . GLY A 1 67  ? 7.477   -2.597  7.255   1.00 51.83  ? 67  GLY A CA  1 
ATOM   220  C C   . GLY A 1 67  ? 6.220   -1.946  6.672   1.00 60.83  ? 67  GLY A C   1 
ATOM   221  O O   . GLY A 1 67  ? 5.122   -2.295  7.083   1.00 65.49  ? 67  GLY A O   1 
ATOM   222  N N   . PHE A 1 68  ? 6.372   -0.970  5.759   1.00 54.46  ? 68  PHE A N   1 
ATOM   223  C CA  . PHE A 1 68  ? 5.256   -0.493  4.958   1.00 51.80  ? 68  PHE A CA  1 
ATOM   224  C C   . PHE A 1 68  ? 5.189   -1.414  3.773   1.00 57.52  ? 68  PHE A C   1 
ATOM   225  O O   . PHE A 1 68  ? 4.155   -1.490  3.108   1.00 67.31  ? 68  PHE A O   1 
ATOM   226  C CB  . PHE A 1 68  ? 5.480   0.916   4.409   1.00 50.01  ? 68  PHE A CB  1 
ATOM   227  C CG  . PHE A 1 68  ? 5.264   2.025   5.408   1.00 49.38  ? 68  PHE A CG  1 
ATOM   228  C CD1 . PHE A 1 68  ? 4.010   2.596   5.571   1.00 48.80  ? 68  PHE A CD1 1 
ATOM   229  C CD2 . PHE A 1 68  ? 6.333   2.533   6.154   1.00 52.75  ? 68  PHE A CD2 1 
ATOM   230  C CE1 . PHE A 1 68  ? 3.817   3.636   6.486   1.00 57.09  ? 68  PHE A CE1 1 
ATOM   231  C CE2 . PHE A 1 68  ? 6.156   3.577   7.073   1.00 54.30  ? 68  PHE A CE2 1 
ATOM   232  C CZ  . PHE A 1 68  ? 4.889   4.137   7.245   1.00 53.48  ? 68  PHE A CZ  1 
ATOM   233  N N   . LEU A 1 69  ? 6.309   -2.083  3.482   1.00 52.99  ? 69  LEU A N   1 
ATOM   234  C CA  . LEU A 1 69  ? 6.396   -2.943  2.309   1.00 52.61  ? 69  LEU A CA  1 
ATOM   235  C C   . LEU A 1 69  ? 7.086   -4.258  2.627   1.00 51.05  ? 69  LEU A C   1 
ATOM   236  O O   . LEU A 1 69  ? 7.780   -4.353  3.648   1.00 48.31  ? 69  LEU A O   1 
ATOM   237  C CB  . LEU A 1 69  ? 7.141   -2.247  1.163   1.00 54.26  ? 69  LEU A CB  1 
ATOM   238  C CG  . LEU A 1 69  ? 6.667   -0.950  0.495   1.00 52.96  ? 69  LEU A CG  1 
ATOM   239  C CD1 . LEU A 1 69  ? 7.699   -0.627  -0.574  1.00 54.84  ? 69  LEU A CD1 1 
ATOM   240  C CD2 . LEU A 1 69  ? 5.263   -1.017  -0.122  1.00 48.96  ? 69  LEU A CD2 1 
ATOM   241  N N   . ASP A 1 70  ? 6.889   -5.254  1.751   1.00 46.44  ? 70  ASP A N   1 
ATOM   242  C CA  . ASP A 1 70  ? 7.542   -6.538  1.894   1.00 47.13  ? 70  ASP A CA  1 
ATOM   243  C C   . ASP A 1 70  ? 7.924   -7.215  0.573   1.00 49.71  ? 70  ASP A C   1 
ATOM   244  O O   . ASP A 1 70  ? 7.926   -6.601  -0.503  1.00 51.68  ? 70  ASP A O   1 
ATOM   245  C CB  . ASP A 1 70  ? 6.709   -7.478  2.772   1.00 52.28  ? 70  ASP A CB  1 
ATOM   246  C CG  . ASP A 1 70  ? 5.359   -7.885  2.135   1.00 60.52  ? 70  ASP A CG  1 
ATOM   247  O OD1 . ASP A 1 70  ? 5.245   -8.016  0.889   1.00 64.85  ? 70  ASP A OD1 1 
ATOM   248  O OD2 . ASP A 1 70  ? 4.399   -8.118  2.915   1.00 62.77  ? 70  ASP A OD2 1 
ATOM   249  N N   . ASP A 1 71  ? 8.233   -8.498  0.673   1.00 46.01  ? 71  ASP A N   1 
ATOM   250  C CA  . ASP A 1 71  ? 8.797   -9.236  -0.414  1.00 53.35  ? 71  ASP A CA  1 
ATOM   251  C C   . ASP A 1 71  ? 7.904   -9.291  -1.664  1.00 50.00  ? 71  ASP A C   1 
ATOM   252  O O   . ASP A 1 71  ? 8.397   -9.547  -2.777  1.00 50.19  ? 71  ASP A O   1 
ATOM   253  C CB  . ASP A 1 71  ? 9.129   -10.642 0.081   1.00 69.26  ? 71  ASP A CB  1 
ATOM   254  C CG  . ASP A 1 71  ? 9.977   -11.422 -0.898  1.00 83.75  ? 71  ASP A CG  1 
ATOM   255  O OD1 . ASP A 1 71  ? 11.016  -10.880 -1.346  1.00 83.33  ? 71  ASP A OD1 1 
ATOM   256  O OD2 . ASP A 1 71  ? 9.598   -12.579 -1.220  1.00 95.09  ? 71  ASP A OD2 1 
ATOM   257  N N   . GLN A 1 72  ? 6.606   -9.039  -1.501  1.00 47.80  ? 72  GLN A N   1 
ATOM   258  C CA  . GLN A 1 72  ? 5.688   -9.136  -2.632  1.00 45.66  ? 72  GLN A CA  1 
ATOM   259  C C   . GLN A 1 72  ? 5.754   -7.862  -3.446  1.00 48.04  ? 72  GLN A C   1 
ATOM   260  O O   . GLN A 1 72  ? 5.523   -7.890  -4.666  1.00 49.90  ? 72  GLN A O   1 
ATOM   261  C CB  . GLN A 1 72  ? 4.244   -9.416  -2.196  1.00 55.19  ? 72  GLN A CB  1 
ATOM   262  C CG  . GLN A 1 72  ? 3.949   -10.758 -1.519  1.00 56.63  ? 72  GLN A CG  1 
ATOM   263  C CD  . GLN A 1 72  ? 4.701   -11.938 -2.141  1.00 72.84  ? 72  GLN A CD  1 
ATOM   264  O OE1 . GLN A 1 72  ? 5.594   -12.546 -1.482  1.00 64.53  ? 72  GLN A OE1 1 
ATOM   265  N NE2 . GLN A 1 72  ? 4.366   -12.267 -3.420  1.00 63.15  ? 72  GLN A NE2 1 
ATOM   266  N N   . PHE A 1 73  ? 6.089   -6.739  -2.798  1.00 46.32  ? 73  PHE A N   1 
ATOM   267  C CA  . PHE A 1 73  ? 6.317   -5.478  -3.562  1.00 48.81  ? 73  PHE A CA  1 
ATOM   268  C C   . PHE A 1 73  ? 7.516   -5.714  -4.468  1.00 51.02  ? 73  PHE A C   1 
ATOM   269  O O   . PHE A 1 73  ? 7.419   -5.648  -5.699  1.00 48.42  ? 73  PHE A O   1 
ATOM   270  C CB  . PHE A 1 73  ? 6.578   -4.270  -2.649  1.00 46.68  ? 73  PHE A CB  1 
ATOM   271  C CG  . PHE A 1 73  ? 6.669   -2.986  -3.393  1.00 48.81  ? 73  PHE A CG  1 
ATOM   272  C CD1 . PHE A 1 73  ? 5.513   -2.297  -3.770  1.00 55.80  ? 73  PHE A CD1 1 
ATOM   273  C CD2 . PHE A 1 73  ? 7.903   -2.455  -3.750  1.00 52.37  ? 73  PHE A CD2 1 
ATOM   274  C CE1 . PHE A 1 73  ? 5.575   -1.100  -4.484  1.00 51.49  ? 73  PHE A CE1 1 
ATOM   275  C CE2 . PHE A 1 73  ? 7.982   -1.259  -4.468  1.00 49.46  ? 73  PHE A CE2 1 
ATOM   276  C CZ  . PHE A 1 73  ? 6.811   -0.581  -4.834  1.00 53.48  ? 73  PHE A CZ  1 
ATOM   277  N N   . THR A 1 74  ? 8.644   -6.005  -3.819  1.00 49.85  ? 74  THR A N   1 
ATOM   278  C CA  . THR A 1 74  ? 9.834   -6.504  -4.482  1.00 50.21  ? 74  THR A CA  1 
ATOM   279  C C   . THR A 1 74  ? 9.511   -7.408  -5.658  1.00 53.73  ? 74  THR A C   1 
ATOM   280  O O   . THR A 1 74  ? 9.881   -7.111  -6.789  1.00 66.04  ? 74  THR A O   1 
ATOM   281  C CB  . THR A 1 74  ? 10.719  -7.271  -3.486  1.00 52.66  ? 74  THR A CB  1 
ATOM   282  O OG1 . THR A 1 74  ? 10.873  -6.498  -2.285  1.00 48.63  ? 74  THR A OG1 1 
ATOM   283  C CG2 . THR A 1 74  ? 12.069  -7.538  -4.083  1.00 46.85  ? 74  THR A CG2 1 
ATOM   284  N N   . GLU A 1 75  ? 8.815   -8.505  -5.397  1.00 52.80  ? 75  GLU A N   1 
ATOM   285  C CA  . GLU A 1 75  ? 8.409   -9.439  -6.454  1.00 52.99  ? 75  GLU A CA  1 
ATOM   286  C C   . GLU A 1 75  ? 7.672   -8.806  -7.659  1.00 51.03  ? 75  GLU A C   1 
ATOM   287  O O   . GLU A 1 75  ? 7.723   -9.288  -8.797  1.00 52.20  ? 75  GLU A O   1 
ATOM   288  C CB  . GLU A 1 75  ? 7.548   -10.518 -5.825  1.00 54.55  ? 75  GLU A CB  1 
ATOM   289  C CG  . GLU A 1 75  ? 7.774   -11.870 -6.463  1.00 70.36  ? 75  GLU A CG  1 
ATOM   290  C CD  . GLU A 1 75  ? 9.111   -12.472 -6.077  1.00 82.36  ? 75  GLU A CD  1 
ATOM   291  O OE1 . GLU A 1 75  ? 9.571   -12.216 -4.932  1.00 85.77  ? 75  GLU A OE1 1 
ATOM   292  O OE2 . GLU A 1 75  ? 9.691   -13.198 -6.920  1.00 90.32  ? 75  GLU A OE2 1 
ATOM   293  N N   . LEU A 1 76  ? 6.986   -7.717  -7.393  1.00 48.58  ? 76  LEU A N   1 
ATOM   294  C CA  . LEU A 1 76  ? 6.226   -7.043  -8.410  1.00 49.61  ? 76  LEU A CA  1 
ATOM   295  C C   . LEU A 1 76  ? 7.051   -6.021  -9.240  1.00 54.69  ? 76  LEU A C   1 
ATOM   296  O O   . LEU A 1 76  ? 6.791   -5.836  -10.454 1.00 54.16  ? 76  LEU A O   1 
ATOM   297  C CB  . LEU A 1 76  ? 5.049   -6.399  -7.703  1.00 49.16  ? 76  LEU A CB  1 
ATOM   298  C CG  . LEU A 1 76  ? 4.404   -5.128  -8.199  1.00 48.31  ? 76  LEU A CG  1 
ATOM   299  C CD1 . LEU A 1 76  ? 3.552   -5.396  -9.440  1.00 46.32  ? 76  LEU A CD1 1 
ATOM   300  C CD2 . LEU A 1 76  ? 3.599   -4.586  -7.045  1.00 41.44  ? 76  LEU A CD2 1 
ATOM   301  N N   . LYS A 1 77  ? 8.022   -5.354  -8.590  1.00 53.06  ? 77  LYS A N   1 
ATOM   302  C CA  . LYS A 1 77  ? 9.105   -4.614  -9.287  1.00 50.68  ? 77  LYS A CA  1 
ATOM   303  C C   . LYS A 1 77  ? 9.807   -5.480  -10.356 1.00 54.28  ? 77  LYS A C   1 
ATOM   304  O O   . LYS A 1 77  ? 10.016  -5.061  -11.508 1.00 52.26  ? 77  LYS A O   1 
ATOM   305  C CB  . LYS A 1 77  ? 10.150  -4.123  -8.286  1.00 47.16  ? 77  LYS A CB  1 
ATOM   306  C CG  . LYS A 1 77  ? 9.722   -2.938  -7.440  1.00 51.28  ? 77  LYS A CG  1 
ATOM   307  C CD  . LYS A 1 77  ? 9.210   -1.799  -8.333  1.00 54.63  ? 77  LYS A CD  1 
ATOM   308  C CE  . LYS A 1 77  ? 9.701   -0.429  -7.878  0.50 50.13  ? 77  LYS A CE  1 
ATOM   309  N NZ  . LYS A 1 77  ? 9.970   0.443   -9.049  0.50 49.00  ? 77  LYS A NZ  1 
ATOM   310  N N   . LYS A 1 78  ? 10.133  -6.706  -9.966  1.00 56.68  ? 78  LYS A N   1 
ATOM   311  C CA  . LYS A 1 78  ? 10.719  -7.666  -10.864 1.00 61.47  ? 78  LYS A CA  1 
ATOM   312  C C   . LYS A 1 78  ? 9.913   -7.849  -12.133 1.00 69.62  ? 78  LYS A C   1 
ATOM   313  O O   . LYS A 1 78  ? 10.361  -8.556  -13.037 1.00 82.55  ? 78  LYS A O   1 
ATOM   314  C CB  . LYS A 1 78  ? 10.866  -9.027  -10.177 1.00 68.50  ? 78  LYS A CB  1 
ATOM   315  C CG  . LYS A 1 78  ? 11.913  -9.126  -9.064  1.00 75.21  ? 78  LYS A CG  1 
ATOM   316  C CD  . LYS A 1 78  ? 11.973  -10.573 -8.554  1.00 78.92  ? 78  LYS A CD  1 
ATOM   317  C CE  . LYS A 1 78  ? 13.092  -10.833 -7.557  1.00 73.27  ? 78  LYS A CE  1 
ATOM   318  N NZ  . LYS A 1 78  ? 13.217  -12.303 -7.347  1.00 83.22  ? 78  LYS A NZ  1 
ATOM   319  N N   . LEU A 1 79  ? 8.724   -7.256  -12.222 1.00 75.35  ? 79  LEU A N   1 
ATOM   320  C CA  . LEU A 1 79  ? 7.923   -7.445  -13.439 1.00 76.86  ? 79  LEU A CA  1 
ATOM   321  C C   . LEU A 1 79  ? 7.983   -6.205  -14.330 1.00 81.31  ? 79  LEU A C   1 
ATOM   322  O O   . LEU A 1 79  ? 7.239   -6.082  -15.293 1.00 83.98  ? 79  LEU A O   1 
ATOM   323  C CB  . LEU A 1 79  ? 6.490   -7.921  -13.128 1.00 72.94  ? 79  LEU A CB  1 
ATOM   324  C CG  . LEU A 1 79  ? 6.261   -8.948  -11.981 1.00 84.01  ? 79  LEU A CG  1 
ATOM   325  C CD1 . LEU A 1 79  ? 4.848   -8.794  -11.448 1.00 85.93  ? 79  LEU A CD1 1 
ATOM   326  C CD2 . LEU A 1 79  ? 6.537   -10.438 -12.260 1.00 69.43  ? 79  LEU A CD2 1 
ATOM   327  N N   . GLN A 1 80  ? 8.901   -5.295  -14.025 1.00 92.05  ? 80  GLN A N   1 
ATOM   328  C CA  . GLN A 1 80  ? 9.221   -4.207  -14.951 1.00 113.31 ? 80  GLN A CA  1 
ATOM   329  C C   . GLN A 1 80  ? 10.016  -4.744  -16.164 1.00 122.72 ? 80  GLN A C   1 
ATOM   330  O O   . GLN A 1 80  ? 10.487  -5.880  -16.140 1.00 126.47 ? 80  GLN A O   1 
ATOM   331  C CB  . GLN A 1 80  ? 10.031  -3.129  -14.231 1.00 113.20 ? 80  GLN A CB  1 
ATOM   332  C CG  . GLN A 1 80  ? 9.677   -1.716  -14.658 1.00 114.24 ? 80  GLN A CG  1 
ATOM   333  C CD  . GLN A 1 80  ? 8.676   -1.057  -13.728 1.00 108.58 ? 80  GLN A CD  1 
ATOM   334  O OE1 . GLN A 1 80  ? 8.990   -0.768  -12.564 1.00 97.34  ? 80  GLN A OE1 1 
ATOM   335  N NE2 . GLN A 1 80  ? 7.469   -0.796  -14.240 1.00 96.05  ? 80  GLN A NE2 1 
ATOM   336  N N   . ASP A 1 81  ? 10.159  -3.931  -17.213 1.00 135.34 ? 81  ASP A N   1 
ATOM   337  C CA  . ASP A 1 81  ? 10.978  -4.288  -18.389 1.00 130.93 ? 81  ASP A CA  1 
ATOM   338  C C   . ASP A 1 81  ? 12.330  -3.568  -18.384 1.00 125.46 ? 81  ASP A C   1 
ATOM   339  O O   . ASP A 1 81  ? 12.483  -2.517  -17.746 1.00 121.88 ? 81  ASP A O   1 
ATOM   340  C CB  . ASP A 1 81  ? 10.221  -4.013  -19.699 1.00 131.52 ? 81  ASP A CB  1 
ATOM   341  C CG  . ASP A 1 81  ? 9.503   -2.651  -19.703 1.00 145.70 ? 81  ASP A CG  1 
ATOM   342  O OD1 . ASP A 1 81  ? 9.919   -1.728  -18.950 1.00 146.53 ? 81  ASP A OD1 1 
ATOM   343  O OD2 . ASP A 1 81  ? 8.515   -2.500  -20.468 1.00 144.32 ? 81  ASP A OD2 1 
ATOM   344  N N   . PRO A 1 85  ? 7.664   -0.284  -17.885 1.00 110.53 ? 85  PRO A N   1 
ATOM   345  C CA  . PRO A 1 85  ? 8.245   1.067   -17.974 1.00 100.23 ? 85  PRO A CA  1 
ATOM   346  C C   . PRO A 1 85  ? 7.805   1.965   -16.807 1.00 90.61  ? 85  PRO A C   1 
ATOM   347  O O   . PRO A 1 85  ? 8.556   2.838   -16.385 1.00 82.02  ? 85  PRO A O   1 
ATOM   348  C CB  . PRO A 1 85  ? 7.722   1.600   -19.322 1.00 97.80  ? 85  PRO A CB  1 
ATOM   349  C CG  . PRO A 1 85  ? 6.755   0.566   -19.852 1.00 104.61 ? 85  PRO A CG  1 
ATOM   350  C CD  . PRO A 1 85  ? 6.499   -0.454  -18.774 1.00 100.30 ? 85  PRO A CD  1 
ATOM   351  N N   . ASP A 1 86  ? 6.576   1.746   -16.330 1.00 81.64  ? 86  ASP A N   1 
ATOM   352  C CA  . ASP A 1 86  ? 6.024   2.330   -15.095 1.00 77.96  ? 86  ASP A CA  1 
ATOM   353  C C   . ASP A 1 86  ? 4.723   1.575   -14.687 1.00 79.08  ? 86  ASP A C   1 
ATOM   354  O O   . ASP A 1 86  ? 3.890   2.088   -13.929 1.00 69.85  ? 86  ASP A O   1 
ATOM   355  C CB  . ASP A 1 86  ? 5.755   3.830   -15.265 1.00 80.48  ? 86  ASP A CB  1 
ATOM   356  C CG  . ASP A 1 86  ? 4.696   4.124   -16.346 1.00 83.72  ? 86  ASP A CG  1 
ATOM   357  O OD1 . ASP A 1 86  ? 4.148   3.152   -16.944 1.00 90.58  ? 86  ASP A OD1 1 
ATOM   358  O OD2 . ASP A 1 86  ? 4.421   5.326   -16.605 1.00 59.59  ? 86  ASP A OD2 1 
ATOM   359  N N   . PHE A 1 87  ? 4.566   0.360   -15.227 1.00 77.06  ? 87  PHE A N   1 
ATOM   360  C CA  . PHE A 1 87  ? 3.476   -0.591  -14.924 1.00 60.50  ? 87  PHE A CA  1 
ATOM   361  C C   . PHE A 1 87  ? 3.274   -0.879  -13.415 1.00 61.55  ? 87  PHE A C   1 
ATOM   362  O O   . PHE A 1 87  ? 2.148   -1.045  -12.959 1.00 58.77  ? 87  PHE A O   1 
ATOM   363  C CB  . PHE A 1 87  ? 3.697   -1.847  -15.791 1.00 58.69  ? 87  PHE A CB  1 
ATOM   364  C CG  . PHE A 1 87  ? 3.367   -3.166  -15.131 1.00 57.26  ? 87  PHE A CG  1 
ATOM   365  C CD1 . PHE A 1 87  ? 2.397   -4.007  -15.694 1.00 54.45  ? 87  PHE A CD1 1 
ATOM   366  C CD2 . PHE A 1 87  ? 4.070   -3.620  -14.008 1.00 55.78  ? 87  PHE A CD2 1 
ATOM   367  C CE1 . PHE A 1 87  ? 2.087   -5.237  -15.128 1.00 46.32  ? 87  PHE A CE1 1 
ATOM   368  C CE2 . PHE A 1 87  ? 3.775   -4.870  -13.439 1.00 58.77  ? 87  PHE A CE2 1 
ATOM   369  C CZ  . PHE A 1 87  ? 2.778   -5.670  -13.996 1.00 50.76  ? 87  PHE A CZ  1 
ATOM   370  N N   . VAL A 1 88  ? 4.353   -0.907  -12.638 1.00 55.63  ? 88  VAL A N   1 
ATOM   371  C CA  . VAL A 1 88  ? 4.210   -1.010  -11.200 1.00 53.10  ? 88  VAL A CA  1 
ATOM   372  C C   . VAL A 1 88  ? 3.263   0.057   -10.630 1.00 51.19  ? 88  VAL A C   1 
ATOM   373  O O   . VAL A 1 88  ? 2.410   -0.251  -9.803  1.00 55.89  ? 88  VAL A O   1 
ATOM   374  C CB  . VAL A 1 88  ? 5.581   -1.037  -10.485 1.00 55.35  ? 88  VAL A CB  1 
ATOM   375  C CG1 . VAL A 1 88  ? 5.465   -0.641  -9.028  1.00 51.06  ? 88  VAL A CG1 1 
ATOM   376  C CG2 . VAL A 1 88  ? 6.199   -2.428  -10.604 1.00 64.28  ? 88  VAL A CG2 1 
ATOM   377  N N   . SER A 1 89  ? 3.385   1.299   -11.070 1.00 54.84  ? 89  SER A N   1 
ATOM   378  C CA  . SER A 1 89  ? 2.479   2.380   -10.613 1.00 56.49  ? 89  SER A CA  1 
ATOM   379  C C   . SER A 1 89  ? 1.009   2.189   -11.019 1.00 56.26  ? 89  SER A C   1 
ATOM   380  O O   . SER A 1 89  ? 0.111   2.650   -10.319 1.00 64.47  ? 89  SER A O   1 
ATOM   381  C CB  . SER A 1 89  ? 2.907   3.713   -11.193 1.00 61.16  ? 89  SER A CB  1 
ATOM   382  O OG  . SER A 1 89  ? 2.452   3.797   -12.557 1.00 58.59  ? 89  SER A OG  1 
ATOM   383  N N   . GLU A 1 90  ? 0.758   1.585   -12.175 1.00 53.72  ? 90  GLU A N   1 
ATOM   384  C CA  . GLU A 1 90  ? -0.625  1.371   -12.597 1.00 55.55  ? 90  GLU A CA  1 
ATOM   385  C C   . GLU A 1 90  ? -1.291  0.283   -11.728 1.00 54.77  ? 90  GLU A C   1 
ATOM   386  O O   . GLU A 1 90  ? -2.458  0.419   -11.277 1.00 45.35  ? 90  GLU A O   1 
ATOM   387  C CB  . GLU A 1 90  ? -0.695  1.035   -14.082 1.00 65.88  ? 90  GLU A CB  1 
ATOM   388  C CG  . GLU A 1 90  ? -0.438  2.233   -14.988 1.00 83.14  ? 90  GLU A CG  1 
ATOM   389  C CD  . GLU A 1 90  ? 0.617   1.944   -16.060 1.00 102.17 ? 90  GLU A CD  1 
ATOM   390  O OE1 . GLU A 1 90  ? 1.718   1.451   -15.712 1.00 94.90  ? 90  GLU A OE1 1 
ATOM   391  O OE2 . GLU A 1 90  ? 0.354   2.223   -17.257 1.00 114.84 ? 90  GLU A OE2 1 
ATOM   392  N N   . VAL A 1 91  ? -0.527  -0.783  -11.463 1.00 47.13  ? 91  VAL A N   1 
ATOM   393  C CA  . VAL A 1 91  ? -1.023  -1.811  -10.610 1.00 35.87  ? 91  VAL A CA  1 
ATOM   394  C C   . VAL A 1 91  ? -1.372  -1.179  -9.288  1.00 33.33  ? 91  VAL A C   1 
ATOM   395  O O   . VAL A 1 91  ? -2.475  -1.377  -8.797  1.00 33.91  ? 91  VAL A O   1 
ATOM   396  C CB  . VAL A 1 91  ? -0.050  -2.975  -10.468 1.00 35.88  ? 91  VAL A CB  1 
ATOM   397  C CG1 . VAL A 1 91  ? -0.416  -3.838  -9.245  1.00 30.53  ? 91  VAL A CG1 1 
ATOM   398  C CG2 . VAL A 1 91  ? -0.122  -3.812  -11.722 1.00 39.19  ? 91  VAL A CG2 1 
ATOM   399  N N   . LEU A 1 92  ? -0.478  -0.370  -8.733  1.00 32.85  ? 92  LEU A N   1 
ATOM   400  C CA  . LEU A 1 92  ? -0.775  0.228   -7.412  1.00 35.36  ? 92  LEU A CA  1 
ATOM   401  C C   . LEU A 1 92  ? -1.992  1.133   -7.372  1.00 40.91  ? 92  LEU A C   1 
ATOM   402  O O   . LEU A 1 92  ? -2.567  1.348   -6.295  1.00 44.07  ? 92  LEU A O   1 
ATOM   403  C CB  . LEU A 1 92  ? 0.418   0.988   -6.861  1.00 38.04  ? 92  LEU A CB  1 
ATOM   404  C CG  . LEU A 1 92  ? 1.068   0.014   -5.877  1.00 38.23  ? 92  LEU A CG  1 
ATOM   405  C CD1 . LEU A 1 92  ? 2.546   -0.075  -6.095  1.00 43.03  ? 92  LEU A CD1 1 
ATOM   406  C CD2 . LEU A 1 92  ? 0.742   0.367   -4.450  1.00 35.50  ? 92  LEU A CD2 1 
ATOM   407  N N   . SER A 1 93  ? -2.397  1.684   -8.519  1.00 35.91  ? 93  SER A N   1 
ATOM   408  C CA  . SER A 1 93  ? -3.508  2.561   -8.441  1.00 38.12  ? 93  SER A CA  1 
ATOM   409  C C   . SER A 1 93  ? -4.712  1.670   -8.411  1.00 45.55  ? 93  SER A C   1 
ATOM   410  O O   . SER A 1 93  ? -5.690  2.006   -7.732  1.00 55.90  ? 93  SER A O   1 
ATOM   411  C CB  . SER A 1 93  ? -3.520  3.602   -9.576  1.00 42.38  ? 93  SER A CB  1 
ATOM   412  O OG  . SER A 1 93  ? -4.008  3.078   -10.792 1.00 38.31  ? 93  SER A OG  1 
ATOM   413  N N   . LEU A 1 94  ? -4.645  0.515   -9.094  1.00 45.52  ? 94  LEU A N   1 
ATOM   414  C CA  . LEU A 1 94  ? -5.775  -0.454  -9.078  1.00 43.46  ? 94  LEU A CA  1 
ATOM   415  C C   . LEU A 1 94  ? -5.949  -0.929  -7.634  1.00 41.44  ? 94  LEU A C   1 
ATOM   416  O O   . LEU A 1 94  ? -7.059  -1.021  -7.127  1.00 49.87  ? 94  LEU A O   1 
ATOM   417  C CB  . LEU A 1 94  ? -5.561  -1.649  -10.043 1.00 39.03  ? 94  LEU A CB  1 
ATOM   418  C CG  . LEU A 1 94  ? -5.585  -1.373  -11.541 1.00 40.10  ? 94  LEU A CG  1 
ATOM   419  C CD1 . LEU A 1 94  ? -5.323  -2.625  -12.360 1.00 40.44  ? 94  LEU A CD1 1 
ATOM   420  C CD2 . LEU A 1 94  ? -6.877  -0.706  -12.015 1.00 40.57  ? 94  LEU A CD2 1 
ATOM   421  N N   . PHE A 1 95  ? -4.843  -1.167  -6.953  1.00 40.72  ? 95  PHE A N   1 
ATOM   422  C CA  . PHE A 1 95  ? -4.894  -1.419  -5.502  1.00 42.86  ? 95  PHE A CA  1 
ATOM   423  C C   . PHE A 1 95  ? -5.485  -0.280  -4.641  1.00 40.78  ? 95  PHE A C   1 
ATOM   424  O O   . PHE A 1 95  ? -6.305  -0.534  -3.744  1.00 43.14  ? 95  PHE A O   1 
ATOM   425  C CB  . PHE A 1 95  ? -3.530  -1.818  -4.936  1.00 35.44  ? 95  PHE A CB  1 
ATOM   426  C CG  . PHE A 1 95  ? -3.514  -1.872  -3.445  1.00 41.75  ? 95  PHE A CG  1 
ATOM   427  C CD1 . PHE A 1 95  ? -4.183  -2.897  -2.764  1.00 38.89  ? 95  PHE A CD1 1 
ATOM   428  C CD2 . PHE A 1 95  ? -2.844  -0.886  -2.694  1.00 44.13  ? 95  PHE A CD2 1 
ATOM   429  C CE1 . PHE A 1 95  ? -4.153  -2.949  -1.373  1.00 45.37  ? 95  PHE A CE1 1 
ATOM   430  C CE2 . PHE A 1 95  ? -2.812  -0.944  -1.294  1.00 44.26  ? 95  PHE A CE2 1 
ATOM   431  C CZ  . PHE A 1 95  ? -3.487  -1.960  -0.626  1.00 40.85  ? 95  PHE A CZ  1 
ATOM   432  N N   . PHE A 1 96  ? -5.056  0.957   -4.827  1.00 36.87  ? 96  PHE A N   1 
ATOM   433  C CA  . PHE A 1 96  ? -5.776  2.015   -4.063  1.00 40.80  ? 96  PHE A CA  1 
ATOM   434  C C   . PHE A 1 96  ? -7.281  2.215   -4.438  1.00 43.00  ? 96  PHE A C   1 
ATOM   435  O O   . PHE A 1 96  ? -8.093  2.614   -3.600  1.00 41.16  ? 96  PHE A O   1 
ATOM   436  C CB  . PHE A 1 96  ? -5.006  3.329   -4.010  1.00 37.78  ? 96  PHE A CB  1 
ATOM   437  C CG  . PHE A 1 96  ? -3.626  3.205   -3.397  1.00 40.00  ? 96  PHE A CG  1 
ATOM   438  C CD1 . PHE A 1 96  ? -3.458  2.935   -2.045  1.00 39.43  ? 96  PHE A CD1 1 
ATOM   439  C CD2 . PHE A 1 96  ? -2.492  3.386   -4.163  1.00 38.98  ? 96  PHE A CD2 1 
ATOM   440  C CE1 . PHE A 1 96  ? -2.173  2.834   -1.478  1.00 42.67  ? 96  PHE A CE1 1 
ATOM   441  C CE2 . PHE A 1 96  ? -1.211  3.261   -3.607  1.00 39.58  ? 96  PHE A CE2 1 
ATOM   442  C CZ  . PHE A 1 96  ? -1.043  3.015   -2.258  1.00 37.94  ? 96  PHE A CZ  1 
ATOM   443  N N   . GLU A 1 97  ? -7.675  1.913   -5.677  1.00 44.23  ? 97  GLU A N   1 
ATOM   444  C CA  . GLU A 1 97  ? -9.112  1.938   -6.010  1.00 40.74  ? 97  GLU A CA  1 
ATOM   445  C C   . GLU A 1 97  ? -9.845  0.904   -5.186  1.00 42.10  ? 97  GLU A C   1 
ATOM   446  O O   . GLU A 1 97  ? -10.975 1.128   -4.720  1.00 42.09  ? 97  GLU A O   1 
ATOM   447  C CB  . GLU A 1 97  ? -9.289  1.659   -7.477  1.00 46.81  ? 97  GLU A CB  1 
ATOM   448  C CG  . GLU A 1 97  ? -8.712  2.773   -8.344  1.00 47.49  ? 97  GLU A CG  1 
ATOM   449  C CD  . GLU A 1 97  ? -9.087  2.607   -9.793  1.00 52.82  ? 97  GLU A CD  1 
ATOM   450  O OE1 . GLU A 1 97  ? -9.571  1.507   -10.169 1.00 55.14  ? 97  GLU A OE1 1 
ATOM   451  O OE2 . GLU A 1 97  ? -8.874  3.565   -10.557 1.00 52.48  ? 97  GLU A OE2 1 
ATOM   452  N N   . ASP A 1 98  ? -9.153  -0.220  -4.966  1.00 45.78  ? 98  ASP A N   1 
ATOM   453  C CA  . ASP A 1 98  ? -9.600  -1.278  -4.053  1.00 45.57  ? 98  ASP A CA  1 
ATOM   454  C C   . ASP A 1 98  ? -9.734  -0.838  -2.613  1.00 43.43  ? 98  ASP A C   1 
ATOM   455  O O   . ASP A 1 98  ? -10.700 -1.212  -1.964  1.00 46.36  ? 98  ASP A O   1 
ATOM   456  C CB  . ASP A 1 98  ? -8.694  -2.520  -4.115  1.00 47.27  ? 98  ASP A CB  1 
ATOM   457  C CG  . ASP A 1 98  ? -9.151  -3.491  -5.169  1.00 62.78  ? 98  ASP A CG  1 
ATOM   458  O OD1 . ASP A 1 98  ? -10.162 -3.138  -5.853  1.00 66.76  ? 98  ASP A OD1 1 
ATOM   459  O OD2 . ASP A 1 98  ? -8.540  -4.591  -5.299  1.00 59.97  ? 98  ASP A OD2 1 
ATOM   460  N N   . CYS A 1 99  ? -8.770  -0.097  -2.087  1.00 37.14  ? 99  CYS A N   1 
ATOM   461  C CA  . CYS A 1 99  ? -8.924  0.337   -0.728  1.00 36.63  ? 99  CYS A CA  1 
ATOM   462  C C   . CYS A 1 99  ? -10.228 1.162   -0.608  1.00 40.21  ? 99  CYS A C   1 
ATOM   463  O O   . CYS A 1 99  ? -11.075 0.955   0.296   1.00 37.14  ? 99  CYS A O   1 
ATOM   464  C CB  . CYS A 1 99  ? -7.722  1.154   -0.352  1.00 40.78  ? 99  CYS A CB  1 
ATOM   465  S SG  . CYS A 1 99  ? -6.203  0.161   -0.321  1.00 45.02  ? 99  CYS A SG  1 
ATOM   466  N N   . VAL A 1 100 ? -10.436 2.044   -1.580  1.00 39.48  ? 100 VAL A N   1 
ATOM   467  C CA  . VAL A 1 100 ? -11.404 3.065   -1.424  1.00 37.42  ? 100 VAL A CA  1 
ATOM   468  C C   . VAL A 1 100 ? -12.696 2.339   -1.445  1.00 42.73  ? 100 VAL A C   1 
ATOM   469  O O   . VAL A 1 100 ? -13.555 2.576   -0.561  1.00 46.91  ? 100 VAL A O   1 
ATOM   470  C CB  . VAL A 1 100 ? -11.311 4.068   -2.582  1.00 46.75  ? 100 VAL A CB  1 
ATOM   471  C CG1 . VAL A 1 100 ? -12.633 4.850   -2.771  1.00 44.02  ? 100 VAL A CG1 1 
ATOM   472  C CG2 . VAL A 1 100 ? -10.134 5.004   -2.345  1.00 38.90  ? 100 VAL A CG2 1 
ATOM   473  N N   . LYS A 1 101 ? -12.818 1.437   -2.433  1.00 36.65  ? 101 LYS A N   1 
ATOM   474  C CA  . LYS A 1 101 ? -14.061 0.736   -2.640  1.00 33.68  ? 101 LYS A CA  1 
ATOM   475  C C   . LYS A 1 101 ? -14.328 -0.127  -1.467  1.00 36.21  ? 101 LYS A C   1 
ATOM   476  O O   . LYS A 1 101 ? -15.396 -0.065  -0.867  1.00 38.24  ? 101 LYS A O   1 
ATOM   477  C CB  . LYS A 1 101 ? -13.960 -0.168  -3.856  1.00 36.51  ? 101 LYS A CB  1 
ATOM   478  C CG  . LYS A 1 101 ? -15.228 -0.931  -4.141  1.00 33.28  ? 101 LYS A CG  1 
ATOM   479  C CD  . LYS A 1 101 ? -14.924 -2.308  -4.674  1.00 34.45  ? 101 LYS A CD  1 
ATOM   480  C CE  . LYS A 1 101 ? -16.177 -2.911  -5.294  1.00 40.47  ? 101 LYS A CE  1 
ATOM   481  N NZ  . LYS A 1 101 ? -16.000 -4.255  -5.935  1.00 46.56  ? 101 LYS A NZ  1 
ATOM   482  N N   . LEU A 1 102 ? -13.359 -0.992  -1.155  1.00 42.67  ? 102 LEU A N   1 
ATOM   483  C CA  . LEU A 1 102 ? -13.566 -2.008  -0.129  1.00 40.22  ? 102 LEU A CA  1 
ATOM   484  C C   . LEU A 1 102 ? -13.799 -1.313  1.171   1.00 40.73  ? 102 LEU A C   1 
ATOM   485  O O   . LEU A 1 102 ? -14.734 -1.661  1.891   1.00 46.85  ? 102 LEU A O   1 
ATOM   486  C CB  . LEU A 1 102 ? -12.410 -2.988  -0.032  1.00 41.73  ? 102 LEU A CB  1 
ATOM   487  C CG  . LEU A 1 102 ? -12.310 -3.902  -1.257  1.00 42.67  ? 102 LEU A CG  1 
ATOM   488  C CD1 . LEU A 1 102 ? -11.113 -4.835  -1.155  1.00 41.38  ? 102 LEU A CD1 1 
ATOM   489  C CD2 . LEU A 1 102 ? -13.577 -4.697  -1.433  1.00 42.73  ? 102 LEU A CD2 1 
ATOM   490  N N   . ILE A 1 103 ? -13.020 -0.291  1.470   1.00 39.86  ? 103 ILE A N   1 
ATOM   491  C CA  . ILE A 1 103 ? -13.360 0.449   2.687   1.00 49.58  ? 103 ILE A CA  1 
ATOM   492  C C   . ILE A 1 103 ? -14.778 1.085   2.675   1.00 52.23  ? 103 ILE A C   1 
ATOM   493  O O   . ILE A 1 103 ? -15.515 0.960   3.660   1.00 58.84  ? 103 ILE A O   1 
ATOM   494  C CB  . ILE A 1 103 ? -12.277 1.435   3.100   1.00 48.69  ? 103 ILE A CB  1 
ATOM   495  C CG1 . ILE A 1 103 ? -11.012 0.641   3.454   1.00 48.77  ? 103 ILE A CG1 1 
ATOM   496  C CG2 . ILE A 1 103 ? -12.788 2.265   4.256   1.00 46.57  ? 103 ILE A CG2 1 
ATOM   497  C CD1 . ILE A 1 103 ? -9.723  1.394   3.271   1.00 50.33  ? 103 ILE A CD1 1 
ATOM   498  N N   . SER A 1 104 ? -15.209 1.711   1.586   1.00 45.77  ? 104 SER A N   1 
ATOM   499  C CA  . SER A 1 104 ? -16.560 2.239   1.666   1.00 48.90  ? 104 SER A CA  1 
ATOM   500  C C   . SER A 1 104 ? -17.541 1.089   1.996   1.00 50.68  ? 104 SER A C   1 
ATOM   501  O O   . SER A 1 104 ? -18.357 1.255   2.892   1.00 57.18  ? 104 SER A O   1 
ATOM   502  C CB  . SER A 1 104 ? -16.959 3.097   0.457   1.00 49.79  ? 104 SER A CB  1 
ATOM   503  O OG  . SER A 1 104 ? -17.384 2.293   -0.637  1.00 57.86  ? 104 SER A OG  1 
ATOM   504  N N   . ASN A 1 105 ? -17.422 -0.084  1.354   1.00 45.64  ? 105 ASN A N   1 
ATOM   505  C CA  . ASN A 1 105 ? -18.240 -1.269  1.737   1.00 45.06  ? 105 ASN A CA  1 
ATOM   506  C C   . ASN A 1 105 ? -18.325 -1.552  3.261   1.00 49.20  ? 105 ASN A C   1 
ATOM   507  O O   . ASN A 1 105 ? -19.412 -1.766  3.824   1.00 53.71  ? 105 ASN A O   1 
ATOM   508  C CB  . ASN A 1 105 ? -17.746 -2.534  1.035   1.00 45.69  ? 105 ASN A CB  1 
ATOM   509  C CG  . ASN A 1 105 ? -18.016 -2.516  -0.448  1.00 49.71  ? 105 ASN A CG  1 
ATOM   510  O OD1 . ASN A 1 105 ? -18.490 -1.526  -0.984  1.00 50.70  ? 105 ASN A OD1 1 
ATOM   511  N ND2 . ASN A 1 105 ? -17.708 -3.616  -1.121  1.00 50.10  ? 105 ASN A ND2 1 
ATOM   512  N N   . MET A 1 106 ? -17.172 -1.569  3.905   1.00 46.77  ? 106 MET A N   1 
ATOM   513  C CA  . MET A 1 106 ? -17.085 -1.697  5.337   1.00 50.52  ? 106 MET A CA  1 
ATOM   514  C C   . MET A 1 106 ? -17.763 -0.547  6.114   1.00 54.29  ? 106 MET A C   1 
ATOM   515  O O   . MET A 1 106 ? -18.591 -0.800  6.980   1.00 57.53  ? 106 MET A O   1 
ATOM   516  C CB  . MET A 1 106 ? -15.621 -1.898  5.760   1.00 53.75  ? 106 MET A CB  1 
ATOM   517  C CG  . MET A 1 106 ? -14.970 -3.137  5.105   1.00 54.94  ? 106 MET A CG  1 
ATOM   518  S SD  . MET A 1 106 ? -13.185 -3.283  5.371   1.00 62.05  ? 106 MET A SD  1 
ATOM   519  C CE  . MET A 1 106 ? -12.604 -3.885  3.793   1.00 48.85  ? 106 MET A CE  1 
ATOM   520  N N   . ALA A 1 107 ? -17.474 0.710   5.820   1.00 52.26  ? 107 ALA A N   1 
ATOM   521  C CA  . ALA A 1 107 ? -18.087 1.765   6.642   1.00 49.68  ? 107 ALA A CA  1 
ATOM   522  C C   . ALA A 1 107 ? -19.597 1.782   6.441   1.00 53.92  ? 107 ALA A C   1 
ATOM   523  O O   . ALA A 1 107 ? -20.352 1.909   7.406   1.00 54.15  ? 107 ALA A O   1 
ATOM   524  C CB  . ALA A 1 107 ? -17.493 3.126   6.328   1.00 49.10  ? 107 ALA A CB  1 
ATOM   525  N N   . ARG A 1 108 ? -20.033 1.649   5.184   1.00 53.82  ? 108 ARG A N   1 
ATOM   526  C CA  . ARG A 1 108 ? -21.421 1.439   4.851   1.00 48.40  ? 108 ARG A CA  1 
ATOM   527  C C   . ARG A 1 108 ? -21.986 0.294   5.700   1.00 52.43  ? 108 ARG A C   1 
ATOM   528  O O   . ARG A 1 108 ? -22.859 0.551   6.525   1.00 46.07  ? 108 ARG A O   1 
ATOM   529  C CB  . ARG A 1 108 ? -21.589 1.190   3.345   1.00 63.04  ? 108 ARG A CB  1 
ATOM   530  C CG  . ARG A 1 108 ? -22.947 0.630   2.926   1.00 74.31  ? 108 ARG A CG  1 
ATOM   531  C CD  . ARG A 1 108 ? -23.302 0.998   1.485   1.00 91.11  ? 108 ARG A CD  1 
ATOM   532  N NE  . ARG A 1 108 ? -22.646 0.146   0.483   1.00 104.72 ? 108 ARG A NE  1 
ATOM   533  C CZ  . ARG A 1 108 ? -21.511 0.436   -0.164  1.00 109.16 ? 108 ARG A CZ  1 
ATOM   534  N NH1 . ARG A 1 108 ? -20.848 1.576   0.064   1.00 97.93  ? 108 ARG A NH1 1 
ATOM   535  N NH2 . ARG A 1 108 ? -21.030 -0.428  -1.053  1.00 107.37 ? 108 ARG A NH2 1 
ATOM   536  N N   . ALA A 1 109 ? -21.479 -0.946  5.571   1.00 52.54  ? 109 ALA A N   1 
ATOM   537  C CA  . ALA A 1 109 ? -21.974 -2.026  6.464   1.00 50.37  ? 109 ALA A CA  1 
ATOM   538  C C   . ALA A 1 109 ? -21.809 -1.739  7.993   1.00 48.10  ? 109 ALA A C   1 
ATOM   539  O O   . ALA A 1 109 ? -22.641 -2.143  8.811   1.00 46.79  ? 109 ALA A O   1 
ATOM   540  C CB  . ALA A 1 109 ? -21.445 -3.417  6.070   1.00 46.76  ? 109 ALA A CB  1 
ATOM   541  N N   . LEU A 1 110 ? -20.773 -1.036  8.413   1.00 53.66  ? 110 LEU A N   1 
ATOM   542  C CA  . LEU A 1 110 ? -20.638 -0.819  9.881   1.00 57.45  ? 110 LEU A CA  1 
ATOM   543  C C   . LEU A 1 110 ? -21.527 0.269   10.460  1.00 65.33  ? 110 LEU A C   1 
ATOM   544  O O   . LEU A 1 110 ? -21.828 0.244   11.676  1.00 65.01  ? 110 LEU A O   1 
ATOM   545  C CB  . LEU A 1 110 ? -19.181 -0.668  10.346  1.00 52.97  ? 110 LEU A CB  1 
ATOM   546  C CG  . LEU A 1 110 ? -18.392 -1.994  10.511  1.00 60.32  ? 110 LEU A CG  1 
ATOM   547  C CD1 . LEU A 1 110 ? -16.947 -1.771  10.953  1.00 53.61  ? 110 LEU A CD1 1 
ATOM   548  C CD2 . LEU A 1 110 ? -19.075 -2.959  11.470  1.00 53.15  ? 110 LEU A CD2 1 
ATOM   549  N N   . ASP A 1 111 ? -21.968 1.192   9.597   1.00 71.22  ? 111 ASP A N   1 
ATOM   550  C CA  . ASP A 1 111 ? -22.920 2.243   9.985   1.00 86.16  ? 111 ASP A CA  1 
ATOM   551  C C   . ASP A 1 111 ? -24.340 1.667   10.057  1.00 95.74  ? 111 ASP A C   1 
ATOM   552  O O   . ASP A 1 111 ? -24.977 1.400   9.032   1.00 99.49  ? 111 ASP A O   1 
ATOM   553  C CB  . ASP A 1 111 ? -22.852 3.421   9.013   1.00 94.55  ? 111 ASP A CB  1 
ATOM   554  C CG  . ASP A 1 111 ? -23.491 4.681   9.569   1.00 99.47  ? 111 ASP A CG  1 
ATOM   555  O OD1 . ASP A 1 111 ? -24.392 4.583   10.429  1.00 108.92 ? 111 ASP A OD1 1 
ATOM   556  O OD2 . ASP A 1 111 ? -23.096 5.782   9.139   1.00 93.25  ? 111 ASP A OD2 1 
ATOM   557  N N   . THR A 1 112 ? -24.829 1.524   11.288  1.00 112.77 ? 112 THR A N   1 
ATOM   558  C CA  . THR A 1 112 ? -25.932 0.617   11.624  1.00 123.62 ? 112 THR A CA  1 
ATOM   559  C C   . THR A 1 112 ? -27.355 1.158   11.416  1.00 130.81 ? 112 THR A C   1 
ATOM   560  O O   . THR A 1 112 ? -27.913 1.822   12.296  1.00 138.62 ? 112 THR A O   1 
ATOM   561  C CB  . THR A 1 112 ? -25.768 0.058   13.073  1.00 136.14 ? 112 THR A CB  1 
ATOM   562  O OG1 . THR A 1 112 ? -26.993 -0.553  13.507  1.00 152.27 ? 112 THR A OG1 1 
ATOM   563  C CG2 . THR A 1 112 ? -25.361 1.160   14.081  1.00 122.05 ? 112 THR A CG2 1 
ATOM   564  N N   . THR A 1 113 ? -27.947 0.861   10.260  1.00 133.80 ? 113 THR A N   1 
ATOM   565  C CA  . THR A 1 113 ? -29.389 1.093   10.081  1.00 141.71 ? 113 THR A CA  1 
ATOM   566  C C   . THR A 1 113 ? -30.228 -0.021  10.796  1.00 145.23 ? 113 THR A C   1 
ATOM   567  O O   . THR A 1 113 ? -31.457 -0.127  10.627  1.00 139.07 ? 113 THR A O   1 
ATOM   568  C CB  . THR A 1 113 ? -29.793 1.445   8.600   1.00 136.87 ? 113 THR A CB  1 
ATOM   569  O OG1 . THR A 1 113 ? -30.931 0.675   8.188   1.00 142.80 ? 113 THR A OG1 1 
ATOM   570  C CG2 . THR A 1 113 ? -28.638 1.243   7.595   1.00 121.45 ? 113 THR A CG2 1 
ATOM   571  N N   . GLY A 1 114 ? -29.530 -0.823  11.614  1.00 138.92 ? 114 GLY A N   1 
ATOM   572  C CA  . GLY A 1 114 ? -30.129 -1.830  12.506  1.00 127.48 ? 114 GLY A CA  1 
ATOM   573  C C   . GLY A 1 114 ? -29.573 -3.252  12.404  1.00 118.99 ? 114 GLY A C   1 
ATOM   574  O O   . GLY A 1 114 ? -30.109 -4.065  11.635  1.00 125.01 ? 114 GLY A O   1 
ATOM   575  N N   . THR A 1 115 ? -28.526 -3.555  13.191  1.00 100.08 ? 115 THR A N   1 
ATOM   576  C CA  . THR A 1 115 ? -27.831 -4.870  13.198  1.00 94.71  ? 115 THR A CA  1 
ATOM   577  C C   . THR A 1 115 ? -26.849 -5.030  12.029  1.00 95.81  ? 115 THR A C   1 
ATOM   578  O O   . THR A 1 115 ? -27.224 -4.851  10.870  1.00 97.28  ? 115 THR A O   1 
ATOM   579  C CB  . THR A 1 115 ? -28.820 -6.064  13.205  1.00 99.15  ? 115 THR A CB  1 
ATOM   580  O OG1 . THR A 1 115 ? -29.583 -6.029  14.416  1.00 105.69 ? 115 THR A OG1 1 
ATOM   581  C CG2 . THR A 1 115 ? -28.097 -7.445  13.052  1.00 86.67  ? 115 THR A CG2 1 
ATOM   582  N N   . VAL A 1 116 ? -25.609 -5.408  12.337  1.00 87.88  ? 116 VAL A N   1 
ATOM   583  C CA  . VAL A 1 116 ? -24.537 -5.464  11.341  1.00 70.46  ? 116 VAL A CA  1 
ATOM   584  C C   . VAL A 1 116 ? -24.395 -6.798  10.610  1.00 66.14  ? 116 VAL A C   1 
ATOM   585  O O   . VAL A 1 116 ? -24.460 -7.868  11.230  1.00 54.89  ? 116 VAL A O   1 
ATOM   586  C CB  . VAL A 1 116 ? -23.197 -5.171  11.991  1.00 63.61  ? 116 VAL A CB  1 
ATOM   587  C CG1 . VAL A 1 116 ? -22.130 -5.121  10.913  1.00 72.41  ? 116 VAL A CG1 1 
ATOM   588  C CG2 . VAL A 1 116 ? -23.269 -3.863  12.754  1.00 60.09  ? 116 VAL A CG2 1 
ATOM   589  N N   . ASP A 1 117 ? -24.180 -6.737  9.293   1.00 60.50  ? 117 ASP A N   1 
ATOM   590  C CA  . ASP A 1 117 ? -23.906 -7.961  8.559   1.00 52.42  ? 117 ASP A CA  1 
ATOM   591  C C   . ASP A 1 117 ? -22.387 -8.281  8.639   1.00 50.92  ? 117 ASP A C   1 
ATOM   592  O O   . ASP A 1 117 ? -21.637 -7.975  7.729   1.00 45.33  ? 117 ASP A O   1 
ATOM   593  C CB  . ASP A 1 117 ? -24.410 -7.844  7.129   1.00 48.28  ? 117 ASP A CB  1 
ATOM   594  C CG  . ASP A 1 117 ? -24.512 -9.194  6.454   1.00 62.99  ? 117 ASP A CG  1 
ATOM   595  O OD1 . ASP A 1 117 ? -23.711 -10.111 6.792   1.00 57.50  ? 117 ASP A OD1 1 
ATOM   596  O OD2 . ASP A 1 117 ? -25.404 -9.355  5.581   1.00 67.37  ? 117 ASP A OD2 1 
ATOM   597  N N   . PHE A 1 118 ? -21.933 -8.876  9.742   1.00 51.75  ? 118 PHE A N   1 
ATOM   598  C CA  . PHE A 1 118 ? -20.507 -9.140  9.917   1.00 52.31  ? 118 PHE A CA  1 
ATOM   599  C C   . PHE A 1 118 ? -19.963 -10.077 8.863   1.00 58.03  ? 118 PHE A C   1 
ATOM   600  O O   . PHE A 1 118 ? -18.778 -10.018 8.542   1.00 61.57  ? 118 PHE A O   1 
ATOM   601  C CB  . PHE A 1 118 ? -20.192 -9.699  11.289  1.00 53.01  ? 118 PHE A CB  1 
ATOM   602  C CG  . PHE A 1 118 ? -20.294 -8.685  12.369  1.00 57.03  ? 118 PHE A CG  1 
ATOM   603  C CD1 . PHE A 1 118 ? -19.222 -7.900  12.687  1.00 56.16  ? 118 PHE A CD1 1 
ATOM   604  C CD2 . PHE A 1 118 ? -21.490 -8.484  13.038  1.00 63.54  ? 118 PHE A CD2 1 
ATOM   605  C CE1 . PHE A 1 118 ? -19.320 -6.933  13.683  1.00 67.64  ? 118 PHE A CE1 1 
ATOM   606  C CE2 . PHE A 1 118 ? -21.601 -7.531  14.042  1.00 59.94  ? 118 PHE A CE2 1 
ATOM   607  C CZ  . PHE A 1 118 ? -20.515 -6.747  14.363  1.00 61.98  ? 118 PHE A CZ  1 
ATOM   608  N N   . SER A 1 119 ? -20.827 -10.935 8.327   1.00 52.25  ? 119 SER A N   1 
ATOM   609  C CA  . SER A 1 119 ? -20.435 -11.823 7.268   1.00 61.08  ? 119 SER A CA  1 
ATOM   610  C C   . SER A 1 119 ? -19.904 -10.999 6.093   1.00 70.30  ? 119 SER A C   1 
ATOM   611  O O   . SER A 1 119 ? -18.861 -11.317 5.517   1.00 74.33  ? 119 SER A O   1 
ATOM   612  C CB  . SER A 1 119 ? -21.635 -12.656 6.829   1.00 74.75  ? 119 SER A CB  1 
ATOM   613  O OG  . SER A 1 119 ? -21.292 -13.614 5.849   1.00 79.47  ? 119 SER A OG  1 
ATOM   614  N N   . GLN A 1 120 ? -20.598 -9.925  5.746   1.00 66.16  ? 120 GLN A N   1 
ATOM   615  C CA  . GLN A 1 120 ? -20.182 -9.173  4.590   1.00 62.33  ? 120 GLN A CA  1 
ATOM   616  C C   . GLN A 1 120 ? -19.084 -8.106  4.830   1.00 60.25  ? 120 GLN A C   1 
ATOM   617  O O   . GLN A 1 120 ? -18.293 -7.848  3.913   1.00 68.08  ? 120 GLN A O   1 
ATOM   618  C CB  . GLN A 1 120 ? -21.386 -8.629  3.835   1.00 66.75  ? 120 GLN A CB  1 
ATOM   619  C CG  . GLN A 1 120 ? -22.046 -7.415  4.438   1.00 71.11  ? 120 GLN A CG  1 
ATOM   620  C CD  . GLN A 1 120 ? -23.093 -6.840  3.510   1.00 81.32  ? 120 GLN A CD  1 
ATOM   621  O OE1 . GLN A 1 120 ? -23.546 -5.700  3.685   1.00 93.12  ? 120 GLN A OE1 1 
ATOM   622  N NE2 . GLN A 1 120 ? -23.485 -7.626  2.511   1.00 69.14  ? 120 GLN A NE2 1 
ATOM   623  N N   . VAL A 1 121 ? -19.029 -7.497  6.019   1.00 46.35  ? 121 VAL A N   1 
ATOM   624  C CA  . VAL A 1 121 ? -17.871 -6.698  6.405   1.00 42.23  ? 121 VAL A CA  1 
ATOM   625  C C   . VAL A 1 121 ? -16.702 -7.632  6.181   1.00 44.19  ? 121 VAL A C   1 
ATOM   626  O O   . VAL A 1 121 ? -15.779 -7.300  5.465   1.00 57.61  ? 121 VAL A O   1 
ATOM   627  C CB  . VAL A 1 121 ? -17.885 -6.251  7.905   1.00 40.29  ? 121 VAL A CB  1 
ATOM   628  C CG1 . VAL A 1 121 ? -16.567 -5.630  8.280   1.00 34.52  ? 121 VAL A CG1 1 
ATOM   629  C CG2 . VAL A 1 121 ? -18.988 -5.241  8.191   1.00 45.01  ? 121 VAL A CG2 1 
ATOM   630  N N   . GLY A 1 122 ? -16.756 -8.826  6.760   1.00 45.48  ? 122 GLY A N   1 
ATOM   631  C CA  . GLY A 1 122 ? -15.713 -9.853  6.566   1.00 39.67  ? 122 GLY A CA  1 
ATOM   632  C C   . GLY A 1 122 ? -15.247 -10.245 5.171   1.00 42.58  ? 122 GLY A C   1 
ATOM   633  O O   . GLY A 1 122 ? -14.077 -10.652 4.976   1.00 48.36  ? 122 GLY A O   1 
ATOM   634  N N   . ALA A 1 123 ? -16.111 -10.129 4.173   1.00 39.73  ? 123 ALA A N   1 
ATOM   635  C CA  . ALA A 1 123 ? -15.680 -10.504 2.830   1.00 44.00  ? 123 ALA A CA  1 
ATOM   636  C C   . ALA A 1 123 ? -14.830 -9.378  2.215   1.00 46.93  ? 123 ALA A C   1 
ATOM   637  O O   . ALA A 1 123 ? -13.917 -9.631  1.426   1.00 49.55  ? 123 ALA A O   1 
ATOM   638  C CB  . ALA A 1 123 ? -16.866 -10.838 1.947   1.00 47.36  ? 123 ALA A CB  1 
ATOM   639  N N   . SER A 1 124 ? -15.120 -8.131  2.573   1.00 42.66  ? 124 SER A N   1 
ATOM   640  C CA  . SER A 1 124 ? -14.288 -7.025  2.112   1.00 38.05  ? 124 SER A CA  1 
ATOM   641  C C   . SER A 1 124 ? -12.977 -7.059  2.855   1.00 35.85  ? 124 SER A C   1 
ATOM   642  O O   . SER A 1 124 ? -11.896 -6.798  2.277   1.00 31.50  ? 124 SER A O   1 
ATOM   643  C CB  . SER A 1 124 ? -14.997 -5.697  2.300   1.00 38.22  ? 124 SER A CB  1 
ATOM   644  O OG  . SER A 1 124 ? -16.096 -5.660  1.382   1.00 49.52  ? 124 SER A OG  1 
ATOM   645  N N   . VAL A 1 125 ? -13.026 -7.446  4.122   1.00 33.52  ? 125 VAL A N   1 
ATOM   646  C CA  . VAL A 1 125 ? -11.758 -7.604  4.769   1.00 37.16  ? 125 VAL A CA  1 
ATOM   647  C C   . VAL A 1 125 ? -10.953 -8.715  4.078   1.00 38.61  ? 125 VAL A C   1 
ATOM   648  O O   . VAL A 1 125 ? -9.769  -8.542  3.741   1.00 35.28  ? 125 VAL A O   1 
ATOM   649  C CB  . VAL A 1 125 ? -11.915 -7.843  6.237   1.00 38.62  ? 125 VAL A CB  1 
ATOM   650  C CG1 . VAL A 1 125 ? -10.541 -8.177  6.808   1.00 33.56  ? 125 VAL A CG1 1 
ATOM   651  C CG2 . VAL A 1 125 ? -12.540 -6.588  6.859   1.00 33.11  ? 125 VAL A CG2 1 
ATOM   652  N N   . HIS A 1 126 ? -11.623 -9.804  3.735   1.00 37.74  ? 126 HIS A N   1 
ATOM   653  C CA  . HIS A 1 126 ? -10.926 -10.832 2.968   1.00 39.10  ? 126 HIS A CA  1 
ATOM   654  C C   . HIS A 1 126 ? -10.296 -10.373 1.638   1.00 41.77  ? 126 HIS A C   1 
ATOM   655  O O   . HIS A 1 126 ? -9.096  -10.659 1.350   1.00 44.95  ? 126 HIS A O   1 
ATOM   656  C CB  . HIS A 1 126 ? -11.861 -11.979 2.746   1.00 41.97  ? 126 HIS A CB  1 
ATOM   657  C CG  . HIS A 1 126 ? -11.209 -13.163 2.130   1.00 43.03  ? 126 HIS A CG  1 
ATOM   658  N ND1 . HIS A 1 126 ? -10.429 -14.036 2.853   1.00 42.94  ? 126 HIS A ND1 1 
ATOM   659  C CD2 . HIS A 1 126 ? -11.240 -13.637 0.863   1.00 45.66  ? 126 HIS A CD2 1 
ATOM   660  C CE1 . HIS A 1 126 ? -9.985  -14.987 2.050   1.00 42.48  ? 126 HIS A CE1 1 
ATOM   661  N NE2 . HIS A 1 126 ? -10.462 -14.769 0.839   1.00 43.59  ? 126 HIS A NE2 1 
ATOM   662  N N   . GLN A 1 127 ? -11.067 -9.648  0.824   1.00 39.58  ? 127 GLN A N   1 
ATOM   663  C CA  . GLN A 1 127 ? -10.510 -9.134  -0.440  1.00 38.95  ? 127 GLN A CA  1 
ATOM   664  C C   . GLN A 1 127 ? -9.438  -8.101  -0.187  1.00 40.71  ? 127 GLN A C   1 
ATOM   665  O O   . GLN A 1 127 ? -8.424  -8.108  -0.843  1.00 44.27  ? 127 GLN A O   1 
ATOM   666  C CB  . GLN A 1 127 ? -11.582 -8.544  -1.304  1.00 37.93  ? 127 GLN A CB  1 
ATOM   667  C CG  . GLN A 1 127 ? -12.533 -9.610  -1.730  1.00 43.10  ? 127 GLN A CG  1 
ATOM   668  C CD  . GLN A 1 127 ? -12.019 -10.297 -2.953  1.00 49.89  ? 127 GLN A CD  1 
ATOM   669  O OE1 . GLN A 1 127 ? -11.639 -11.497 -2.913  1.00 55.18  ? 127 GLN A OE1 1 
ATOM   670  N NE2 . GLN A 1 127 ? -11.961 -9.538  -4.063  1.00 42.92  ? 127 GLN A NE2 1 
ATOM   671  N N   . LEU A 1 128 ? -9.658  -7.224  0.782   1.00 39.20  ? 128 LEU A N   1 
ATOM   672  C CA  . LEU A 1 128 ? -8.628  -6.286  1.122   1.00 41.80  ? 128 LEU A CA  1 
ATOM   673  C C   . LEU A 1 128 ? -7.328  -7.006  1.496   1.00 41.89  ? 128 LEU A C   1 
ATOM   674  O O   . LEU A 1 128 ? -6.230  -6.661  1.002   1.00 39.69  ? 128 LEU A O   1 
ATOM   675  C CB  . LEU A 1 128 ? -9.062  -5.362  2.255   1.00 34.30  ? 128 LEU A CB  1 
ATOM   676  C CG  . LEU A 1 128 ? -8.072  -4.233  2.360   1.00 32.34  ? 128 LEU A CG  1 
ATOM   677  C CD1 . LEU A 1 128 ? -7.759  -3.781  0.948   1.00 30.05  ? 128 LEU A CD1 1 
ATOM   678  C CD2 . LEU A 1 128 ? -8.522  -3.058  3.238   1.00 34.56  ? 128 LEU A CD2 1 
ATOM   679  N N   . LYS A 1 129 ? -7.445  -7.994  2.369   1.00 45.91  ? 129 LYS A N   1 
ATOM   680  C CA  . LYS A 1 129 ? -6.261  -8.784  2.748   1.00 51.35  ? 129 LYS A CA  1 
ATOM   681  C C   . LYS A 1 129 ? -5.511  -9.240  1.500   1.00 48.16  ? 129 LYS A C   1 
ATOM   682  O O   . LYS A 1 129 ? -4.355  -8.866  1.323   1.00 52.09  ? 129 LYS A O   1 
ATOM   683  C CB  . LYS A 1 129 ? -6.642  -10.001 3.586   1.00 54.04  ? 129 LYS A CB  1 
ATOM   684  C CG  . LYS A 1 129 ? -5.608  -10.336 4.632   1.00 56.12  ? 129 LYS A CG  1 
ATOM   685  C CD  . LYS A 1 129 ? -5.565  -11.827 4.887   1.00 60.92  ? 129 LYS A CD  1 
ATOM   686  C CE  . LYS A 1 129 ? -4.934  -12.602 3.737   0.50 60.76  ? 129 LYS A CE  1 
ATOM   687  N NZ  . LYS A 1 129 ? -4.454  -13.924 4.228   0.50 64.42  ? 129 LYS A NZ  1 
ATOM   688  N N   . GLY A 1 130 ? -6.188  -9.996  0.624   1.00 42.32  ? 130 GLY A N   1 
ATOM   689  C CA  . GLY A 1 130 ? -5.542  -10.583 -0.549  1.00 36.48  ? 130 GLY A CA  1 
ATOM   690  C C   . GLY A 1 130 ? -4.948  -9.541  -1.470  1.00 39.81  ? 130 GLY A C   1 
ATOM   691  O O   . GLY A 1 130 ? -3.837  -9.708  -1.998  1.00 47.20  ? 130 GLY A O   1 
ATOM   692  N N   . SER A 1 131 ? -5.698  -8.459  -1.666  1.00 39.45  ? 131 SER A N   1 
ATOM   693  C CA  . SER A 1 131 ? -5.304  -7.353  -2.499  1.00 38.96  ? 131 SER A CA  1 
ATOM   694  C C   . SER A 1 131 ? -4.054  -6.702  -1.903  1.00 42.21  ? 131 SER A C   1 
ATOM   695  O O   . SER A 1 131 ? -3.101  -6.495  -2.646  1.00 41.79  ? 131 SER A O   1 
ATOM   696  C CB  . SER A 1 131 ? -6.454  -6.334  -2.557  1.00 45.70  ? 131 SER A CB  1 
ATOM   697  O OG  . SER A 1 131 ? -6.482  -5.585  -3.762  1.00 51.43  ? 131 SER A OG  1 
ATOM   698  N N   . SER A 1 132 ? -4.035  -6.387  -0.589  1.00 38.12  ? 132 SER A N   1 
ATOM   699  C CA  . SER A 1 132 ? -2.852  -5.747  -0.024  1.00 39.23  ? 132 SER A CA  1 
ATOM   700  C C   . SER A 1 132 ? -1.684  -6.725  -0.025  1.00 46.01  ? 132 SER A C   1 
ATOM   701  O O   . SER A 1 132 ? -0.528  -6.354  -0.214  1.00 56.48  ? 132 SER A O   1 
ATOM   702  C CB  . SER A 1 132 ? -3.079  -5.086  1.346   1.00 35.12  ? 132 SER A CB  1 
ATOM   703  O OG  . SER A 1 132 ? -3.663  -5.957  2.314   1.00 39.25  ? 132 SER A OG  1 
ATOM   704  N N   . SER A 1 133 ? -1.991  -7.988  0.137   1.00 49.50  ? 133 SER A N   1 
ATOM   705  C CA  . SER A 1 133 ? -0.959  -9.003  0.092   1.00 57.06  ? 133 SER A CA  1 
ATOM   706  C C   . SER A 1 133 ? -0.230  -8.987  -1.231  1.00 54.01  ? 133 SER A C   1 
ATOM   707  O O   . SER A 1 133 ? 1.006   -8.975  -1.276  1.00 51.17  ? 133 SER A O   1 
ATOM   708  C CB  . SER A 1 133 ? -1.538  -10.401 0.332   1.00 54.38  ? 133 SER A CB  1 
ATOM   709  O OG  . SER A 1 133 ? -0.480  -11.327 0.361   1.00 56.97  ? 133 SER A OG  1 
ATOM   710  N N   . SER A 1 134 ? -0.992  -8.981  -2.315  1.00 54.86  ? 134 SER A N   1 
ATOM   711  C CA  . SER A 1 134 ? -0.384  -9.214  -3.615  1.00 52.10  ? 134 SER A CA  1 
ATOM   712  C C   . SER A 1 134 ? 0.490   -8.031  -4.092  1.00 54.75  ? 134 SER A C   1 
ATOM   713  O O   . SER A 1 134 ? 1.252   -8.164  -5.042  1.00 54.26  ? 134 SER A O   1 
ATOM   714  C CB  . SER A 1 134 ? -1.453  -9.576  -4.624  1.00 53.41  ? 134 SER A CB  1 
ATOM   715  O OG  . SER A 1 134 ? -1.866  -8.410  -5.304  1.00 63.78  ? 134 SER A OG  1 
ATOM   716  N N   . VAL A 1 135 ? 0.390   -6.879  -3.422  1.00 57.36  ? 135 VAL A N   1 
ATOM   717  C CA  . VAL A 1 135 ? 1.288   -5.743  -3.698  1.00 46.17  ? 135 VAL A CA  1 
ATOM   718  C C   . VAL A 1 135 ? 2.361   -5.524  -2.612  1.00 50.05  ? 135 VAL A C   1 
ATOM   719  O O   . VAL A 1 135 ? 3.271   -4.727  -2.802  1.00 52.35  ? 135 VAL A O   1 
ATOM   720  C CB  . VAL A 1 135 ? 0.538   -4.418  -3.938  1.00 41.09  ? 135 VAL A CB  1 
ATOM   721  C CG1 . VAL A 1 135 ? -0.388  -4.509  -5.154  1.00 36.94  ? 135 VAL A CG1 1 
ATOM   722  C CG2 . VAL A 1 135 ? -0.220  -3.986  -2.695  1.00 39.31  ? 135 VAL A CG2 1 
ATOM   723  N N   . GLY A 1 136 ? 2.287   -6.207  -1.480  1.00 43.12  ? 136 GLY A N   1 
ATOM   724  C CA  . GLY A 1 136 ? 3.339   -6.038  -0.522  1.00 35.92  ? 136 GLY A CA  1 
ATOM   725  C C   . GLY A 1 136 ? 3.018   -4.991  0.504   1.00 43.26  ? 136 GLY A C   1 
ATOM   726  O O   . GLY A 1 136 ? 3.905   -4.606  1.300   1.00 43.21  ? 136 GLY A O   1 
ATOM   727  N N   . ALA A 1 137 ? 1.742   -4.568  0.555   1.00 47.90  ? 137 ALA A N   1 
ATOM   728  C CA  . ALA A 1 137 ? 1.292   -3.454  1.451   1.00 42.24  ? 137 ALA A CA  1 
ATOM   729  C C   . ALA A 1 137 ? 1.173   -3.976  2.865   1.00 41.12  ? 137 ALA A C   1 
ATOM   730  O O   . ALA A 1 137 ? 0.063   -4.245  3.378   1.00 42.39  ? 137 ALA A O   1 
ATOM   731  C CB  . ALA A 1 137 ? -0.019  -2.819  0.963   1.00 35.54  ? 137 ALA A CB  1 
ATOM   732  N N   . LYS A 1 138 ? 2.328   -4.126  3.501   1.00 46.27  ? 138 LYS A N   1 
ATOM   733  C CA  . LYS A 1 138 ? 2.427   -4.959  4.716   1.00 43.47  ? 138 LYS A CA  1 
ATOM   734  C C   . LYS A 1 138 ? 1.655   -4.484  5.911   1.00 44.42  ? 138 LYS A C   1 
ATOM   735  O O   . LYS A 1 138 ? 1.037   -5.298  6.589   1.00 54.78  ? 138 LYS A O   1 
ATOM   736  C CB  . LYS A 1 138 ? 3.854   -5.193  5.126   1.00 47.25  ? 138 LYS A CB  1 
ATOM   737  C CG  . LYS A 1 138 ? 3.961   -6.495  5.884   1.00 59.53  ? 138 LYS A CG  1 
ATOM   738  C CD  . LYS A 1 138 ? 5.362   -6.777  6.328   1.00 62.78  ? 138 LYS A CD  1 
ATOM   739  C CE  . LYS A 1 138 ? 5.756   -5.870  7.472   1.00 63.16  ? 138 LYS A CE  1 
ATOM   740  N NZ  . LYS A 1 138 ? 7.081   -6.361  7.950   1.00 60.04  ? 138 LYS A NZ  1 
ATOM   741  N N   . ARG A 1 139 ? 1.631   -3.188  6.196   1.00 44.57  ? 139 ARG A N   1 
ATOM   742  C CA  . ARG A 1 139 ? 0.835   -2.745  7.346   1.00 40.29  ? 139 ARG A CA  1 
ATOM   743  C C   . ARG A 1 139 ? -0.668  -2.923  7.135   1.00 42.60  ? 139 ARG A C   1 
ATOM   744  O O   . ARG A 1 139 ? -1.383  -3.328  8.058   1.00 48.72  ? 139 ARG A O   1 
ATOM   745  C CB  . ARG A 1 139 ? 1.154   -1.327  7.704   1.00 45.55  ? 139 ARG A CB  1 
ATOM   746  C CG  . ARG A 1 139 ? 2.559   -1.101  8.241   1.00 48.81  ? 139 ARG A CG  1 
ATOM   747  C CD  . ARG A 1 139 ? 2.566   0.292   8.820   1.00 51.01  ? 139 ARG A CD  1 
ATOM   748  N NE  . ARG A 1 139 ? 3.851   0.757   9.313   1.00 54.80  ? 139 ARG A NE  1 
ATOM   749  C CZ  . ARG A 1 139 ? 4.017   1.964   9.865   1.00 52.85  ? 139 ARG A CZ  1 
ATOM   750  N NH1 . ARG A 1 139 ? 2.988   2.807   9.977   1.00 47.00  ? 139 ARG A NH1 1 
ATOM   751  N NH2 . ARG A 1 139 ? 5.213   2.342   10.288  1.00 50.00  ? 139 ARG A NH2 1 
ATOM   752  N N   . VAL A 1 140 ? -1.158  -2.637  5.930   1.00 41.82  ? 140 VAL A N   1 
ATOM   753  C CA  . VAL A 1 140 ? -2.582  -2.873  5.612   1.00 39.19  ? 140 VAL A CA  1 
ATOM   754  C C   . VAL A 1 140 ? -2.888  -4.360  5.779   1.00 40.97  ? 140 VAL A C   1 
ATOM   755  O O   . VAL A 1 140 ? -3.903  -4.727  6.429   1.00 39.28  ? 140 VAL A O   1 
ATOM   756  C CB  . VAL A 1 140 ? -2.997  -2.413  4.165   1.00 36.64  ? 140 VAL A CB  1 
ATOM   757  C CG1 . VAL A 1 140 ? -4.397  -2.893  3.795   1.00 34.88  ? 140 VAL A CG1 1 
ATOM   758  C CG2 . VAL A 1 140 ? -2.979  -0.909  4.041   1.00 34.56  ? 140 VAL A CG2 1 
ATOM   759  N N   . LYS A 1 141 ? -2.049  -5.218  5.179   1.00 41.77  ? 141 LYS A N   1 
ATOM   760  C CA  . LYS A 1 141 ? -2.267  -6.680  5.313   1.00 42.81  ? 141 LYS A CA  1 
ATOM   761  C C   . LYS A 1 141 ? -2.358  -7.128  6.794   1.00 44.43  ? 141 LYS A C   1 
ATOM   762  O O   . LYS A 1 141 ? -3.324  -7.771  7.183   1.00 46.87  ? 141 LYS A O   1 
ATOM   763  C CB  . LYS A 1 141 ? -1.239  -7.499  4.538   1.00 44.75  ? 141 LYS A CB  1 
ATOM   764  C CG  . LYS A 1 141 ? -1.200  -8.970  4.944   1.00 47.38  ? 141 LYS A CG  1 
ATOM   765  C CD  . LYS A 1 141 ? -1.093  -9.885  3.734   1.00 53.37  ? 141 LYS A CD  1 
ATOM   766  C CE  . LYS A 1 141 ? 0.320   -10.397 3.505   1.00 63.84  ? 141 LYS A CE  1 
ATOM   767  N NZ  . LYS A 1 141 ? 0.651   -11.594 4.340   1.00 62.58  ? 141 LYS A NZ  1 
ATOM   768  N N   . THR A 1 142 ? -1.374  -6.769  7.619   1.00 43.37  ? 142 THR A N   1 
ATOM   769  C CA  . THR A 1 142 ? -1.425  -7.097  9.037   1.00 41.15  ? 142 THR A CA  1 
ATOM   770  C C   . THR A 1 142 ? -2.715  -6.620  9.670   1.00 43.64  ? 142 THR A C   1 
ATOM   771  O O   . THR A 1 142 ? -3.428  -7.407  10.280  1.00 48.26  ? 142 THR A O   1 
ATOM   772  C CB  . THR A 1 142 ? -0.256  -6.455  9.794   1.00 42.90  ? 142 THR A CB  1 
ATOM   773  O OG1 . THR A 1 142 ? 0.965   -7.032  9.333   1.00 43.60  ? 142 THR A OG1 1 
ATOM   774  C CG2 . THR A 1 142 ? -0.377  -6.686  11.277  1.00 41.34  ? 142 THR A CG2 1 
ATOM   775  N N   . LEU A 1 143 ? -3.030  -5.337  9.549   1.00 45.10  ? 143 LEU A N   1 
ATOM   776  C CA  . LEU A 1 143 ? -4.325  -4.893  10.052  1.00 46.33  ? 143 LEU A CA  1 
ATOM   777  C C   . LEU A 1 143 ? -5.487  -5.783  9.546   1.00 43.36  ? 143 LEU A C   1 
ATOM   778  O O   . LEU A 1 143 ? -6.336  -6.169  10.338  1.00 39.84  ? 143 LEU A O   1 
ATOM   779  C CB  . LEU A 1 143 ? -4.584  -3.393  9.799   1.00 48.67  ? 143 LEU A CB  1 
ATOM   780  C CG  . LEU A 1 143 ? -3.761  -2.399  10.637  1.00 53.30  ? 143 LEU A CG  1 
ATOM   781  C CD1 . LEU A 1 143 ? -4.010  -1.006  10.110  1.00 46.74  ? 143 LEU A CD1 1 
ATOM   782  C CD2 . LEU A 1 143 ? -4.013  -2.439  12.147  1.00 49.65  ? 143 LEU A CD2 1 
ATOM   783  N N   . CYS A 1 144 ? -5.512  -6.139  8.260   1.00 41.91  ? 144 CYS A N   1 
ATOM   784  C CA  . CYS A 1 144 ? -6.569  -7.030  7.745   1.00 40.63  ? 144 CYS A CA  1 
ATOM   785  C C   . CYS A 1 144 ? -6.730  -8.363  8.518   1.00 43.40  ? 144 CYS A C   1 
ATOM   786  O O   . CYS A 1 144 ? -7.845  -8.803  8.793   1.00 38.80  ? 144 CYS A O   1 
ATOM   787  C CB  . CYS A 1 144 ? -6.406  -7.248  6.236   1.00 40.88  ? 144 CYS A CB  1 
ATOM   788  S SG  . CYS A 1 144 ? -7.089  -5.838  5.312   1.00 50.78  ? 144 CYS A SG  1 
ATOM   789  N N   . VAL A 1 145 ? -5.609  -8.987  8.887   1.00 50.53  ? 145 VAL A N   1 
ATOM   790  C CA  . VAL A 1 145 ? -5.588  -10.228 9.697   1.00 50.31  ? 145 VAL A CA  1 
ATOM   791  C C   . VAL A 1 145 ? -6.235  -10.089 11.059  1.00 50.42  ? 145 VAL A C   1 
ATOM   792  O O   . VAL A 1 145 ? -7.018  -10.944 11.429  1.00 53.13  ? 145 VAL A O   1 
ATOM   793  C CB  . VAL A 1 145 ? -4.149  -10.774 9.863   1.00 55.01  ? 145 VAL A CB  1 
ATOM   794  C CG1 . VAL A 1 145 ? -4.117  -12.059 10.691  1.00 43.52  ? 145 VAL A CG1 1 
ATOM   795  C CG2 . VAL A 1 145 ? -3.563  -11.020 8.475   1.00 56.33  ? 145 VAL A CG2 1 
ATOM   796  N N   . SER A 1 146 ? -5.910  -9.027  11.796  1.00 52.34  ? 146 SER A N   1 
ATOM   797  C CA  . SER A 1 146 ? -6.601  -8.700  13.044  1.00 47.21  ? 146 SER A CA  1 
ATOM   798  C C   . SER A 1 146 ? -8.077  -8.364  12.838  1.00 53.17  ? 146 SER A C   1 
ATOM   799  O O   . SER A 1 146 ? -8.915  -8.875  13.573  1.00 66.07  ? 146 SER A O   1 
ATOM   800  C CB  . SER A 1 146 ? -5.851  -7.614  13.821  1.00 50.80  ? 146 SER A CB  1 
ATOM   801  O OG  . SER A 1 146 ? -4.605  -8.151  14.295  1.00 55.00  ? 146 SER A OG  1 
ATOM   802  N N   . PHE A 1 147 ? -8.402  -7.533  11.842  1.00 53.98  ? 147 PHE A N   1 
ATOM   803  C CA  . PHE A 1 147 ? -9.795  -7.130  11.490  1.00 53.41  ? 147 PHE A CA  1 
ATOM   804  C C   . PHE A 1 147 ? -10.693 -8.349  11.194  1.00 55.81  ? 147 PHE A C   1 
ATOM   805  O O   . PHE A 1 147 ? -11.919 -8.277  11.323  1.00 59.30  ? 147 PHE A O   1 
ATOM   806  C CB  . PHE A 1 147 ? -9.732  -6.246  10.233  1.00 56.06  ? 147 PHE A CB  1 
ATOM   807  C CG  . PHE A 1 147 ? -10.935 -5.368  9.980   1.00 59.33  ? 147 PHE A CG  1 
ATOM   808  C CD1 . PHE A 1 147 ? -12.146 -5.548  10.625  1.00 62.16  ? 147 PHE A CD1 1 
ATOM   809  C CD2 . PHE A 1 147 ? -10.851 -4.351  9.023   1.00 58.99  ? 147 PHE A CD2 1 
ATOM   810  C CE1 . PHE A 1 147 ? -13.240 -4.724  10.339  1.00 59.35  ? 147 PHE A CE1 1 
ATOM   811  C CE2 . PHE A 1 147 ? -11.930 -3.511  8.753   1.00 60.31  ? 147 PHE A CE2 1 
ATOM   812  C CZ  . PHE A 1 147 ? -13.136 -3.707  9.409   1.00 56.67  ? 147 PHE A CZ  1 
ATOM   813  N N   . LYS A 1 148 ? -10.092 -9.451  10.751  1.00 52.34  ? 148 LYS A N   1 
ATOM   814  C CA  . LYS A 1 148 ? -10.853 -10.662 10.432  1.00 59.57  ? 148 LYS A CA  1 
ATOM   815  C C   . LYS A 1 148 ? -11.294 -11.353 11.716  1.00 65.66  ? 148 LYS A C   1 
ATOM   816  O O   . LYS A 1 148 ? -12.429 -11.823 11.806  1.00 76.16  ? 148 LYS A O   1 
ATOM   817  C CB  . LYS A 1 148 ? -10.031 -11.628 9.570   1.00 58.28  ? 148 LYS A CB  1 
ATOM   818  C CG  . LYS A 1 148 ? -10.847 -12.636 8.769   0.50 56.73  ? 148 LYS A CG  1 
ATOM   819  C CD  . LYS A 1 148 ? -11.563 -12.034 7.560   0.50 45.81  ? 148 LYS A CD  1 
ATOM   820  C CE  . LYS A 1 148 ? -11.588 -13.081 6.461   0.50 40.76  ? 148 LYS A CE  1 
ATOM   821  N NZ  . LYS A 1 148 ? -10.235 -13.281 5.841   0.50 37.11  ? 148 LYS A NZ  1 
ATOM   822  N N   . GLU A 1 149 ? -10.385 -11.413 12.692  1.00 60.68  ? 149 GLU A N   1 
ATOM   823  C CA  . GLU A 1 149 ? -10.674 -11.875 14.036  1.00 59.62  ? 149 GLU A CA  1 
ATOM   824  C C   . GLU A 1 149 ? -11.951 -11.162 14.530  1.00 65.01  ? 149 GLU A C   1 
ATOM   825  O O   . GLU A 1 149 ? -12.926 -11.813 14.920  1.00 65.78  ? 149 GLU A O   1 
ATOM   826  C CB  . GLU A 1 149 ? -9.458  -11.583 14.937  1.00 60.20  ? 149 GLU A CB  1 
ATOM   827  C CG  . GLU A 1 149 ? -9.154  -12.584 16.056  1.00 66.24  ? 149 GLU A CG  1 
ATOM   828  C CD  . GLU A 1 149 ? -8.994  -14.008 15.561  1.00 71.79  ? 149 GLU A CD  1 
ATOM   829  O OE1 . GLU A 1 149 ? -8.185  -14.251 14.629  1.00 70.07  ? 149 GLU A OE1 1 
ATOM   830  O OE2 . GLU A 1 149 ? -9.708  -14.886 16.093  1.00 75.61  ? 149 GLU A OE2 1 
ATOM   831  N N   . CYS A 1 150 ? -11.968 -9.836  14.424  1.00 58.98  ? 150 CYS A N   1 
ATOM   832  C CA  . CYS A 1 150 ? -13.056 -9.041  14.954  1.00 59.15  ? 150 CYS A CA  1 
ATOM   833  C C   . CYS A 1 150 ? -14.392 -9.197  14.265  1.00 63.30  ? 150 CYS A C   1 
ATOM   834  O O   . CYS A 1 150 ? -15.411 -8.865  14.875  1.00 68.96  ? 150 CYS A O   1 
ATOM   835  C CB  . CYS A 1 150 ? -12.672 -7.582  14.957  1.00 63.34  ? 150 CYS A CB  1 
ATOM   836  S SG  . CYS A 1 150 ? -11.257 -7.315  16.042  1.00 69.55  ? 150 CYS A SG  1 
ATOM   837  N N   . CYS A 1 151 ? -14.409 -9.665  13.015  1.00 58.35  ? 151 CYS A N   1 
ATOM   838  C CA  . CYS A 1 151 ? -15.689 -9.987  12.344  1.00 59.06  ? 151 CYS A CA  1 
ATOM   839  C C   . CYS A 1 151 ? -16.237 -11.286 12.879  1.00 61.72  ? 151 CYS A C   1 
ATOM   840  O O   . CYS A 1 151 ? -17.354 -11.313 13.420  1.00 60.76  ? 151 CYS A O   1 
ATOM   841  C CB  . CYS A 1 151 ? -15.560 -10.097 10.824  1.00 56.26  ? 151 CYS A CB  1 
ATOM   842  S SG  . CYS A 1 151 ? -15.526 -8.471  10.084  1.00 68.03  ? 151 CYS A SG  1 
ATOM   843  N N   . GLU A 1 152 ? -15.444 -12.353 12.695  1.00 62.52  ? 152 GLU A N   1 
ATOM   844  C CA  . GLU A 1 152 ? -15.663 -13.655 13.294  1.00 57.03  ? 152 GLU A CA  1 
ATOM   845  C C   . GLU A 1 152 ? -16.142 -13.580 14.744  1.00 58.23  ? 152 GLU A C   1 
ATOM   846  O O   . GLU A 1 152 ? -17.040 -14.326 15.138  1.00 63.40  ? 152 GLU A O   1 
ATOM   847  C CB  . GLU A 1 152 ? -14.368 -14.421 13.268  1.00 62.91  ? 152 GLU A CB  1 
ATOM   848  C CG  . GLU A 1 152 ? -14.260 -15.390 12.116  1.00 73.74  ? 152 GLU A CG  1 
ATOM   849  C CD  . GLU A 1 152 ? -12.863 -15.953 11.996  1.00 83.98  ? 152 GLU A CD  1 
ATOM   850  O OE1 . GLU A 1 152 ? -12.182 -16.097 13.043  1.00 96.47  ? 152 GLU A OE1 1 
ATOM   851  O OE2 . GLU A 1 152 ? -12.440 -16.234 10.853  1.00 78.33  ? 152 GLU A OE2 1 
ATOM   852  N N   . ALA A 1 153 ? -15.544 -12.677 15.524  1.00 49.83  ? 153 ALA A N   1 
ATOM   853  C CA  . ALA A 1 153 ? -15.902 -12.531 16.922  1.00 48.77  ? 153 ALA A CA  1 
ATOM   854  C C   . ALA A 1 153 ? -17.075 -11.582 17.103  1.00 52.65  ? 153 ALA A C   1 
ATOM   855  O O   . ALA A 1 153 ? -17.458 -11.286 18.220  1.00 63.67  ? 153 ALA A O   1 
ATOM   856  C CB  . ALA A 1 153 ? -14.707 -12.063 17.746  1.00 38.10  ? 153 ALA A CB  1 
ATOM   857  N N   . LYS A 1 154 ? -17.671 -11.133 16.015  1.00 53.81  ? 154 LYS A N   1 
ATOM   858  C CA  . LYS A 1 154 ? -18.626 -10.020 16.060  1.00 56.63  ? 154 LYS A CA  1 
ATOM   859  C C   . LYS A 1 154 ? -18.331 -8.980  17.144  1.00 55.25  ? 154 LYS A C   1 
ATOM   860  O O   . LYS A 1 154 ? -19.243 -8.489  17.817  1.00 54.22  ? 154 LYS A O   1 
ATOM   861  C CB  . LYS A 1 154 ? -20.064 -10.518 16.146  1.00 52.61  ? 154 LYS A CB  1 
ATOM   862  C CG  . LYS A 1 154 ? -20.375 -11.559 15.082  1.00 60.86  ? 154 LYS A CG  1 
ATOM   863  C CD  . LYS A 1 154 ? -21.843 -11.961 15.094  1.00 59.38  ? 154 LYS A CD  1 
ATOM   864  C CE  . LYS A 1 154 ? -22.037 -13.217 14.256  1.00 68.23  ? 154 LYS A CE  1 
ATOM   865  N NZ  . LYS A 1 154 ? -23.432 -13.286 13.737  1.00 71.37  ? 154 LYS A NZ  1 
ATOM   866  N N   . ASN A 1 155 ? -17.052 -8.649  17.299  1.00 54.34  ? 155 ASN A N   1 
ATOM   867  C CA  . ASN A 1 155 ? -16.657 -7.509  18.134  1.00 49.36  ? 155 ASN A CA  1 
ATOM   868  C C   . ASN A 1 155 ? -16.806 -6.224  17.357  1.00 46.58  ? 155 ASN A C   1 
ATOM   869  O O   . ASN A 1 155 ? -15.881 -5.797  16.665  1.00 52.12  ? 155 ASN A O   1 
ATOM   870  C CB  . ASN A 1 155 ? -15.221 -7.674  18.664  1.00 48.26  ? 155 ASN A CB  1 
ATOM   871  C CG  . ASN A 1 155 ? -14.710 -6.432  19.355  1.00 48.68  ? 155 ASN A CG  1 
ATOM   872  O OD1 . ASN A 1 155 ? -15.424 -5.436  19.443  1.00 52.84  ? 155 ASN A OD1 1 
ATOM   873  N ND2 . ASN A 1 155 ? -13.462 -6.467  19.832  1.00 49.63  ? 155 ASN A ND2 1 
ATOM   874  N N   . TYR A 1 156 ? -17.970 -5.608  17.456  1.00 49.57  ? 156 TYR A N   1 
ATOM   875  C CA  . TYR A 1 156 ? -18.254 -4.363  16.714  1.00 50.67  ? 156 TYR A CA  1 
ATOM   876  C C   . TYR A 1 156 ? -17.313 -3.191  17.001  1.00 52.41  ? 156 TYR A C   1 
ATOM   877  O O   . TYR A 1 156 ? -17.012 -2.395  16.098  1.00 55.09  ? 156 TYR A O   1 
ATOM   878  C CB  . TYR A 1 156 ? -19.676 -3.896  16.997  1.00 49.73  ? 156 TYR A CB  1 
ATOM   879  C CG  . TYR A 1 156 ? -20.022 -2.575  16.324  1.00 55.98  ? 156 TYR A CG  1 
ATOM   880  C CD1 . TYR A 1 156 ? -20.676 -2.551  15.062  1.00 45.21  ? 156 TYR A CD1 1 
ATOM   881  C CD2 . TYR A 1 156 ? -19.723 -1.343  16.962  1.00 51.95  ? 156 TYR A CD2 1 
ATOM   882  C CE1 . TYR A 1 156 ? -20.960 -1.352  14.460  1.00 50.54  ? 156 TYR A CE1 1 
ATOM   883  C CE2 . TYR A 1 156 ? -20.026 -0.134  16.359  1.00 53.00  ? 156 TYR A CE2 1 
ATOM   884  C CZ  . TYR A 1 156 ? -20.635 -0.144  15.118  1.00 56.27  ? 156 TYR A CZ  1 
ATOM   885  O OH  . TYR A 1 156 ? -20.932 1.060   14.528  1.00 60.21  ? 156 TYR A OH  1 
ATOM   886  N N   . GLU A 1 157 ? -16.906 -3.045  18.256  1.00 48.43  ? 157 GLU A N   1 
ATOM   887  C CA  . GLU A 1 157 ? -16.054 -1.926  18.618  1.00 53.66  ? 157 GLU A CA  1 
ATOM   888  C C   . GLU A 1 157 ? -14.745 -2.154  17.872  1.00 54.36  ? 157 GLU A C   1 
ATOM   889  O O   . GLU A 1 157 ? -14.424 -1.404  16.970  1.00 66.04  ? 157 GLU A O   1 
ATOM   890  C CB  . GLU A 1 157 ? -15.903 -1.747  20.167  1.00 50.53  ? 157 GLU A CB  1 
ATOM   891  C CG  . GLU A 1 157 ? -14.765 -0.814  20.593  0.50 47.42  ? 157 GLU A CG  1 
ATOM   892  C CD  . GLU A 1 157 ? -14.613 -0.627  22.115  0.50 48.35  ? 157 GLU A CD  1 
ATOM   893  O OE1 . GLU A 1 157 ? -15.386 -1.209  22.927  0.50 45.27  ? 157 GLU A OE1 1 
ATOM   894  O OE2 . GLU A 1 157 ? -13.694 0.130   22.503  0.50 41.60  ? 157 GLU A OE2 1 
ATOM   895  N N   . GLY A 1 158 ? -14.012 -3.207  18.206  1.00 55.15  ? 158 GLY A N   1 
ATOM   896  C CA  . GLY A 1 158 ? -12.869 -3.593  17.396  1.00 57.92  ? 158 GLY A CA  1 
ATOM   897  C C   . GLY A 1 158 ? -13.051 -3.355  15.887  1.00 61.99  ? 158 GLY A C   1 
ATOM   898  O O   . GLY A 1 158 ? -12.346 -2.523  15.306  1.00 62.69  ? 158 GLY A O   1 
ATOM   899  N N   . CYS A 1 159 ? -13.986 -4.063  15.240  1.00 57.18  ? 159 CYS A N   1 
ATOM   900  C CA  . CYS A 1 159 ? -14.234 -3.834  13.809  1.00 48.84  ? 159 CYS A CA  1 
ATOM   901  C C   . CYS A 1 159 ? -14.084 -2.353  13.417  1.00 52.74  ? 159 CYS A C   1 
ATOM   902  O O   . CYS A 1 159 ? -13.245 -2.027  12.579  1.00 59.04  ? 159 CYS A O   1 
ATOM   903  C CB  . CYS A 1 159 ? -15.575 -4.409  13.365  1.00 48.83  ? 159 CYS A CB  1 
ATOM   904  S SG  . CYS A 1 159 ? -15.618 -6.220  13.214  1.00 50.53  ? 159 CYS A SG  1 
ATOM   905  N N   . VAL A 1 160 ? -14.838 -1.448  14.035  1.00 48.70  ? 160 VAL A N   1 
ATOM   906  C CA  . VAL A 1 160 ? -14.611 0.002   13.815  1.00 55.55  ? 160 VAL A CA  1 
ATOM   907  C C   . VAL A 1 160 ? -13.166 0.541   14.016  1.00 57.90  ? 160 VAL A C   1 
ATOM   908  O O   . VAL A 1 160 ? -12.615 1.204   13.107  1.00 59.31  ? 160 VAL A O   1 
ATOM   909  C CB  . VAL A 1 160 ? -15.565 0.869   14.667  1.00 57.78  ? 160 VAL A CB  1 
ATOM   910  C CG1 . VAL A 1 160 ? -15.144 2.342   14.624  1.00 47.52  ? 160 VAL A CG1 1 
ATOM   911  C CG2 . VAL A 1 160 ? -17.000 0.652   14.205  1.00 55.41  ? 160 VAL A CG2 1 
ATOM   912  N N   . ARG A 1 161 ? -12.561 0.284   15.186  1.00 54.24  ? 161 ARG A N   1 
ATOM   913  C CA  . ARG A 1 161 ? -11.160 0.721   15.433  1.00 52.97  ? 161 ARG A CA  1 
ATOM   914  C C   . ARG A 1 161 ? -10.226 0.157   14.367  1.00 49.52  ? 161 ARG A C   1 
ATOM   915  O O   . ARG A 1 161 ? -9.310  0.874   13.902  1.00 49.57  ? 161 ARG A O   1 
ATOM   916  C CB  . ARG A 1 161 ? -10.653 0.390   16.865  1.00 56.73  ? 161 ARG A CB  1 
ATOM   917  C CG  . ARG A 1 161 ? -9.276  0.978   17.221  0.50 57.52  ? 161 ARG A CG  1 
ATOM   918  C CD  . ARG A 1 161 ? -9.252  2.502   17.264  0.50 55.50  ? 161 ARG A CD  1 
ATOM   919  N NE  . ARG A 1 161 ? -10.377 3.014   18.046  0.50 66.65  ? 161 ARG A NE  1 
ATOM   920  C CZ  . ARG A 1 161 ? -10.303 3.421   19.315  0.50 64.80  ? 161 ARG A CZ  1 
ATOM   921  N NH1 . ARG A 1 161 ? -9.136  3.407   19.961  0.50 61.19  ? 161 ARG A NH1 1 
ATOM   922  N NH2 . ARG A 1 161 ? -11.395 3.856   19.935  0.50 55.48  ? 161 ARG A NH2 1 
ATOM   923  N N   . CYS A 1 162 ? -10.484 -1.100  13.955  1.00 48.50  ? 162 CYS A N   1 
ATOM   924  C CA  . CYS A 1 162 ? -9.710  -1.770  12.890  1.00 46.33  ? 162 CYS A CA  1 
ATOM   925  C C   . CYS A 1 162 ? -9.805  -0.981  11.604  1.00 48.01  ? 162 CYS A C   1 
ATOM   926  O O   . CYS A 1 162 ? -8.770  -0.644  11.009  1.00 47.18  ? 162 CYS A O   1 
ATOM   927  C CB  . CYS A 1 162 ? -10.129 -3.225  12.687  1.00 49.81  ? 162 CYS A CB  1 
ATOM   928  S SG  . CYS A 1 162 ? -9.185  -4.417  13.688  1.00 64.85  ? 162 CYS A SG  1 
ATOM   929  N N   . LEU A 1 163 ? -11.040 -0.632  11.221  1.00 48.33  ? 163 LEU A N   1 
ATOM   930  C CA  . LEU A 1 163 ? -11.297 0.181   10.041  1.00 53.68  ? 163 LEU A CA  1 
ATOM   931  C C   . LEU A 1 163 ? -10.469 1.462   10.060  1.00 53.84  ? 163 LEU A C   1 
ATOM   932  O O   . LEU A 1 163 ? -9.736  1.739   9.101   1.00 55.18  ? 163 LEU A O   1 
ATOM   933  C CB  . LEU A 1 163 ? -12.798 0.499   9.894   1.00 59.50  ? 163 LEU A CB  1 
ATOM   934  C CG  . LEU A 1 163 ? -13.254 1.188   8.594   1.00 62.85  ? 163 LEU A CG  1 
ATOM   935  C CD1 . LEU A 1 163 ? -13.327 0.213   7.438   1.00 63.82  ? 163 LEU A CD1 1 
ATOM   936  C CD2 . LEU A 1 163 ? -14.605 1.878   8.754   1.00 70.01  ? 163 LEU A CD2 1 
ATOM   937  N N   . GLN A 1 164 ? -10.541 2.220   11.150  1.00 51.06  ? 164 GLN A N   1 
ATOM   938  C CA  . GLN A 1 164 ? -9.779  3.481   11.224  1.00 55.36  ? 164 GLN A CA  1 
ATOM   939  C C   . GLN A 1 164 ? -8.291  3.240   10.949  1.00 49.82  ? 164 GLN A C   1 
ATOM   940  O O   . GLN A 1 164 ? -7.696  3.907   10.094  1.00 54.03  ? 164 GLN A O   1 
ATOM   941  C CB  . GLN A 1 164 ? -9.993  4.248   12.559  1.00 59.87  ? 164 GLN A CB  1 
ATOM   942  C CG  . GLN A 1 164 ? -11.442 4.281   13.048  1.00 73.42  ? 164 GLN A CG  1 
ATOM   943  C CD  . GLN A 1 164 ? -11.634 4.852   14.461  1.00 88.32  ? 164 GLN A CD  1 
ATOM   944  O OE1 . GLN A 1 164 ? -10.944 4.481   15.428  1.00 94.99  ? 164 GLN A OE1 1 
ATOM   945  N NE2 . GLN A 1 164 ? -12.609 5.751   14.584  1.00 95.07  ? 164 GLN A NE2 1 
ATOM   946  N N   . GLN A 1 165 ? -7.685  2.276   11.636  1.00 47.16  ? 165 GLN A N   1 
ATOM   947  C CA  . GLN A 1 165 ? -6.267  2.031   11.395  1.00 46.36  ? 165 GLN A CA  1 
ATOM   948  C C   . GLN A 1 165 ? -6.026  1.719   9.942   1.00 48.74  ? 165 GLN A C   1 
ATOM   949  O O   . GLN A 1 165 ? -5.227  2.404   9.318   1.00 52.79  ? 165 GLN A O   1 
ATOM   950  C CB  . GLN A 1 165 ? -5.709  0.949   12.279  1.00 48.58  ? 165 GLN A CB  1 
ATOM   951  C CG  . GLN A 1 165 ? -5.842  1.239   13.763  1.00 58.51  ? 165 GLN A CG  1 
ATOM   952  C CD  . GLN A 1 165 ? -5.631  2.706   14.127  1.00 62.00  ? 165 GLN A CD  1 
ATOM   953  O OE1 . GLN A 1 165 ? -6.454  3.293   14.844  1.00 71.15  ? 165 GLN A OE1 1 
ATOM   954  N NE2 . GLN A 1 165 ? -4.550  3.309   13.633  1.00 60.71  ? 165 GLN A NE2 1 
ATOM   955  N N   . VAL A 1 166 ? -6.739  0.732   9.390   1.00 42.49  ? 166 VAL A N   1 
ATOM   956  C CA  . VAL A 1 166 ? -6.644  0.427   7.961   1.00 44.99  ? 166 VAL A CA  1 
ATOM   957  C C   . VAL A 1 166 ? -6.756  1.686   7.087   1.00 48.86  ? 166 VAL A C   1 
ATOM   958  O O   . VAL A 1 166 ? -5.919  1.923   6.205   1.00 52.66  ? 166 VAL A O   1 
ATOM   959  C CB  . VAL A 1 166 ? -7.668  -0.676  7.527   1.00 50.90  ? 166 VAL A CB  1 
ATOM   960  C CG1 . VAL A 1 166 ? -8.027  -0.549  6.066   1.00 52.34  ? 166 VAL A CG1 1 
ATOM   961  C CG2 . VAL A 1 166 ? -7.127  -2.084  7.758   1.00 47.03  ? 166 VAL A CG2 1 
ATOM   962  N N   . ASP A 1 167 ? -7.757  2.530   7.335   1.00 51.13  ? 167 ASP A N   1 
ATOM   963  C CA  . ASP A 1 167 ? -7.872  3.785   6.559   1.00 48.28  ? 167 ASP A CA  1 
ATOM   964  C C   . ASP A 1 167 ? -6.670  4.735   6.695   1.00 52.92  ? 167 ASP A C   1 
ATOM   965  O O   . ASP A 1 167 ? -6.147  5.198   5.667   1.00 56.44  ? 167 ASP A O   1 
ATOM   966  C CB  . ASP A 1 167 ? -9.122  4.543   6.925   1.00 47.98  ? 167 ASP A CB  1 
ATOM   967  C CG  . ASP A 1 167 ? -9.470  5.561   5.896   1.00 57.56  ? 167 ASP A CG  1 
ATOM   968  O OD1 . ASP A 1 167 ? -9.891  5.173   4.781   1.00 64.62  ? 167 ASP A OD1 1 
ATOM   969  O OD2 . ASP A 1 167 ? -9.309  6.758   6.185   1.00 58.35  ? 167 ASP A OD2 1 
ATOM   970  N N   . ILE A 1 168 ? -6.272  5.049   7.941   1.00 42.89  ? 168 ILE A N   1 
ATOM   971  C CA  . ILE A 1 168 ? -5.018  5.733   8.193   1.00 43.94  ? 168 ILE A CA  1 
ATOM   972  C C   . ILE A 1 168 ? -3.909  5.036   7.413   1.00 40.05  ? 168 ILE A C   1 
ATOM   973  O O   . ILE A 1 168 ? -3.252  5.651   6.601   1.00 39.74  ? 168 ILE A O   1 
ATOM   974  C CB  . ILE A 1 168 ? -4.611  5.754   9.717   1.00 47.46  ? 168 ILE A CB  1 
ATOM   975  C CG1 . ILE A 1 168 ? -5.323  6.865   10.468  1.00 41.18  ? 168 ILE A CG1 1 
ATOM   976  C CG2 . ILE A 1 168 ? -3.092  5.922   9.906   1.00 41.57  ? 168 ILE A CG2 1 
ATOM   977  C CD1 . ILE A 1 168 ? -5.964  6.355   11.736  1.00 43.42  ? 168 ILE A CD1 1 
ATOM   978  N N   . GLU A 1 169 ? -3.696  3.757   7.677   1.00 42.68  ? 169 GLU A N   1 
ATOM   979  C CA  . GLU A 1 169 ? -2.573  3.034   7.073   1.00 47.85  ? 169 GLU A CA  1 
ATOM   980  C C   . GLU A 1 169 ? -2.518  2.997   5.544   1.00 43.82  ? 169 GLU A C   1 
ATOM   981  O O   . GLU A 1 169 ? -1.454  3.238   4.991   1.00 45.31  ? 169 GLU A O   1 
ATOM   982  C CB  . GLU A 1 169 ? -2.433  1.635   7.657   1.00 55.57  ? 169 GLU A CB  1 
ATOM   983  C CG  . GLU A 1 169 ? -1.997  1.689   9.106   1.00 55.91  ? 169 GLU A CG  1 
ATOM   984  C CD  . GLU A 1 169 ? -0.614  2.245   9.249   1.00 62.89  ? 169 GLU A CD  1 
ATOM   985  O OE1 . GLU A 1 169 ? 0.138   2.091   8.256   1.00 64.37  ? 169 GLU A OE1 1 
ATOM   986  O OE2 . GLU A 1 169 ? -0.284  2.803   10.336  1.00 62.65  ? 169 GLU A OE2 1 
ATOM   987  N N   . TYR A 1 170 ? -3.635  2.777   4.849   1.00 44.39  ? 170 TYR A N   1 
ATOM   988  C CA  . TYR A 1 170 ? -3.556  2.783   3.371   1.00 46.57  ? 170 TYR A CA  1 
ATOM   989  C C   . TYR A 1 170 ? -3.258  4.143   2.832   1.00 47.97  ? 170 TYR A C   1 
ATOM   990  O O   . TYR A 1 170 ? -2.549  4.259   1.822   1.00 51.65  ? 170 TYR A O   1 
ATOM   991  C CB  . TYR A 1 170 ? -4.787  2.177   2.654   1.00 53.53  ? 170 TYR A CB  1 
ATOM   992  C CG  . TYR A 1 170 ? -5.790  3.171   2.124   1.00 49.23  ? 170 TYR A CG  1 
ATOM   993  C CD1 . TYR A 1 170 ? -5.631  3.794   0.888   1.00 51.76  ? 170 TYR A CD1 1 
ATOM   994  C CD2 . TYR A 1 170 ? -6.893  3.488   2.869   1.00 60.70  ? 170 TYR A CD2 1 
ATOM   995  C CE1 . TYR A 1 170 ? -6.576  4.692   0.407   1.00 58.40  ? 170 TYR A CE1 1 
ATOM   996  C CE2 . TYR A 1 170 ? -7.835  4.393   2.415   1.00 68.49  ? 170 TYR A CE2 1 
ATOM   997  C CZ  . TYR A 1 170 ? -7.681  4.986   1.192   1.00 66.59  ? 170 TYR A CZ  1 
ATOM   998  O OH  . TYR A 1 170 ? -8.668  5.865   0.819   1.00 71.30  ? 170 TYR A OH  1 
ATOM   999  N N   . LYS A 1 171 ? -3.796  5.168   3.494   1.00 48.49  ? 171 LYS A N   1 
ATOM   1000 C CA  . LYS A 1 171 ? -3.559  6.558   3.088   1.00 48.77  ? 171 LYS A CA  1 
ATOM   1001 C C   . LYS A 1 171 ? -2.121  7.016   3.264   1.00 47.96  ? 171 LYS A C   1 
ATOM   1002 O O   . LYS A 1 171 ? -1.604  7.790   2.454   1.00 56.61  ? 171 LYS A O   1 
ATOM   1003 C CB  . LYS A 1 171 ? -4.513  7.491   3.799   1.00 50.02  ? 171 LYS A CB  1 
ATOM   1004 C CG  . LYS A 1 171 ? -5.880  7.365   3.179   1.00 52.30  ? 171 LYS A CG  1 
ATOM   1005 C CD  . LYS A 1 171 ? -6.879  8.327   3.779   1.00 55.31  ? 171 LYS A CD  1 
ATOM   1006 C CE  . LYS A 1 171 ? -8.273  7.860   3.377   1.00 62.95  ? 171 LYS A CE  1 
ATOM   1007 N NZ  . LYS A 1 171 ? -9.336  8.899   3.299   1.00 60.31  ? 171 LYS A NZ  1 
ATOM   1008 N N   . ALA A 1 172 ? -1.461  6.527   4.299   1.00 48.32  ? 172 ALA A N   1 
ATOM   1009 C CA  . ALA A 1 172 ? -0.044  6.840   4.484   1.00 46.12  ? 172 ALA A CA  1 
ATOM   1010 C C   . ALA A 1 172 ? 0.807   6.064   3.469   1.00 45.01  ? 172 ALA A C   1 
ATOM   1011 O O   . ALA A 1 172 ? 1.736   6.608   2.888   1.00 47.51  ? 172 ALA A O   1 
ATOM   1012 C CB  . ALA A 1 172 ? 0.385   6.555   5.919   1.00 45.65  ? 172 ALA A CB  1 
ATOM   1013 N N   . LEU A 1 173 ? 0.475   4.807   3.200   1.00 43.95  ? 173 LEU A N   1 
ATOM   1014 C CA  . LEU A 1 173 ? 1.185   4.100   2.133   1.00 42.05  ? 173 LEU A CA  1 
ATOM   1015 C C   . LEU A 1 173 ? 1.079   4.790   0.762   1.00 44.01  ? 173 LEU A C   1 
ATOM   1016 O O   . LEU A 1 173 ? 2.037   4.825   0.013   1.00 50.56  ? 173 LEU A O   1 
ATOM   1017 C CB  . LEU A 1 173 ? 0.720   2.657   2.021   1.00 40.69  ? 173 LEU A CB  1 
ATOM   1018 C CG  . LEU A 1 173 ? 1.494   1.827   0.978   1.00 41.18  ? 173 LEU A CG  1 
ATOM   1019 C CD1 . LEU A 1 173 ? 2.976   1.722   1.297   1.00 39.34  ? 173 LEU A CD1 1 
ATOM   1020 C CD2 . LEU A 1 173 ? 0.921   0.435   0.819   1.00 41.25  ? 173 LEU A CD2 1 
ATOM   1021 N N   . LYS A 1 174 ? -0.084  5.333   0.425   1.00 46.50  ? 174 LYS A N   1 
ATOM   1022 C CA  . LYS A 1 174 ? -0.262  5.993   -0.873  1.00 41.65  ? 174 LYS A CA  1 
ATOM   1023 C C   . LYS A 1 174 ? 0.702   7.146   -1.017  1.00 43.98  ? 174 LYS A C   1 
ATOM   1024 O O   . LYS A 1 174 ? 1.393   7.229   -2.024  1.00 50.03  ? 174 LYS A O   1 
ATOM   1025 C CB  . LYS A 1 174 ? -1.688  6.478   -1.007  1.00 40.13  ? 174 LYS A CB  1 
ATOM   1026 C CG  . LYS A 1 174 ? -2.035  6.981   -2.374  1.00 44.20  ? 174 LYS A CG  1 
ATOM   1027 C CD  . LYS A 1 174 ? -3.338  7.771   -2.309  1.00 48.49  ? 174 LYS A CD  1 
ATOM   1028 C CE  . LYS A 1 174 ? -4.239  7.526   -3.514  1.00 47.03  ? 174 LYS A CE  1 
ATOM   1029 N NZ  . LYS A 1 174 ? -3.545  7.800   -4.802  1.00 55.49  ? 174 LYS A NZ  1 
ATOM   1030 N N   . THR A 1 175 ? 0.755   8.017   -0.002  1.00 42.05  ? 175 THR A N   1 
ATOM   1031 C CA  . THR A 1 175 ? 1.653   9.177   0.066   1.00 44.17  ? 175 THR A CA  1 
ATOM   1032 C C   . THR A 1 175 ? 3.114   8.789   -0.132  1.00 47.85  ? 175 THR A C   1 
ATOM   1033 O O   . THR A 1 175 ? 3.806   9.390   -0.940  1.00 56.77  ? 175 THR A O   1 
ATOM   1034 C CB  . THR A 1 175 ? 1.588   9.828   1.468   1.00 48.45  ? 175 THR A CB  1 
ATOM   1035 O OG1 . THR A 1 175 ? 0.471   10.706  1.555   1.00 44.85  ? 175 THR A OG1 1 
ATOM   1036 C CG2 . THR A 1 175 ? 2.834   10.599  1.763   1.00 48.70  ? 175 THR A CG2 1 
ATOM   1037 N N   . LYS A 1 176 ? 3.583   7.799   0.631   1.00 49.38  ? 176 LYS A N   1 
ATOM   1038 C CA  . LYS A 1 176 ? 4.961   7.297   0.538   1.00 43.68  ? 176 LYS A CA  1 
ATOM   1039 C C   . LYS A 1 176 ? 5.314   6.794   -0.823  1.00 41.26  ? 176 LYS A C   1 
ATOM   1040 O O   . LYS A 1 176 ? 6.418   7.035   -1.293  1.00 46.14  ? 176 LYS A O   1 
ATOM   1041 C CB  . LYS A 1 176 ? 5.195   6.127   1.489   1.00 49.02  ? 176 LYS A CB  1 
ATOM   1042 C CG  . LYS A 1 176 ? 4.698   6.316   2.907   1.00 46.67  ? 176 LYS A CG  1 
ATOM   1043 C CD  . LYS A 1 176 ? 5.577   7.222   3.721   1.00 41.01  ? 176 LYS A CD  1 
ATOM   1044 C CE  . LYS A 1 176 ? 5.105   7.149   5.164   1.00 48.41  ? 176 LYS A CE  1 
ATOM   1045 N NZ  . LYS A 1 176 ? 5.952   7.991   6.077   1.00 54.53  ? 176 LYS A NZ  1 
ATOM   1046 N N   . LEU A 1 177 ? 4.400   6.061   -1.458  1.00 43.49  ? 177 LEU A N   1 
ATOM   1047 C CA  . LEU A 1 177 ? 4.703   5.483   -2.774  1.00 40.96  ? 177 LEU A CA  1 
ATOM   1048 C C   . LEU A 1 177 ? 4.633   6.512   -3.870  1.00 44.21  ? 177 LEU A C   1 
ATOM   1049 O O   . LEU A 1 177 ? 5.396   6.388   -4.834  1.00 45.98  ? 177 LEU A O   1 
ATOM   1050 C CB  . LEU A 1 177 ? 3.828   4.277   -3.098  1.00 39.79  ? 177 LEU A CB  1 
ATOM   1051 C CG  . LEU A 1 177 ? 3.915   3.041   -2.201  1.00 37.58  ? 177 LEU A CG  1 
ATOM   1052 C CD1 . LEU A 1 177 ? 3.273   1.846   -2.886  1.00 39.07  ? 177 LEU A CD1 1 
ATOM   1053 C CD2 . LEU A 1 177 ? 5.339   2.671   -1.901  1.00 40.05  ? 177 LEU A CD2 1 
ATOM   1054 N N   . GLN A 1 178 ? 3.748   7.518   -3.726  1.00 47.07  ? 178 GLN A N   1 
ATOM   1055 C CA  . GLN A 1 178 ? 3.789   8.735   -4.590  1.00 51.83  ? 178 GLN A CA  1 
ATOM   1056 C C   . GLN A 1 178 ? 5.182   9.315   -4.622  1.00 48.99  ? 178 GLN A C   1 
ATOM   1057 O O   . GLN A 1 178 ? 5.755   9.509   -5.719  1.00 42.81  ? 178 GLN A O   1 
ATOM   1058 C CB  . GLN A 1 178 ? 2.922   9.896   -4.096  1.00 54.34  ? 178 GLN A CB  1 
ATOM   1059 C CG  . GLN A 1 178 ? 1.565   9.546   -3.552  1.00 72.98  ? 178 GLN A CG  1 
ATOM   1060 C CD  . GLN A 1 178 ? 0.422   9.776   -4.536  1.00 78.79  ? 178 GLN A CD  1 
ATOM   1061 O OE1 . GLN A 1 178 ? -0.700  10.141  -4.122  1.00 67.50  ? 178 GLN A OE1 1 
ATOM   1062 N NE2 . GLN A 1 178 ? 0.686   9.550   -5.832  1.00 79.60  ? 178 GLN A NE2 1 
ATOM   1063 N N   . ASP A 1 179 ? 5.695   9.627   -3.417  1.00 45.15  ? 179 ASP A N   1 
ATOM   1064 C CA  . ASP A 1 179 ? 7.026   10.174  -3.269  1.00 42.75  ? 179 ASP A CA  1 
ATOM   1065 C C   . ASP A 1 179 ? 7.943   9.300   -4.044  1.00 40.81  ? 179 ASP A C   1 
ATOM   1066 O O   . ASP A 1 179 ? 8.622   9.768   -4.952  1.00 52.20  ? 179 ASP A O   1 
ATOM   1067 C CB  . ASP A 1 179 ? 7.479   10.182  -1.836  1.00 44.09  ? 179 ASP A CB  1 
ATOM   1068 C CG  . ASP A 1 179 ? 6.855   11.277  -1.057  1.00 50.72  ? 179 ASP A CG  1 
ATOM   1069 O OD1 . ASP A 1 179 ? 6.208   12.160  -1.678  1.00 50.23  ? 179 ASP A OD1 1 
ATOM   1070 O OD2 . ASP A 1 179 ? 7.004   11.244  0.187   1.00 54.90  ? 179 ASP A OD2 1 
ATOM   1071 N N   . MET A 1 180 ? 7.924   8.018   -3.736  1.00 37.39  ? 180 MET A N   1 
ATOM   1072 C CA  . MET A 1 180 ? 8.865   7.086   -4.343  1.00 38.14  ? 180 MET A CA  1 
ATOM   1073 C C   . MET A 1 180 ? 8.779   7.202   -5.845  1.00 39.27  ? 180 MET A C   1 
ATOM   1074 O O   . MET A 1 180 ? 9.789   7.436   -6.499  1.00 40.65  ? 180 MET A O   1 
ATOM   1075 C CB  . MET A 1 180 ? 8.531   5.675   -3.888  1.00 45.53  ? 180 MET A CB  1 
ATOM   1076 C CG  . MET A 1 180 ? 9.722   4.765   -3.670  1.00 51.99  ? 180 MET A CG  1 
ATOM   1077 S SD  . MET A 1 180 ? 9.310   3.001   -3.781  1.00 49.71  ? 180 MET A SD  1 
ATOM   1078 C CE  . MET A 1 180 ? 8.520   3.056   -5.394  1.00 47.52  ? 180 MET A CE  1 
ATOM   1079 N N   . PHE A 1 181 ? 7.568   7.101   -6.398  1.00 41.27  ? 181 PHE A N   1 
ATOM   1080 C CA  . PHE A 1 181 ? 7.420   7.216   -7.843  1.00 44.51  ? 181 PHE A CA  1 
ATOM   1081 C C   . PHE A 1 181 ? 7.848   8.559   -8.365  1.00 43.65  ? 181 PHE A C   1 
ATOM   1082 O O   . PHE A 1 181 ? 8.502   8.629   -9.408  1.00 45.19  ? 181 PHE A O   1 
ATOM   1083 C CB  . PHE A 1 181 ? 6.027   6.773   -8.364  1.00 49.89  ? 181 PHE A CB  1 
ATOM   1084 C CG  . PHE A 1 181 ? 5.746   5.329   -8.084  1.00 57.12  ? 181 PHE A CG  1 
ATOM   1085 C CD1 . PHE A 1 181 ? 6.749   4.360   -8.287  1.00 66.23  ? 181 PHE A CD1 1 
ATOM   1086 C CD2 . PHE A 1 181 ? 4.534   4.921   -7.551  1.00 58.54  ? 181 PHE A CD2 1 
ATOM   1087 C CE1 . PHE A 1 181 ? 6.540   3.015   -7.982  1.00 55.46  ? 181 PHE A CE1 1 
ATOM   1088 C CE2 . PHE A 1 181 ? 4.332   3.585   -7.241  1.00 57.42  ? 181 PHE A CE2 1 
ATOM   1089 C CZ  . PHE A 1 181 ? 5.333   2.638   -7.450  1.00 53.76  ? 181 PHE A CZ  1 
ATOM   1090 N N   . ASN A 1 182 ? 7.502   9.624   -7.651  1.00 44.39  ? 182 ASN A N   1 
ATOM   1091 C CA  . ASN A 1 182 ? 8.014   10.929  -8.026  1.00 46.27  ? 182 ASN A CA  1 
ATOM   1092 C C   . ASN A 1 182 ? 9.502   10.875  -8.183  1.00 50.32  ? 182 ASN A C   1 
ATOM   1093 O O   . ASN A 1 182 ? 10.041  11.221  -9.248  1.00 52.67  ? 182 ASN A O   1 
ATOM   1094 C CB  . ASN A 1 182 ? 7.704   11.944  -6.978  1.00 47.35  ? 182 ASN A CB  1 
ATOM   1095 C CG  . ASN A 1 182 ? 6.283   12.421  -7.067  1.00 51.97  ? 182 ASN A CG  1 
ATOM   1096 O OD1 . ASN A 1 182 ? 5.579   12.160  -8.055  1.00 39.82  ? 182 ASN A OD1 1 
ATOM   1097 N ND2 . ASN A 1 182 ? 5.839   13.122  -6.012  1.00 57.03  ? 182 ASN A ND2 1 
ATOM   1098 N N   . LEU A 1 183 ? 10.160  10.411  -7.126  1.00 47.70  ? 183 LEU A N   1 
ATOM   1099 C CA  . LEU A 1 183 ? 11.595  10.197  -7.132  1.00 46.95  ? 183 LEU A CA  1 
ATOM   1100 C C   . LEU A 1 183 ? 12.079  9.391   -8.315  1.00 49.07  ? 183 LEU A C   1 
ATOM   1101 O O   . LEU A 1 183 ? 13.065  9.760   -8.953  1.00 48.71  ? 183 LEU A O   1 
ATOM   1102 C CB  . LEU A 1 183 ? 11.994  9.516   -5.859  1.00 50.51  ? 183 LEU A CB  1 
ATOM   1103 C CG  . LEU A 1 183 ? 13.245  10.084  -5.236  1.00 54.74  ? 183 LEU A CG  1 
ATOM   1104 C CD1 . LEU A 1 183 ? 13.141  10.038  -3.714  1.00 52.80  ? 183 LEU A CD1 1 
ATOM   1105 C CD2 . LEU A 1 183 ? 14.365  9.206   -5.761  1.00 54.98  ? 183 LEU A CD2 1 
ATOM   1106 N N   . GLU A 1 184 ? 11.398  8.298   -8.647  1.00 55.49  ? 184 GLU A N   1 
ATOM   1107 C CA  . GLU A 1 184 ? 11.712  7.614   -9.922  1.00 52.46  ? 184 GLU A CA  1 
ATOM   1108 C C   . GLU A 1 184 ? 11.694  8.551   -11.180 1.00 53.13  ? 184 GLU A C   1 
ATOM   1109 O O   . GLU A 1 184 ? 12.686  8.600   -11.921 1.00 50.19  ? 184 GLU A O   1 
ATOM   1110 C CB  . GLU A 1 184 ? 10.861  6.366   -10.104 1.00 55.03  ? 184 GLU A CB  1 
ATOM   1111 C CG  . GLU A 1 184 ? 11.134  5.291   -9.063  1.00 67.32  ? 184 GLU A CG  1 
ATOM   1112 C CD  . GLU A 1 184 ? 10.543  3.931   -9.428  1.00 80.62  ? 184 GLU A CD  1 
ATOM   1113 O OE1 . GLU A 1 184 ? 10.320  3.674   -10.641 1.00 77.85  ? 184 GLU A OE1 1 
ATOM   1114 O OE2 . GLU A 1 184 ? 10.304  3.109   -8.499  1.00 88.40  ? 184 GLU A OE2 1 
ATOM   1115 N N   . LYS A 1 185 ? 10.602  9.300   -11.395 1.00 52.55  ? 185 LYS A N   1 
ATOM   1116 C CA  . LYS A 1 185 ? 10.483  10.337  -12.459 1.00 51.83  ? 185 LYS A CA  1 
ATOM   1117 C C   . LYS A 1 185 ? 11.634  11.417  -12.504 1.00 55.68  ? 185 LYS A C   1 
ATOM   1118 O O   . LYS A 1 185 ? 12.210  11.739  -13.573 1.00 55.47  ? 185 LYS A O   1 
ATOM   1119 C CB  . LYS A 1 185 ? 9.084   11.007  -12.343 1.00 51.20  ? 185 LYS A CB  1 
ATOM   1120 C CG  . LYS A 1 185 ? 7.948   10.067  -12.731 0.50 53.95  ? 185 LYS A CG  1 
ATOM   1121 C CD  . LYS A 1 185 ? 6.668   10.316  -11.936 0.50 59.98  ? 185 LYS A CD  1 
ATOM   1122 C CE  . LYS A 1 185 ? 5.501   9.520   -12.522 0.50 60.32  ? 185 LYS A CE  1 
ATOM   1123 N NZ  . LYS A 1 185 ? 4.286   9.502   -11.652 0.50 56.12  ? 185 LYS A NZ  1 
ATOM   1124 N N   . GLN A 1 186 ? 11.950  11.968  -11.333 1.00 51.59  ? 186 GLN A N   1 
ATOM   1125 C CA  . GLN A 1 186 ? 13.068  12.880  -11.149 1.00 53.91  ? 186 GLN A CA  1 
ATOM   1126 C C   . GLN A 1 186 ? 14.415  12.278  -11.582 1.00 61.38  ? 186 GLN A C   1 
ATOM   1127 O O   . GLN A 1 186 ? 15.292  13.003  -12.041 1.00 72.67  ? 186 GLN A O   1 
ATOM   1128 C CB  . GLN A 1 186 ? 13.153  13.343  -9.680  1.00 53.11  ? 186 GLN A CB  1 
ATOM   1129 C CG  . GLN A 1 186 ? 11.865  13.961  -9.153  1.00 57.96  ? 186 GLN A CG  1 
ATOM   1130 C CD  . GLN A 1 186 ? 11.867  14.102  -7.645  1.00 63.35  ? 186 GLN A CD  1 
ATOM   1131 O OE1 . GLN A 1 186 ? 12.815  14.607  -7.066  1.00 69.34  ? 186 GLN A OE1 1 
ATOM   1132 N NE2 . GLN A 1 186 ? 10.795  13.668  -7.003  1.00 71.12  ? 186 GLN A NE2 1 
ATOM   1133 N N   . ILE A 1 187 ? 14.601  10.976  -11.404 1.00 57.81  ? 187 ILE A N   1 
ATOM   1134 C CA  . ILE A 1 187 ? 15.810  10.317  -11.884 1.00 59.77  ? 187 ILE A CA  1 
ATOM   1135 C C   . ILE A 1 187 ? 15.789  10.058  -13.390 1.00 64.43  ? 187 ILE A C   1 
ATOM   1136 O O   . ILE A 1 187 ? 16.756  10.382  -14.078 1.00 69.93  ? 187 ILE A O   1 
ATOM   1137 C CB  . ILE A 1 187 ? 16.044  8.974   -11.180 1.00 56.22  ? 187 ILE A CB  1 
ATOM   1138 C CG1 . ILE A 1 187 ? 16.217  9.188   -9.686  1.00 57.52  ? 187 ILE A CG1 1 
ATOM   1139 C CG2 . ILE A 1 187 ? 17.237  8.271   -11.794 1.00 57.24  ? 187 ILE A CG2 1 
ATOM   1140 C CD1 . ILE A 1 187 ? 16.515  7.918   -8.916  1.00 67.03  ? 187 ILE A CD1 1 
ATOM   1141 N N   . ILE A 1 188 ? 14.704  9.451   -13.878 1.00 60.75  ? 188 ILE A N   1 
ATOM   1142 C CA  . ILE A 1 188 ? 14.559  9.032   -15.279 1.00 60.92  ? 188 ILE A CA  1 
ATOM   1143 C C   . ILE A 1 188 ? 14.835  10.210  -16.212 1.00 63.34  ? 188 ILE A C   1 
ATOM   1144 O O   . ILE A 1 188 ? 15.827  10.209  -16.935 1.00 70.05  ? 188 ILE A O   1 
ATOM   1145 C CB  . ILE A 1 188 ? 13.147  8.417   -15.601 1.00 59.69  ? 188 ILE A CB  1 
ATOM   1146 C CG1 . ILE A 1 188 ? 12.815  7.179   -14.742 1.00 58.76  ? 188 ILE A CG1 1 
ATOM   1147 C CG2 . ILE A 1 188 ? 13.036  8.061   -17.070 1.00 57.55  ? 188 ILE A CG2 1 
ATOM   1148 C CD1 . ILE A 1 188 ? 13.419  5.852   -15.189 1.00 62.22  ? 188 ILE A CD1 1 
ATOM   1149 N N   . GLN A 1 189 ? 13.950  11.199  -16.238 1.00 75.10  ? 189 GLN A N   1 
ATOM   1150 C CA  . GLN A 1 189 ? 14.304  12.453  -16.914 1.00 77.80  ? 189 GLN A CA  1 
ATOM   1151 C C   . GLN A 1 189 ? 15.269  13.021  -15.910 1.00 63.78  ? 189 GLN A C   1 
ATOM   1152 O O   . GLN A 1 189 ? 15.028  12.909  -14.713 1.00 76.92  ? 189 GLN A O   1 
ATOM   1153 C CB  . GLN A 1 189 ? 13.079  13.356  -17.209 1.00 82.82  ? 189 GLN A CB  1 
ATOM   1154 C CG  . GLN A 1 189 ? 12.558  14.234  -16.077 1.00 76.36  ? 189 GLN A CG  1 
ATOM   1155 C CD  . GLN A 1 189 ? 13.411  15.469  -15.876 1.00 78.27  ? 189 GLN A CD  1 
ATOM   1156 O OE1 . GLN A 1 189 ? 13.820  16.118  -16.850 1.00 70.01  ? 189 GLN A OE1 1 
ATOM   1157 N NE2 . GLN A 1 189 ? 13.710  15.793  -14.608 1.00 82.64  ? 189 GLN A NE2 1 
ATOM   1158 N N   . ALA A 1 190 ? 16.367  13.568  -16.402 1.00 50.40  ? 190 ALA A N   1 
ATOM   1159 C CA  . ALA A 1 190 ? 17.624  13.785  -15.634 1.00 59.42  ? 190 ALA A CA  1 
ATOM   1160 C C   . ALA A 1 190 ? 18.633  12.683  -15.904 1.00 63.16  ? 190 ALA A C   1 
ATOM   1161 O O   . ALA A 1 190 ? 19.716  12.698  -15.331 1.00 62.31  ? 190 ALA A O   1 
ATOM   1162 C CB  . ALA A 1 190 ? 17.425  13.932  -14.140 1.00 50.38  ? 190 ALA A CB  1 
ATOM   1163 N N   . GLY A 1 191 ? 18.223  11.714  -16.732 1.00 64.50  ? 191 GLY A N   1 
ATOM   1164 C CA  . GLY A 1 191 ? 19.093  10.765  -17.422 1.00 61.45  ? 191 GLY A CA  1 
ATOM   1165 C C   . GLY A 1 191 ? 19.752  9.590   -16.717 1.00 62.93  ? 191 GLY A C   1 
ATOM   1166 O O   . GLY A 1 191 ? 20.643  8.969   -17.295 1.00 68.22  ? 191 GLY A O   1 
ATOM   1167 N N   . GLY A 1 192 ? 19.342  9.277   -15.489 1.00 64.73  ? 192 GLY A N   1 
ATOM   1168 C CA  . GLY A 1 192 ? 19.917  8.156   -14.729 1.00 65.45  ? 192 GLY A CA  1 
ATOM   1169 C C   . GLY A 1 192 ? 19.028  6.925   -14.799 1.00 71.80  ? 192 GLY A C   1 
ATOM   1170 O O   . GLY A 1 192 ? 17.883  7.021   -15.274 1.00 72.32  ? 192 GLY A O   1 
ATOM   1171 N N   . ILE A 1 193 ? 19.557  5.771   -14.365 1.00 69.82  ? 193 ILE A N   1 
ATOM   1172 C CA  . ILE A 1 193 ? 18.749  4.545   -14.232 1.00 73.88  ? 193 ILE A CA  1 
ATOM   1173 C C   . ILE A 1 193 ? 18.290  4.352   -12.785 1.00 80.71  ? 193 ILE A C   1 
ATOM   1174 O O   . ILE A 1 193 ? 18.910  4.918   -11.870 1.00 75.08  ? 193 ILE A O   1 
ATOM   1175 C CB  . ILE A 1 193 ? 19.475  3.287   -14.755 1.00 70.42  ? 193 ILE A CB  1 
ATOM   1176 C CG1 . ILE A 1 193 ? 20.848  3.098   -14.063 0.50 67.50  ? 193 ILE A CG1 1 
ATOM   1177 C CG2 . ILE A 1 193 ? 19.579  3.356   -16.276 1.00 59.76  ? 193 ILE A CG2 1 
ATOM   1178 C CD1 . ILE A 1 193 ? 20.866  2.135   -12.888 0.50 58.27  ? 193 ILE A CD1 1 
ATOM   1179 N N   . VAL A 1 194 ? 17.205  3.584   -12.591 1.00 79.97  ? 194 VAL A N   1 
ATOM   1180 C CA  . VAL A 1 194 ? 16.704  3.244   -11.239 1.00 81.21  ? 194 VAL A CA  1 
ATOM   1181 C C   . VAL A 1 194 ? 17.363  1.958   -10.672 1.00 80.91  ? 194 VAL A C   1 
ATOM   1182 O O   . VAL A 1 194 ? 17.320  0.898   -11.315 1.00 69.53  ? 194 VAL A O   1 
ATOM   1183 C CB  . VAL A 1 194 ? 15.134  3.246   -11.118 1.00 80.90  ? 194 VAL A CB  1 
ATOM   1184 C CG1 . VAL A 1 194 ? 14.541  4.559   -11.609 1.00 76.39  ? 194 VAL A CG1 1 
ATOM   1185 C CG2 . VAL A 1 194 ? 14.480  2.084   -11.863 1.00 88.31  ? 194 VAL A CG2 1 
ATOM   1186 N N   . PRO A 1 195 ? 17.997  2.065   -9.475  1.00 89.99  ? 195 PRO A N   1 
ATOM   1187 C CA  . PRO A 1 195 ? 18.707  0.934   -8.846  1.00 107.04 ? 195 PRO A CA  1 
ATOM   1188 C C   . PRO A 1 195 ? 17.804  -0.209  -8.366  1.00 111.81 ? 195 PRO A C   1 
ATOM   1189 O O   . PRO A 1 195 ? 16.764  0.033   -7.734  1.00 103.89 ? 195 PRO A O   1 
ATOM   1190 C CB  . PRO A 1 195 ? 19.422  1.578   -7.638  1.00 109.95 ? 195 PRO A CB  1 
ATOM   1191 C CG  . PRO A 1 195 ? 18.677  2.837   -7.368  1.00 95.94  ? 195 PRO A CG  1 
ATOM   1192 C CD  . PRO A 1 195 ? 18.158  3.308   -8.698  1.00 84.89  ? 195 PRO A CD  1 
ATOM   1193 N N   . GLN A 1 196 ? 18.240  -1.439  -8.635  1.00 109.69 ? 196 GLN A N   1 
ATOM   1194 C CA  . GLN A 1 196 ? 17.476  -2.634  -8.289  1.00 110.43 ? 196 GLN A CA  1 
ATOM   1195 C C   . GLN A 1 196 ? 17.287  -2.890  -6.765  1.00 114.77 ? 196 GLN A C   1 
ATOM   1196 O O   . GLN A 1 196 ? 16.449  -3.717  -6.391  1.00 133.74 ? 196 GLN A O   1 
ATOM   1197 C CB  . GLN A 1 196 ? 18.048  -3.866  -9.024  1.00 105.08 ? 196 GLN A CB  1 
ATOM   1198 C CG  . GLN A 1 196 ? 17.921  -3.796  -10.546 0.50 95.88  ? 196 GLN A CG  1 
ATOM   1199 C CD  . GLN A 1 196 ? 18.375  -5.065  -11.245 0.50 93.86  ? 196 GLN A CD  1 
ATOM   1200 O OE1 . GLN A 1 196 ? 19.561  -5.408  -11.249 0.50 86.16  ? 196 GLN A OE1 1 
ATOM   1201 N NE2 . GLN A 1 196 ? 17.429  -5.766  -11.857 0.50 90.03  ? 196 GLN A NE2 1 
ATOM   1202 N N   . VAL A 1 197 ? 18.028  -2.182  -5.902  1.00 107.18 ? 197 VAL A N   1 
ATOM   1203 C CA  . VAL A 1 197 ? 17.971  -2.376  -4.417  1.00 104.63 ? 197 VAL A CA  1 
ATOM   1204 C C   . VAL A 1 197 ? 17.769  -3.847  -3.973  1.00 103.99 ? 197 VAL A C   1 
ATOM   1205 O O   . VAL A 1 197 ? 18.550  -4.410  -3.194  1.00 89.32  ? 197 VAL A O   1 
ATOM   1206 C CB  . VAL A 1 197 ? 16.909  -1.473  -3.711  1.00 91.99  ? 197 VAL A CB  1 
ATOM   1207 C CG1 . VAL A 1 197 ? 16.898  -0.060  -4.288  1.00 80.43  ? 197 VAL A CG1 1 
ATOM   1208 C CG2 . VAL A 1 197 ? 15.525  -2.110  -3.760  1.00 90.10  ? 197 VAL A CG2 1 
HETATM 1209 O O1  . MES B 2 .   ? 1.077   5.537   -6.397  0.80 57.51  ? 301 MES A O1  1 
HETATM 1210 C C2  . MES B 2 .   ? -0.042  6.220   -5.830  0.80 54.83  ? 301 MES A C2  1 
HETATM 1211 C C3  . MES B 2 .   ? -1.216  6.191   -6.821  0.80 57.19  ? 301 MES A C3  1 
HETATM 1212 N N4  . MES B 2 .   ? -0.668  6.610   -8.134  0.80 61.94  ? 301 MES A N4  1 
HETATM 1213 C C5  . MES B 2 .   ? 0.184   5.529   -8.680  0.80 57.25  ? 301 MES A C5  1 
HETATM 1214 C C6  . MES B 2 .   ? 0.733   4.705   -7.513  0.80 50.82  ? 301 MES A C6  1 
HETATM 1215 C C7  . MES B 2 .   ? -1.715  7.026   -9.102  0.50 59.58  ? 301 MES A C7  1 
HETATM 1216 C C8  A MES B 2 .   ? -1.219  8.179   -9.989  0.20 53.58  ? 301 MES A C8  1 
HETATM 1217 C C8  B MES B 2 .   ? -2.396  8.295   -8.584  0.30 60.35  ? 301 MES A C8  1 
HETATM 1218 S S   A MES B 2 .   ? -0.754  9.511   -9.086  0.20 50.98  ? 301 MES A S   1 
HETATM 1219 S S   B MES B 2 .   ? -4.004  7.968   -8.344  0.30 61.67  ? 301 MES A S   1 
HETATM 1220 O O1S A MES B 2 .   ? 0.645   9.323   -8.643  0.20 47.76  ? 301 MES A O1S 1 
HETATM 1221 O O1S B MES B 2 .   ? -4.178  6.778   -7.465  0.30 53.35  ? 301 MES A O1S 1 
HETATM 1222 O O2S A MES B 2 .   ? -1.670  9.638   -7.927  0.20 47.14  ? 301 MES A O2S 1 
HETATM 1223 O O2S B MES B 2 .   ? -4.606  7.726   -9.685  0.30 60.58  ? 301 MES A O2S 1 
HETATM 1224 O O3S A MES B 2 .   ? -0.794  10.748  -9.895  0.20 47.34  ? 301 MES A O3S 1 
HETATM 1225 O O3S B MES B 2 .   ? -4.643  9.139   -7.710  0.30 57.84  ? 301 MES A O3S 1 
HETATM 1226 N N1  . IMD C 3 .   ? 11.542  11.789  -0.759  1.00 59.19  ? 302 IMD A N1  1 
HETATM 1227 C C2  . IMD C 3 .   ? 11.365  12.268  0.513   1.00 72.00  ? 302 IMD A C2  1 
HETATM 1228 N N3  . IMD C 3 .   ? 10.521  13.351  0.492   1.00 69.85  ? 302 IMD A N3  1 
HETATM 1229 C C4  . IMD C 3 .   ? 10.159  13.545  -0.805  1.00 66.07  ? 302 IMD A C4  1 
HETATM 1230 C C5  . IMD C 3 .   ? 10.791  12.567  -1.591  1.00 62.31  ? 302 IMD A C5  1 
HETATM 1231 O O   . HOH D 4 .   ? -24.244 -12.210 7.596   1.00 57.04  ? 401 HOH A O   1 
HETATM 1232 O O   . HOH D 4 .   ? -18.128 0.107   -2.668  1.00 57.46  ? 402 HOH A O   1 
HETATM 1233 O O   . HOH D 4 .   ? 15.505  3.477   -14.531 1.00 56.39  ? 403 HOH A O   1 
HETATM 1234 O O   . HOH D 4 .   ? 1.494   -1.250  4.397   1.00 30.39  ? 404 HOH A O   1 
HETATM 1235 O O   . HOH D 4 .   ? -10.200 1.368   -12.836 1.00 59.63  ? 405 HOH A O   1 
HETATM 1236 O O   . HOH D 4 .   ? 0.766   1.441   5.496   1.00 46.97  ? 406 HOH A O   1 
HETATM 1237 O O   . HOH D 4 .   ? 22.792  5.699   -13.893 1.00 53.60  ? 407 HOH A O   1 
HETATM 1238 O O   . HOH D 4 .   ? 9.326   -9.596  3.243   1.00 54.34  ? 408 HOH A O   1 
HETATM 1239 O O   . HOH D 4 .   ? 4.523   5.265   11.262  1.00 46.67  ? 409 HOH A O   1 
HETATM 1240 O O   . HOH D 4 .   ? -23.512 -11.522 10.507  1.00 54.15  ? 410 HOH A O   1 
HETATM 1241 O O   . HOH D 4 .   ? 0.908   -12.414 -2.382  1.00 58.65  ? 411 HOH A O   1 
HETATM 1242 O O   . HOH D 4 .   ? 8.399   -11.922 2.255   1.00 65.05  ? 412 HOH A O   1 
HETATM 1243 O O   . HOH D 4 .   ? 2.313   -13.950 0.229   1.00 66.20  ? 413 HOH A O   1 
HETATM 1244 O O   . HOH D 4 .   ? 1.163   -14.081 -5.063  1.00 54.33  ? 414 HOH A O   1 
HETATM 1245 O O   . HOH D 4 .   ? 3.977   -13.327 2.719   1.00 64.16  ? 415 HOH A O   1 
HETATM 1246 O O   . HOH D 4 .   ? -0.568  -15.219 1.878   1.00 65.49  ? 416 HOH A O   1 
HETATM 1247 O O   . HOH D 4 .   ? -14.389 6.142   5.724   1.00 54.95  ? 417 HOH A O   1 
HETATM 1248 O O   . HOH D 4 .   ? -13.478 4.977   7.837   1.00 43.93  ? 418 HOH A O   1 
# 
